data_1RPF
# 
_entry.id   1RPF 
# 
_audit_conform.dict_name       mmcif_pdbx.dic 
_audit_conform.dict_version    5.397 
_audit_conform.dict_location   http://mmcif.pdb.org/dictionaries/ascii/mmcif_pdbx.dic 
# 
loop_
_database_2.database_id 
_database_2.database_code 
_database_2.pdbx_database_accession 
_database_2.pdbx_DOI 
PDB   1RPF         pdb_00001rpf 10.2210/pdb1rpf/pdb 
WWPDB D_1000176176 ?            ?                   
# 
loop_
_pdbx_audit_revision_history.ordinal 
_pdbx_audit_revision_history.data_content_type 
_pdbx_audit_revision_history.major_revision 
_pdbx_audit_revision_history.minor_revision 
_pdbx_audit_revision_history.revision_date 
1 'Structure model' 1 0 1994-12-20 
2 'Structure model' 1 1 2008-03-24 
3 'Structure model' 1 2 2011-07-13 
4 'Structure model' 1 3 2024-06-05 
5 'Structure model' 1 4 2024-10-30 
# 
_pdbx_audit_revision_details.ordinal             1 
_pdbx_audit_revision_details.revision_ordinal    1 
_pdbx_audit_revision_details.data_content_type   'Structure model' 
_pdbx_audit_revision_details.provider            repository 
_pdbx_audit_revision_details.type                'Initial release' 
_pdbx_audit_revision_details.description         ? 
_pdbx_audit_revision_details.details             ? 
# 
loop_
_pdbx_audit_revision_group.ordinal 
_pdbx_audit_revision_group.revision_ordinal 
_pdbx_audit_revision_group.data_content_type 
_pdbx_audit_revision_group.group 
1 2 'Structure model' 'Version format compliance' 
2 3 'Structure model' 'Version format compliance' 
3 4 'Structure model' 'Data collection'           
4 4 'Structure model' 'Database references'       
5 4 'Structure model' 'Derived calculations'      
6 4 'Structure model' Other                       
7 5 'Structure model' 'Structure summary'         
# 
loop_
_pdbx_audit_revision_category.ordinal 
_pdbx_audit_revision_category.revision_ordinal 
_pdbx_audit_revision_category.data_content_type 
_pdbx_audit_revision_category.category 
1 4 'Structure model' chem_comp_atom            
2 4 'Structure model' chem_comp_bond            
3 4 'Structure model' database_2                
4 4 'Structure model' pdbx_database_status      
5 4 'Structure model' struct_site               
6 5 'Structure model' pdbx_entry_details        
7 5 'Structure model' pdbx_modification_feature 
# 
loop_
_pdbx_audit_revision_item.ordinal 
_pdbx_audit_revision_item.revision_ordinal 
_pdbx_audit_revision_item.data_content_type 
_pdbx_audit_revision_item.item 
1 4 'Structure model' '_database_2.pdbx_DOI'                
2 4 'Structure model' '_database_2.pdbx_database_accession' 
3 4 'Structure model' '_pdbx_database_status.process_site'  
4 4 'Structure model' '_struct_site.pdbx_auth_asym_id'      
5 4 'Structure model' '_struct_site.pdbx_auth_comp_id'      
6 4 'Structure model' '_struct_site.pdbx_auth_seq_id'       
# 
_pdbx_database_status.status_code                     REL 
_pdbx_database_status.entry_id                        1RPF 
_pdbx_database_status.recvd_initial_deposition_date   1994-08-29 
_pdbx_database_status.deposit_site                    ? 
_pdbx_database_status.process_site                    BNL 
_pdbx_database_status.SG_entry                        . 
_pdbx_database_status.pdb_format_compatible           Y 
_pdbx_database_status.status_code_mr                  ? 
_pdbx_database_status.status_code_sf                  ? 
_pdbx_database_status.status_code_cs                  ? 
_pdbx_database_status.status_code_nmr_data            ? 
_pdbx_database_status.methods_development_category    ? 
# 
loop_
_audit_author.name 
_audit_author.pdbx_ordinal 
'Zegers, I.' 1 
'Wyns, L.'   2 
'Palmer, R.' 3 
# 
_citation.id                        primary 
_citation.title                     
;The structures of RNase A complexed with 3'-CMP and d(CpA): active site conformation and conserved water molecules.
;
_citation.journal_abbrev            'Protein Sci.' 
_citation.journal_volume            3 
_citation.page_first                2322 
_citation.page_last                 2339 
_citation.year                      1994 
_citation.journal_id_ASTM           PRCIEI 
_citation.country                   US 
_citation.journal_id_ISSN           0961-8368 
_citation.journal_id_CSD            0795 
_citation.book_publisher            ? 
_citation.pdbx_database_id_PubMed   7756988 
_citation.pdbx_database_id_DOI      ? 
# 
loop_
_citation_author.citation_id 
_citation_author.name 
_citation_author.ordinal 
_citation_author.identifier_ORCID 
primary 'Zegers, I.'    1 ? 
primary 'Maes, D.'      2 ? 
primary 'Dao-Thi, M.H.' 3 ? 
primary 'Poortmans, F.' 4 ? 
primary 'Palmer, R.'    5 ? 
primary 'Wyns, L.'      6 ? 
# 
loop_
_entity.id 
_entity.type 
_entity.src_method 
_entity.pdbx_description 
_entity.formula_weight 
_entity.pdbx_number_of_molecules 
_entity.pdbx_ec 
_entity.pdbx_mutation 
_entity.pdbx_fragment 
_entity.details 
1 polymer     man 'RIBONUCLEASE A'            13708.326 1   3.1.27.5 ? ? ? 
2 non-polymer syn "CYTIDINE-3'-MONOPHOSPHATE" 323.197   1   ?        ? ? ? 
3 water       nat water                       18.015    115 ?        ? ? ? 
# 
_entity_poly.entity_id                      1 
_entity_poly.type                           'polypeptide(L)' 
_entity_poly.nstd_linkage                   no 
_entity_poly.nstd_monomer                   no 
_entity_poly.pdbx_seq_one_letter_code       
;KETAAAKFERQHMDSSTSAASSSNYCNQMMKSRNLTKDRCKPVNTFVHESLADVQAVCSQKNVACKNGQTNCYQSYSTMS
ITDCRETGSSKYPNCAYKTTQANKHIIVACEGNPYVPVHFDASV
;
_entity_poly.pdbx_seq_one_letter_code_can   
;KETAAAKFERQHMDSSTSAASSSNYCNQMMKSRNLTKDRCKPVNTFVHESLADVQAVCSQKNVACKNGQTNCYQSYSTMS
ITDCRETGSSKYPNCAYKTTQANKHIIVACEGNPYVPVHFDASV
;
_entity_poly.pdbx_strand_id                 A 
_entity_poly.pdbx_target_identifier         ? 
# 
loop_
_pdbx_entity_nonpoly.entity_id 
_pdbx_entity_nonpoly.name 
_pdbx_entity_nonpoly.comp_id 
2 "CYTIDINE-3'-MONOPHOSPHATE" C3P 
3 water                       HOH 
# 
loop_
_entity_poly_seq.entity_id 
_entity_poly_seq.num 
_entity_poly_seq.mon_id 
_entity_poly_seq.hetero 
1 1   LYS n 
1 2   GLU n 
1 3   THR n 
1 4   ALA n 
1 5   ALA n 
1 6   ALA n 
1 7   LYS n 
1 8   PHE n 
1 9   GLU n 
1 10  ARG n 
1 11  GLN n 
1 12  HIS n 
1 13  MET n 
1 14  ASP n 
1 15  SER n 
1 16  SER n 
1 17  THR n 
1 18  SER n 
1 19  ALA n 
1 20  ALA n 
1 21  SER n 
1 22  SER n 
1 23  SER n 
1 24  ASN n 
1 25  TYR n 
1 26  CYS n 
1 27  ASN n 
1 28  GLN n 
1 29  MET n 
1 30  MET n 
1 31  LYS n 
1 32  SER n 
1 33  ARG n 
1 34  ASN n 
1 35  LEU n 
1 36  THR n 
1 37  LYS n 
1 38  ASP n 
1 39  ARG n 
1 40  CYS n 
1 41  LYS n 
1 42  PRO n 
1 43  VAL n 
1 44  ASN n 
1 45  THR n 
1 46  PHE n 
1 47  VAL n 
1 48  HIS n 
1 49  GLU n 
1 50  SER n 
1 51  LEU n 
1 52  ALA n 
1 53  ASP n 
1 54  VAL n 
1 55  GLN n 
1 56  ALA n 
1 57  VAL n 
1 58  CYS n 
1 59  SER n 
1 60  GLN n 
1 61  LYS n 
1 62  ASN n 
1 63  VAL n 
1 64  ALA n 
1 65  CYS n 
1 66  LYS n 
1 67  ASN n 
1 68  GLY n 
1 69  GLN n 
1 70  THR n 
1 71  ASN n 
1 72  CYS n 
1 73  TYR n 
1 74  GLN n 
1 75  SER n 
1 76  TYR n 
1 77  SER n 
1 78  THR n 
1 79  MET n 
1 80  SER n 
1 81  ILE n 
1 82  THR n 
1 83  ASP n 
1 84  CYS n 
1 85  ARG n 
1 86  GLU n 
1 87  THR n 
1 88  GLY n 
1 89  SER n 
1 90  SER n 
1 91  LYS n 
1 92  TYR n 
1 93  PRO n 
1 94  ASN n 
1 95  CYS n 
1 96  ALA n 
1 97  TYR n 
1 98  LYS n 
1 99  THR n 
1 100 THR n 
1 101 GLN n 
1 102 ALA n 
1 103 ASN n 
1 104 LYS n 
1 105 HIS n 
1 106 ILE n 
1 107 ILE n 
1 108 VAL n 
1 109 ALA n 
1 110 CYS n 
1 111 GLU n 
1 112 GLY n 
1 113 ASN n 
1 114 PRO n 
1 115 TYR n 
1 116 VAL n 
1 117 PRO n 
1 118 VAL n 
1 119 HIS n 
1 120 PHE n 
1 121 ASP n 
1 122 ALA n 
1 123 SER n 
1 124 VAL n 
# 
_entity_src_gen.entity_id                          1 
_entity_src_gen.pdbx_src_id                        1 
_entity_src_gen.pdbx_alt_source_flag               sample 
_entity_src_gen.pdbx_seq_type                      ? 
_entity_src_gen.pdbx_beg_seq_num                   ? 
_entity_src_gen.pdbx_end_seq_num                   ? 
_entity_src_gen.gene_src_common_name               cattle 
_entity_src_gen.gene_src_genus                     Bos 
_entity_src_gen.pdbx_gene_src_gene                 ? 
_entity_src_gen.gene_src_species                   ? 
_entity_src_gen.gene_src_strain                    ? 
_entity_src_gen.gene_src_tissue                    ? 
_entity_src_gen.gene_src_tissue_fraction           ? 
_entity_src_gen.gene_src_details                   ? 
_entity_src_gen.pdbx_gene_src_fragment             ? 
_entity_src_gen.pdbx_gene_src_scientific_name      'Bos taurus' 
_entity_src_gen.pdbx_gene_src_ncbi_taxonomy_id     9913 
_entity_src_gen.pdbx_gene_src_variant              ? 
_entity_src_gen.pdbx_gene_src_cell_line            S2 
_entity_src_gen.pdbx_gene_src_atcc                 ? 
_entity_src_gen.pdbx_gene_src_organ                PANCREAS 
_entity_src_gen.pdbx_gene_src_organelle            ? 
_entity_src_gen.pdbx_gene_src_cell                 ? 
_entity_src_gen.pdbx_gene_src_cellular_location    ? 
_entity_src_gen.host_org_common_name               ? 
_entity_src_gen.pdbx_host_org_scientific_name      ? 
_entity_src_gen.pdbx_host_org_ncbi_taxonomy_id     ? 
_entity_src_gen.host_org_genus                     ? 
_entity_src_gen.pdbx_host_org_gene                 ? 
_entity_src_gen.pdbx_host_org_organ                ? 
_entity_src_gen.host_org_species                   ? 
_entity_src_gen.pdbx_host_org_tissue               ? 
_entity_src_gen.pdbx_host_org_tissue_fraction      ? 
_entity_src_gen.pdbx_host_org_strain               ? 
_entity_src_gen.pdbx_host_org_variant              ? 
_entity_src_gen.pdbx_host_org_cell_line            ? 
_entity_src_gen.pdbx_host_org_atcc                 ? 
_entity_src_gen.pdbx_host_org_culture_collection   ? 
_entity_src_gen.pdbx_host_org_cell                 ? 
_entity_src_gen.pdbx_host_org_organelle            ? 
_entity_src_gen.pdbx_host_org_cellular_location    ? 
_entity_src_gen.pdbx_host_org_vector_type          ? 
_entity_src_gen.pdbx_host_org_vector               ? 
_entity_src_gen.host_org_details                   ? 
_entity_src_gen.expression_system_id               ? 
_entity_src_gen.plasmid_name                       ? 
_entity_src_gen.plasmid_details                    ? 
_entity_src_gen.pdbx_description                   ? 
# 
loop_
_chem_comp.id 
_chem_comp.type 
_chem_comp.mon_nstd_flag 
_chem_comp.name 
_chem_comp.pdbx_synonyms 
_chem_comp.formula 
_chem_comp.formula_weight 
ALA 'L-peptide linking' y ALANINE                     ? 'C3 H7 N O2'     89.093  
ARG 'L-peptide linking' y ARGININE                    ? 'C6 H15 N4 O2 1' 175.209 
ASN 'L-peptide linking' y ASPARAGINE                  ? 'C4 H8 N2 O3'    132.118 
ASP 'L-peptide linking' y 'ASPARTIC ACID'             ? 'C4 H7 N O4'     133.103 
C3P non-polymer         . "CYTIDINE-3'-MONOPHOSPHATE" ? 'C9 H14 N3 O8 P' 323.197 
CYS 'L-peptide linking' y CYSTEINE                    ? 'C3 H7 N O2 S'   121.158 
GLN 'L-peptide linking' y GLUTAMINE                   ? 'C5 H10 N2 O3'   146.144 
GLU 'L-peptide linking' y 'GLUTAMIC ACID'             ? 'C5 H9 N O4'     147.129 
GLY 'peptide linking'   y GLYCINE                     ? 'C2 H5 N O2'     75.067  
HIS 'L-peptide linking' y HISTIDINE                   ? 'C6 H10 N3 O2 1' 156.162 
HOH non-polymer         . WATER                       ? 'H2 O'           18.015  
ILE 'L-peptide linking' y ISOLEUCINE                  ? 'C6 H13 N O2'    131.173 
LEU 'L-peptide linking' y LEUCINE                     ? 'C6 H13 N O2'    131.173 
LYS 'L-peptide linking' y LYSINE                      ? 'C6 H15 N2 O2 1' 147.195 
MET 'L-peptide linking' y METHIONINE                  ? 'C5 H11 N O2 S'  149.211 
PHE 'L-peptide linking' y PHENYLALANINE               ? 'C9 H11 N O2'    165.189 
PRO 'L-peptide linking' y PROLINE                     ? 'C5 H9 N O2'     115.130 
SER 'L-peptide linking' y SERINE                      ? 'C3 H7 N O3'     105.093 
THR 'L-peptide linking' y THREONINE                   ? 'C4 H9 N O3'     119.119 
TYR 'L-peptide linking' y TYROSINE                    ? 'C9 H11 N O3'    181.189 
VAL 'L-peptide linking' y VALINE                      ? 'C5 H11 N O2'    117.146 
# 
loop_
_pdbx_poly_seq_scheme.asym_id 
_pdbx_poly_seq_scheme.entity_id 
_pdbx_poly_seq_scheme.seq_id 
_pdbx_poly_seq_scheme.mon_id 
_pdbx_poly_seq_scheme.ndb_seq_num 
_pdbx_poly_seq_scheme.pdb_seq_num 
_pdbx_poly_seq_scheme.auth_seq_num 
_pdbx_poly_seq_scheme.pdb_mon_id 
_pdbx_poly_seq_scheme.auth_mon_id 
_pdbx_poly_seq_scheme.pdb_strand_id 
_pdbx_poly_seq_scheme.pdb_ins_code 
_pdbx_poly_seq_scheme.hetero 
A 1 1   LYS 1   1   1   LYS LYS A . n 
A 1 2   GLU 2   2   2   GLU GLU A . n 
A 1 3   THR 3   3   3   THR THR A . n 
A 1 4   ALA 4   4   4   ALA ALA A . n 
A 1 5   ALA 5   5   5   ALA ALA A . n 
A 1 6   ALA 6   6   6   ALA ALA A . n 
A 1 7   LYS 7   7   7   LYS LYS A . n 
A 1 8   PHE 8   8   8   PHE PHE A . n 
A 1 9   GLU 9   9   9   GLU GLU A . n 
A 1 10  ARG 10  10  10  ARG ARG A . n 
A 1 11  GLN 11  11  11  GLN GLN A . n 
A 1 12  HIS 12  12  12  HIS HIS A . n 
A 1 13  MET 13  13  13  MET MET A . n 
A 1 14  ASP 14  14  14  ASP ASP A . n 
A 1 15  SER 15  15  15  SER SER A . n 
A 1 16  SER 16  16  16  SER SER A . n 
A 1 17  THR 17  17  17  THR THR A . n 
A 1 18  SER 18  18  18  SER SER A . n 
A 1 19  ALA 19  19  19  ALA ALA A . n 
A 1 20  ALA 20  20  20  ALA ALA A . n 
A 1 21  SER 21  21  21  SER SER A . n 
A 1 22  SER 22  22  22  SER SER A . n 
A 1 23  SER 23  23  23  SER SER A . n 
A 1 24  ASN 24  24  24  ASN ASN A . n 
A 1 25  TYR 25  25  25  TYR TYR A . n 
A 1 26  CYS 26  26  26  CYS CYS A . n 
A 1 27  ASN 27  27  27  ASN ASN A . n 
A 1 28  GLN 28  28  28  GLN GLN A . n 
A 1 29  MET 29  29  29  MET MET A . n 
A 1 30  MET 30  30  30  MET MET A . n 
A 1 31  LYS 31  31  31  LYS LYS A . n 
A 1 32  SER 32  32  32  SER SER A . n 
A 1 33  ARG 33  33  33  ARG ARG A . n 
A 1 34  ASN 34  34  34  ASN ASN A . n 
A 1 35  LEU 35  35  35  LEU LEU A . n 
A 1 36  THR 36  36  36  THR THR A . n 
A 1 37  LYS 37  37  37  LYS LYS A . n 
A 1 38  ASP 38  38  38  ASP ASP A . n 
A 1 39  ARG 39  39  39  ARG ARG A . n 
A 1 40  CYS 40  40  40  CYS CYS A . n 
A 1 41  LYS 41  41  41  LYS LYS A . n 
A 1 42  PRO 42  42  42  PRO PRO A . n 
A 1 43  VAL 43  43  43  VAL VAL A . n 
A 1 44  ASN 44  44  44  ASN ASN A . n 
A 1 45  THR 45  45  45  THR THR A . n 
A 1 46  PHE 46  46  46  PHE PHE A . n 
A 1 47  VAL 47  47  47  VAL VAL A . n 
A 1 48  HIS 48  48  48  HIS HIS A . n 
A 1 49  GLU 49  49  49  GLU GLU A . n 
A 1 50  SER 50  50  50  SER SER A . n 
A 1 51  LEU 51  51  51  LEU LEU A . n 
A 1 52  ALA 52  52  52  ALA ALA A . n 
A 1 53  ASP 53  53  53  ASP ASP A . n 
A 1 54  VAL 54  54  54  VAL VAL A . n 
A 1 55  GLN 55  55  55  GLN GLN A . n 
A 1 56  ALA 56  56  56  ALA ALA A . n 
A 1 57  VAL 57  57  57  VAL VAL A . n 
A 1 58  CYS 58  58  58  CYS CYS A . n 
A 1 59  SER 59  59  59  SER SER A . n 
A 1 60  GLN 60  60  60  GLN GLN A . n 
A 1 61  LYS 61  61  61  LYS LYS A . n 
A 1 62  ASN 62  62  62  ASN ASN A . n 
A 1 63  VAL 63  63  63  VAL VAL A . n 
A 1 64  ALA 64  64  64  ALA ALA A . n 
A 1 65  CYS 65  65  65  CYS CYS A . n 
A 1 66  LYS 66  66  66  LYS LYS A . n 
A 1 67  ASN 67  67  67  ASN ASN A . n 
A 1 68  GLY 68  68  68  GLY GLY A . n 
A 1 69  GLN 69  69  69  GLN GLN A . n 
A 1 70  THR 70  70  70  THR THR A . n 
A 1 71  ASN 71  71  71  ASN ASN A . n 
A 1 72  CYS 72  72  72  CYS CYS A . n 
A 1 73  TYR 73  73  73  TYR TYR A . n 
A 1 74  GLN 74  74  74  GLN GLN A . n 
A 1 75  SER 75  75  75  SER SER A . n 
A 1 76  TYR 76  76  76  TYR TYR A . n 
A 1 77  SER 77  77  77  SER SER A . n 
A 1 78  THR 78  78  78  THR THR A . n 
A 1 79  MET 79  79  79  MET MET A . n 
A 1 80  SER 80  80  80  SER SER A . n 
A 1 81  ILE 81  81  81  ILE ILE A . n 
A 1 82  THR 82  82  82  THR THR A . n 
A 1 83  ASP 83  83  83  ASP ASP A . n 
A 1 84  CYS 84  84  84  CYS CYS A . n 
A 1 85  ARG 85  85  85  ARG ARG A . n 
A 1 86  GLU 86  86  86  GLU GLU A . n 
A 1 87  THR 87  87  87  THR THR A . n 
A 1 88  GLY 88  88  88  GLY GLY A . n 
A 1 89  SER 89  89  89  SER SER A . n 
A 1 90  SER 90  90  90  SER SER A . n 
A 1 91  LYS 91  91  91  LYS LYS A . n 
A 1 92  TYR 92  92  92  TYR TYR A . n 
A 1 93  PRO 93  93  93  PRO PRO A . n 
A 1 94  ASN 94  94  94  ASN ASN A . n 
A 1 95  CYS 95  95  95  CYS CYS A . n 
A 1 96  ALA 96  96  96  ALA ALA A . n 
A 1 97  TYR 97  97  97  TYR TYR A . n 
A 1 98  LYS 98  98  98  LYS LYS A . n 
A 1 99  THR 99  99  99  THR THR A . n 
A 1 100 THR 100 100 100 THR THR A . n 
A 1 101 GLN 101 101 101 GLN GLN A . n 
A 1 102 ALA 102 102 102 ALA ALA A . n 
A 1 103 ASN 103 103 103 ASN ASN A . n 
A 1 104 LYS 104 104 104 LYS LYS A . n 
A 1 105 HIS 105 105 105 HIS HIS A . n 
A 1 106 ILE 106 106 106 ILE ILE A . n 
A 1 107 ILE 107 107 107 ILE ILE A . n 
A 1 108 VAL 108 108 108 VAL VAL A . n 
A 1 109 ALA 109 109 109 ALA ALA A . n 
A 1 110 CYS 110 110 110 CYS CYS A . n 
A 1 111 GLU 111 111 111 GLU GLU A . n 
A 1 112 GLY 112 112 112 GLY GLY A . n 
A 1 113 ASN 113 113 113 ASN ASN A . n 
A 1 114 PRO 114 114 114 PRO PRO A . n 
A 1 115 TYR 115 115 115 TYR TYR A . n 
A 1 116 VAL 116 116 116 VAL VAL A . n 
A 1 117 PRO 117 117 117 PRO PRO A . n 
A 1 118 VAL 118 118 118 VAL VAL A . n 
A 1 119 HIS 119 119 119 HIS HIS A . n 
A 1 120 PHE 120 120 120 PHE PHE A . n 
A 1 121 ASP 121 121 121 ASP ASP A . n 
A 1 122 ALA 122 122 122 ALA ALA A . n 
A 1 123 SER 123 123 123 SER SER A . n 
A 1 124 VAL 124 124 124 VAL VAL A . n 
# 
loop_
_pdbx_nonpoly_scheme.asym_id 
_pdbx_nonpoly_scheme.entity_id 
_pdbx_nonpoly_scheme.mon_id 
_pdbx_nonpoly_scheme.ndb_seq_num 
_pdbx_nonpoly_scheme.pdb_seq_num 
_pdbx_nonpoly_scheme.auth_seq_num 
_pdbx_nonpoly_scheme.pdb_mon_id 
_pdbx_nonpoly_scheme.auth_mon_id 
_pdbx_nonpoly_scheme.pdb_strand_id 
_pdbx_nonpoly_scheme.pdb_ins_code 
B 2 C3P 1   125 125 C3P C3P A . 
C 3 HOH 1   126 126 HOH HOH A . 
C 3 HOH 2   127 127 HOH HOH A . 
C 3 HOH 3   128 128 HOH HOH A . 
C 3 HOH 4   129 129 HOH HOH A . 
C 3 HOH 5   130 130 HOH HOH A . 
C 3 HOH 6   131 131 HOH HOH A . 
C 3 HOH 7   132 132 HOH HOH A . 
C 3 HOH 8   133 133 HOH HOH A . 
C 3 HOH 9   134 134 HOH HOH A . 
C 3 HOH 10  135 135 HOH HOH A . 
C 3 HOH 11  136 136 HOH HOH A . 
C 3 HOH 12  137 137 HOH HOH A . 
C 3 HOH 13  138 138 HOH HOH A . 
C 3 HOH 14  139 139 HOH HOH A . 
C 3 HOH 15  140 140 HOH HOH A . 
C 3 HOH 16  141 141 HOH HOH A . 
C 3 HOH 17  142 142 HOH HOH A . 
C 3 HOH 18  143 143 HOH HOH A . 
C 3 HOH 19  144 144 HOH HOH A . 
C 3 HOH 20  145 145 HOH HOH A . 
C 3 HOH 21  146 146 HOH HOH A . 
C 3 HOH 22  147 147 HOH HOH A . 
C 3 HOH 23  148 148 HOH HOH A . 
C 3 HOH 24  149 149 HOH HOH A . 
C 3 HOH 25  150 150 HOH HOH A . 
C 3 HOH 26  151 151 HOH HOH A . 
C 3 HOH 27  152 152 HOH HOH A . 
C 3 HOH 28  153 153 HOH HOH A . 
C 3 HOH 29  154 154 HOH HOH A . 
C 3 HOH 30  155 155 HOH HOH A . 
C 3 HOH 31  156 156 HOH HOH A . 
C 3 HOH 32  157 157 HOH HOH A . 
C 3 HOH 33  158 158 HOH HOH A . 
C 3 HOH 34  159 159 HOH HOH A . 
C 3 HOH 35  160 160 HOH HOH A . 
C 3 HOH 36  161 161 HOH HOH A . 
C 3 HOH 37  162 162 HOH HOH A . 
C 3 HOH 38  163 163 HOH HOH A . 
C 3 HOH 39  164 164 HOH HOH A . 
C 3 HOH 40  165 165 HOH HOH A . 
C 3 HOH 41  166 166 HOH HOH A . 
C 3 HOH 42  167 167 HOH HOH A . 
C 3 HOH 43  168 168 HOH HOH A . 
C 3 HOH 44  170 170 HOH HOH A . 
C 3 HOH 45  171 171 HOH HOH A . 
C 3 HOH 46  172 172 HOH HOH A . 
C 3 HOH 47  173 173 HOH HOH A . 
C 3 HOH 48  174 174 HOH HOH A . 
C 3 HOH 49  175 175 HOH HOH A . 
C 3 HOH 50  176 176 HOH HOH A . 
C 3 HOH 51  177 177 HOH HOH A . 
C 3 HOH 52  178 178 HOH HOH A . 
C 3 HOH 53  179 179 HOH HOH A . 
C 3 HOH 54  180 180 HOH HOH A . 
C 3 HOH 55  181 181 HOH HOH A . 
C 3 HOH 56  182 182 HOH HOH A . 
C 3 HOH 57  183 183 HOH HOH A . 
C 3 HOH 58  184 184 HOH HOH A . 
C 3 HOH 59  185 185 HOH HOH A . 
C 3 HOH 60  186 186 HOH HOH A . 
C 3 HOH 61  187 187 HOH HOH A . 
C 3 HOH 62  188 188 HOH HOH A . 
C 3 HOH 63  189 189 HOH HOH A . 
C 3 HOH 64  190 190 HOH HOH A . 
C 3 HOH 65  191 191 HOH HOH A . 
C 3 HOH 66  192 192 HOH HOH A . 
C 3 HOH 67  193 193 HOH HOH A . 
C 3 HOH 68  194 194 HOH HOH A . 
C 3 HOH 69  195 195 HOH HOH A . 
C 3 HOH 70  196 196 HOH HOH A . 
C 3 HOH 71  197 197 HOH HOH A . 
C 3 HOH 72  198 198 HOH HOH A . 
C 3 HOH 73  199 199 HOH HOH A . 
C 3 HOH 74  200 200 HOH HOH A . 
C 3 HOH 75  201 201 HOH HOH A . 
C 3 HOH 76  202 202 HOH HOH A . 
C 3 HOH 77  203 203 HOH HOH A . 
C 3 HOH 78  204 204 HOH HOH A . 
C 3 HOH 79  205 205 HOH HOH A . 
C 3 HOH 80  206 206 HOH HOH A . 
C 3 HOH 81  207 207 HOH HOH A . 
C 3 HOH 82  208 208 HOH HOH A . 
C 3 HOH 83  209 209 HOH HOH A . 
C 3 HOH 84  210 210 HOH HOH A . 
C 3 HOH 85  211 211 HOH HOH A . 
C 3 HOH 86  212 212 HOH HOH A . 
C 3 HOH 87  213 213 HOH HOH A . 
C 3 HOH 88  214 214 HOH HOH A . 
C 3 HOH 89  215 215 HOH HOH A . 
C 3 HOH 90  216 216 HOH HOH A . 
C 3 HOH 91  217 217 HOH HOH A . 
C 3 HOH 92  218 218 HOH HOH A . 
C 3 HOH 93  219 219 HOH HOH A . 
C 3 HOH 94  220 220 HOH HOH A . 
C 3 HOH 95  221 221 HOH HOH A . 
C 3 HOH 96  222 222 HOH HOH A . 
C 3 HOH 97  223 223 HOH HOH A . 
C 3 HOH 98  224 224 HOH HOH A . 
C 3 HOH 99  225 225 HOH HOH A . 
C 3 HOH 100 226 226 HOH HOH A . 
C 3 HOH 101 227 227 HOH HOH A . 
C 3 HOH 102 228 228 HOH HOH A . 
C 3 HOH 103 229 229 HOH HOH A . 
C 3 HOH 104 230 230 HOH HOH A . 
C 3 HOH 105 231 231 HOH HOH A . 
C 3 HOH 106 232 232 HOH HOH A . 
C 3 HOH 107 233 233 HOH HOH A . 
C 3 HOH 108 234 234 HOH HOH A . 
C 3 HOH 109 235 235 HOH HOH A . 
C 3 HOH 110 236 236 HOH HOH A . 
C 3 HOH 111 237 237 HOH HOH A . 
C 3 HOH 112 238 238 HOH HOH A . 
C 3 HOH 113 239 239 HOH HOH A . 
C 3 HOH 114 240 240 HOH HOH A . 
C 3 HOH 115 241 241 HOH HOH A . 
# 
loop_
_pdbx_unobs_or_zero_occ_atoms.id 
_pdbx_unobs_or_zero_occ_atoms.PDB_model_num 
_pdbx_unobs_or_zero_occ_atoms.polymer_flag 
_pdbx_unobs_or_zero_occ_atoms.occupancy_flag 
_pdbx_unobs_or_zero_occ_atoms.auth_asym_id 
_pdbx_unobs_or_zero_occ_atoms.auth_comp_id 
_pdbx_unobs_or_zero_occ_atoms.auth_seq_id 
_pdbx_unobs_or_zero_occ_atoms.PDB_ins_code 
_pdbx_unobs_or_zero_occ_atoms.auth_atom_id 
_pdbx_unobs_or_zero_occ_atoms.label_alt_id 
_pdbx_unobs_or_zero_occ_atoms.label_asym_id 
_pdbx_unobs_or_zero_occ_atoms.label_comp_id 
_pdbx_unobs_or_zero_occ_atoms.label_seq_id 
_pdbx_unobs_or_zero_occ_atoms.label_atom_id 
1 1 Y 1 A ASP 38 ? CG  ? A ASP 38 CG  
2 1 Y 1 A ASP 38 ? OD1 ? A ASP 38 OD1 
3 1 Y 1 A ASP 38 ? OD2 ? A ASP 38 OD2 
# 
_software.name             RESTRAIN 
_software.classification   refinement 
_software.version          . 
_software.citation_id      ? 
_software.pdbx_ordinal     1 
# 
_cell.entry_id           1RPF 
_cell.length_a           65.250 
_cell.length_b           65.250 
_cell.length_c           65.520 
_cell.angle_alpha        90.00 
_cell.angle_beta         90.00 
_cell.angle_gamma        120.00 
_cell.Z_PDB              6 
_cell.pdbx_unique_axis   ? 
# 
_symmetry.entry_id                         1RPF 
_symmetry.space_group_name_H-M             'P 32 2 1' 
_symmetry.pdbx_full_space_group_name_H-M   ? 
_symmetry.cell_setting                     ? 
_symmetry.Int_Tables_number                154 
# 
_exptl.entry_id          1RPF 
_exptl.method            'X-RAY DIFFRACTION' 
_exptl.crystals_number   ? 
# 
_exptl_crystal.id                    1 
_exptl_crystal.density_meas          ? 
_exptl_crystal.density_Matthews      2.94 
_exptl_crystal.density_percent_sol   58.11 
_exptl_crystal.description           ? 
# 
_diffrn.id                     1 
_diffrn.ambient_temp           ? 
_diffrn.ambient_temp_details   ? 
_diffrn.crystal_id             1 
# 
_diffrn_radiation.diffrn_id                        1 
_diffrn_radiation.wavelength_id                    1 
_diffrn_radiation.pdbx_monochromatic_or_laue_m_l   ? 
_diffrn_radiation.monochromator                    ? 
_diffrn_radiation.pdbx_diffrn_protocol             ? 
_diffrn_radiation.pdbx_scattering_type             x-ray 
# 
_diffrn_radiation_wavelength.id           1 
_diffrn_radiation_wavelength.wavelength   . 
_diffrn_radiation_wavelength.wt           1.0 
# 
_refine.entry_id                                 1RPF 
_refine.ls_number_reflns_obs                     8395 
_refine.ls_number_reflns_all                     ? 
_refine.pdbx_ls_sigma_I                          ? 
_refine.pdbx_ls_sigma_F                          1. 
_refine.pdbx_data_cutoff_high_absF               ? 
_refine.pdbx_data_cutoff_low_absF                ? 
_refine.pdbx_data_cutoff_high_rms_absF           ? 
_refine.ls_d_res_low                             10. 
_refine.ls_d_res_high                            2.2 
_refine.ls_percent_reflns_obs                    99.7 
_refine.ls_R_factor_obs                          0.155 
_refine.ls_R_factor_all                          ? 
_refine.ls_R_factor_R_work                       ? 
_refine.ls_R_factor_R_free                       ? 
_refine.ls_R_factor_R_free_error                 ? 
_refine.ls_R_factor_R_free_error_details         ? 
_refine.ls_percent_reflns_R_free                 ? 
_refine.ls_number_reflns_R_free                  ? 
_refine.ls_number_parameters                     ? 
_refine.ls_number_restraints                     ? 
_refine.occupancy_min                            ? 
_refine.occupancy_max                            ? 
_refine.B_iso_mean                               ? 
_refine.aniso_B[1][1]                            ? 
_refine.aniso_B[2][2]                            ? 
_refine.aniso_B[3][3]                            ? 
_refine.aniso_B[1][2]                            ? 
_refine.aniso_B[1][3]                            ? 
_refine.aniso_B[2][3]                            ? 
_refine.solvent_model_details                    ? 
_refine.solvent_model_param_ksol                 ? 
_refine.solvent_model_param_bsol                 ? 
_refine.pdbx_ls_cross_valid_method               ? 
_refine.details                                  ? 
_refine.pdbx_starting_model                      ? 
_refine.pdbx_method_to_determine_struct          ? 
_refine.pdbx_isotropic_thermal_model             ? 
_refine.pdbx_stereochemistry_target_values       ? 
_refine.pdbx_stereochem_target_val_spec_case     ? 
_refine.pdbx_R_Free_selection_details            ? 
_refine.pdbx_overall_ESU_R                       ? 
_refine.pdbx_overall_ESU_R_Free                  ? 
_refine.overall_SU_ML                            ? 
_refine.overall_SU_B                             ? 
_refine.pdbx_refine_id                           'X-RAY DIFFRACTION' 
_refine.pdbx_diffrn_id                           1 
_refine.pdbx_TLS_residual_ADP_flag               ? 
_refine.correlation_coeff_Fo_to_Fc               ? 
_refine.correlation_coeff_Fo_to_Fc_free          ? 
_refine.pdbx_solvent_vdw_probe_radii             ? 
_refine.pdbx_solvent_ion_probe_radii             ? 
_refine.pdbx_solvent_shrinkage_radii             ? 
_refine.pdbx_overall_phase_error                 ? 
_refine.overall_SU_R_Cruickshank_DPI             ? 
_refine.pdbx_overall_SU_R_free_Cruickshank_DPI   ? 
_refine.pdbx_overall_SU_R_Blow_DPI               ? 
_refine.pdbx_overall_SU_R_free_Blow_DPI          ? 
# 
_refine_hist.pdbx_refine_id                   'X-RAY DIFFRACTION' 
_refine_hist.cycle_id                         LAST 
_refine_hist.pdbx_number_atoms_protein        948 
_refine_hist.pdbx_number_atoms_nucleic_acid   0 
_refine_hist.pdbx_number_atoms_ligand         21 
_refine_hist.number_atoms_solvent             115 
_refine_hist.number_atoms_total               1084 
_refine_hist.d_res_high                       2.2 
_refine_hist.d_res_low                        10. 
# 
loop_
_refine_ls_restr.type 
_refine_ls_restr.dev_ideal 
_refine_ls_restr.dev_ideal_target 
_refine_ls_restr.weight 
_refine_ls_restr.number 
_refine_ls_restr.pdbx_refine_id 
_refine_ls_restr.pdbx_restraint_function 
p_bond_d            0.018 0.025 ? ? 'X-RAY DIFFRACTION' ? 
p_angle_d           0.033 0.033 ? ? 'X-RAY DIFFRACTION' ? 
p_angle_deg         ?     ?     ? ? 'X-RAY DIFFRACTION' ? 
p_planar_d          0.024 0.025 ? ? 'X-RAY DIFFRACTION' ? 
p_hb_or_metal_coord ?     ?     ? ? 'X-RAY DIFFRACTION' ? 
p_mcbond_it         ?     ?     ? ? 'X-RAY DIFFRACTION' ? 
p_mcangle_it        ?     ?     ? ? 'X-RAY DIFFRACTION' ? 
p_scbond_it         ?     ?     ? ? 'X-RAY DIFFRACTION' ? 
p_scangle_it        ?     ?     ? ? 'X-RAY DIFFRACTION' ? 
p_plane_restr       0.016 0.015 ? ? 'X-RAY DIFFRACTION' ? 
p_chiral_restr      0.019 0.018 ? ? 'X-RAY DIFFRACTION' ? 
p_singtor_nbd       ?     ?     ? ? 'X-RAY DIFFRACTION' ? 
p_multtor_nbd       ?     ?     ? ? 'X-RAY DIFFRACTION' ? 
p_xhyhbond_nbd      ?     ?     ? ? 'X-RAY DIFFRACTION' ? 
p_xyhbond_nbd       ?     ?     ? ? 'X-RAY DIFFRACTION' ? 
p_planar_tor        ?     ?     ? ? 'X-RAY DIFFRACTION' ? 
p_staggered_tor     ?     ?     ? ? 'X-RAY DIFFRACTION' ? 
p_orthonormal_tor   ?     ?     ? ? 'X-RAY DIFFRACTION' ? 
p_transverse_tor    ?     ?     ? ? 'X-RAY DIFFRACTION' ? 
p_special_tor       ?     ?     ? ? 'X-RAY DIFFRACTION' ? 
# 
_struct.entry_id                  1RPF 
_struct.title                     
;THE STRUCTURES OF RNASE COMPLEXED WITH 3'-CMP AND D(CPA): ACTIVE SITE CONFORMATION AND CONSERVED WATER MOLECULES
;
_struct.pdbx_model_details        ? 
_struct.pdbx_CASP_flag            ? 
_struct.pdbx_model_type_details   ? 
# 
_struct_keywords.entry_id        1RPF 
_struct_keywords.pdbx_keywords   'HYDROLASE(PHOSPHORIC DIESTER)' 
_struct_keywords.text            'HYDROLASE(PHOSPHORIC DIESTER)' 
# 
loop_
_struct_asym.id 
_struct_asym.pdbx_blank_PDB_chainid_flag 
_struct_asym.pdbx_modified 
_struct_asym.entity_id 
_struct_asym.details 
A N N 1 ? 
B N N 2 ? 
C N N 3 ? 
# 
_struct_ref.id                         1 
_struct_ref.db_name                    UNP 
_struct_ref.db_code                    RNAS1_BOVIN 
_struct_ref.entity_id                  1 
_struct_ref.pdbx_db_accession          P61823 
_struct_ref.pdbx_align_begin           1 
_struct_ref.pdbx_seq_one_letter_code   
;MALKSLVLLSLLVLVLLLVRVQPSLGKETAAAKFERQHMDSSTSAASSSNYCNQMMKSRNLTKDRCKPVNTFVHESLADV
QAVCSQKNVACKNGQTNCYQSYSTMSITDCRETGSSKYPNCAYKTTQANKHIIVACEGNPYVPVHFDASV
;
_struct_ref.pdbx_db_isoform            ? 
# 
_struct_ref_seq.align_id                      1 
_struct_ref_seq.ref_id                        1 
_struct_ref_seq.pdbx_PDB_id_code              1RPF 
_struct_ref_seq.pdbx_strand_id                A 
_struct_ref_seq.seq_align_beg                 1 
_struct_ref_seq.pdbx_seq_align_beg_ins_code   ? 
_struct_ref_seq.seq_align_end                 124 
_struct_ref_seq.pdbx_seq_align_end_ins_code   ? 
_struct_ref_seq.pdbx_db_accession             P61823 
_struct_ref_seq.db_align_beg                  27 
_struct_ref_seq.pdbx_db_align_beg_ins_code    ? 
_struct_ref_seq.db_align_end                  150 
_struct_ref_seq.pdbx_db_align_end_ins_code    ? 
_struct_ref_seq.pdbx_auth_seq_align_beg       1 
_struct_ref_seq.pdbx_auth_seq_align_end       124 
# 
_pdbx_struct_assembly.id                   1 
_pdbx_struct_assembly.details              author_defined_assembly 
_pdbx_struct_assembly.method_details       ? 
_pdbx_struct_assembly.oligomeric_details   monomeric 
_pdbx_struct_assembly.oligomeric_count     1 
# 
_pdbx_struct_assembly_gen.assembly_id       1 
_pdbx_struct_assembly_gen.oper_expression   1 
_pdbx_struct_assembly_gen.asym_id_list      A,B,C 
# 
_pdbx_struct_oper_list.id                   1 
_pdbx_struct_oper_list.type                 'identity operation' 
_pdbx_struct_oper_list.name                 1_555 
_pdbx_struct_oper_list.symmetry_operation   x,y,z 
_pdbx_struct_oper_list.matrix[1][1]         1.0000000000 
_pdbx_struct_oper_list.matrix[1][2]         0.0000000000 
_pdbx_struct_oper_list.matrix[1][3]         0.0000000000 
_pdbx_struct_oper_list.vector[1]            0.0000000000 
_pdbx_struct_oper_list.matrix[2][1]         0.0000000000 
_pdbx_struct_oper_list.matrix[2][2]         1.0000000000 
_pdbx_struct_oper_list.matrix[2][3]         0.0000000000 
_pdbx_struct_oper_list.vector[2]            0.0000000000 
_pdbx_struct_oper_list.matrix[3][1]         0.0000000000 
_pdbx_struct_oper_list.matrix[3][2]         0.0000000000 
_pdbx_struct_oper_list.matrix[3][3]         1.0000000000 
_pdbx_struct_oper_list.vector[3]            0.0000000000 
# 
_struct_biol.id   1 
# 
loop_
_struct_conf.conf_type_id 
_struct_conf.id 
_struct_conf.pdbx_PDB_helix_id 
_struct_conf.beg_label_comp_id 
_struct_conf.beg_label_asym_id 
_struct_conf.beg_label_seq_id 
_struct_conf.pdbx_beg_PDB_ins_code 
_struct_conf.end_label_comp_id 
_struct_conf.end_label_asym_id 
_struct_conf.end_label_seq_id 
_struct_conf.pdbx_end_PDB_ins_code 
_struct_conf.beg_auth_comp_id 
_struct_conf.beg_auth_asym_id 
_struct_conf.beg_auth_seq_id 
_struct_conf.end_auth_comp_id 
_struct_conf.end_auth_asym_id 
_struct_conf.end_auth_seq_id 
_struct_conf.pdbx_PDB_helix_class 
_struct_conf.details 
_struct_conf.pdbx_PDB_helix_length 
HELX_P HELX_P1 H1 THR A 3  ? MET A 13 ? THR A 3  MET A 13 1 ?                               11 
HELX_P HELX_P2 H2 ASN A 24 ? ASN A 34 ? ASN A 24 ASN A 34 1 'RESIDUE 34 IN 3/10 CONFIG'     11 
HELX_P HELX_P3 H3 SER A 50 ? GLN A 60 ? SER A 50 GLN A 60 1 'RESIDUES 56-60 IN 3/10 CONFIG' 11 
# 
_struct_conf_type.id          HELX_P 
_struct_conf_type.criteria    ? 
_struct_conf_type.reference   ? 
# 
loop_
_struct_conn.id 
_struct_conn.conn_type_id 
_struct_conn.pdbx_leaving_atom_flag 
_struct_conn.pdbx_PDB_id 
_struct_conn.ptnr1_label_asym_id 
_struct_conn.ptnr1_label_comp_id 
_struct_conn.ptnr1_label_seq_id 
_struct_conn.ptnr1_label_atom_id 
_struct_conn.pdbx_ptnr1_label_alt_id 
_struct_conn.pdbx_ptnr1_PDB_ins_code 
_struct_conn.pdbx_ptnr1_standard_comp_id 
_struct_conn.ptnr1_symmetry 
_struct_conn.ptnr2_label_asym_id 
_struct_conn.ptnr2_label_comp_id 
_struct_conn.ptnr2_label_seq_id 
_struct_conn.ptnr2_label_atom_id 
_struct_conn.pdbx_ptnr2_label_alt_id 
_struct_conn.pdbx_ptnr2_PDB_ins_code 
_struct_conn.ptnr1_auth_asym_id 
_struct_conn.ptnr1_auth_comp_id 
_struct_conn.ptnr1_auth_seq_id 
_struct_conn.ptnr2_auth_asym_id 
_struct_conn.ptnr2_auth_comp_id 
_struct_conn.ptnr2_auth_seq_id 
_struct_conn.ptnr2_symmetry 
_struct_conn.pdbx_ptnr3_label_atom_id 
_struct_conn.pdbx_ptnr3_label_seq_id 
_struct_conn.pdbx_ptnr3_label_comp_id 
_struct_conn.pdbx_ptnr3_label_asym_id 
_struct_conn.pdbx_ptnr3_label_alt_id 
_struct_conn.pdbx_ptnr3_PDB_ins_code 
_struct_conn.details 
_struct_conn.pdbx_dist_value 
_struct_conn.pdbx_value_order 
_struct_conn.pdbx_role 
disulf1 disulf ? ? A CYS 26 SG ? ? ? 1_555 A CYS 84  SG ? ? A CYS 26 A CYS 84  1_555 ? ? ? ? ? ? ? 1.999 ? ? 
disulf2 disulf ? ? A CYS 40 SG ? ? ? 1_555 A CYS 95  SG ? ? A CYS 40 A CYS 95  1_555 ? ? ? ? ? ? ? 1.994 ? ? 
disulf3 disulf ? ? A CYS 58 SG ? ? ? 1_555 A CYS 110 SG ? ? A CYS 58 A CYS 110 1_555 ? ? ? ? ? ? ? 2.022 ? ? 
disulf4 disulf ? ? A CYS 65 SG ? ? ? 1_555 A CYS 72  SG ? ? A CYS 65 A CYS 72  1_555 ? ? ? ? ? ? ? 2.020 ? ? 
# 
_struct_conn_type.id          disulf 
_struct_conn_type.criteria    ? 
_struct_conn_type.reference   ? 
# 
loop_
_pdbx_modification_feature.ordinal 
_pdbx_modification_feature.label_comp_id 
_pdbx_modification_feature.label_asym_id 
_pdbx_modification_feature.label_seq_id 
_pdbx_modification_feature.label_alt_id 
_pdbx_modification_feature.modified_residue_label_comp_id 
_pdbx_modification_feature.modified_residue_label_asym_id 
_pdbx_modification_feature.modified_residue_label_seq_id 
_pdbx_modification_feature.modified_residue_label_alt_id 
_pdbx_modification_feature.auth_comp_id 
_pdbx_modification_feature.auth_asym_id 
_pdbx_modification_feature.auth_seq_id 
_pdbx_modification_feature.PDB_ins_code 
_pdbx_modification_feature.symmetry 
_pdbx_modification_feature.modified_residue_auth_comp_id 
_pdbx_modification_feature.modified_residue_auth_asym_id 
_pdbx_modification_feature.modified_residue_auth_seq_id 
_pdbx_modification_feature.modified_residue_PDB_ins_code 
_pdbx_modification_feature.modified_residue_symmetry 
_pdbx_modification_feature.comp_id_linking_atom 
_pdbx_modification_feature.modified_residue_id_linking_atom 
_pdbx_modification_feature.modified_residue_id 
_pdbx_modification_feature.ref_pcm_id 
_pdbx_modification_feature.ref_comp_id 
_pdbx_modification_feature.type 
_pdbx_modification_feature.category 
1 CYS A 26 ? CYS A 84  ? CYS A 26 ? 1_555 CYS A 84  ? 1_555 SG SG . . . None 'Disulfide bridge' 
2 CYS A 40 ? CYS A 95  ? CYS A 40 ? 1_555 CYS A 95  ? 1_555 SG SG . . . None 'Disulfide bridge' 
3 CYS A 58 ? CYS A 110 ? CYS A 58 ? 1_555 CYS A 110 ? 1_555 SG SG . . . None 'Disulfide bridge' 
4 CYS A 65 ? CYS A 72  ? CYS A 65 ? 1_555 CYS A 72  ? 1_555 SG SG . . . None 'Disulfide bridge' 
# 
_struct_mon_prot_cis.pdbx_id                1 
_struct_mon_prot_cis.label_comp_id          ASN 
_struct_mon_prot_cis.label_seq_id           113 
_struct_mon_prot_cis.label_asym_id          A 
_struct_mon_prot_cis.label_alt_id           . 
_struct_mon_prot_cis.pdbx_PDB_ins_code      ? 
_struct_mon_prot_cis.auth_comp_id           ASN 
_struct_mon_prot_cis.auth_seq_id            113 
_struct_mon_prot_cis.auth_asym_id           A 
_struct_mon_prot_cis.pdbx_label_comp_id_2   PRO 
_struct_mon_prot_cis.pdbx_label_seq_id_2    114 
_struct_mon_prot_cis.pdbx_label_asym_id_2   A 
_struct_mon_prot_cis.pdbx_PDB_ins_code_2    ? 
_struct_mon_prot_cis.pdbx_auth_comp_id_2    PRO 
_struct_mon_prot_cis.pdbx_auth_seq_id_2     114 
_struct_mon_prot_cis.pdbx_auth_asym_id_2    A 
_struct_mon_prot_cis.pdbx_PDB_model_num     1 
_struct_mon_prot_cis.pdbx_omega_angle       6.25 
# 
loop_
_struct_sheet.id 
_struct_sheet.type 
_struct_sheet.number_strands 
_struct_sheet.details 
S1A ? 3 ? 
S1B ? 3 ? 
S2A ? 4 ? 
S2B ? 4 ? 
# 
loop_
_struct_sheet_order.sheet_id 
_struct_sheet_order.range_id_1 
_struct_sheet_order.range_id_2 
_struct_sheet_order.offset 
_struct_sheet_order.sense 
S1A 1 2 ? anti-parallel 
S1A 2 3 ? anti-parallel 
S1B 1 2 ? anti-parallel 
S1B 2 3 ? anti-parallel 
S2A 1 2 ? anti-parallel 
S2A 2 3 ? anti-parallel 
S2A 3 4 ? anti-parallel 
S2B 1 2 ? anti-parallel 
S2B 2 3 ? anti-parallel 
S2B 3 4 ? anti-parallel 
# 
loop_
_struct_sheet_range.sheet_id 
_struct_sheet_range.id 
_struct_sheet_range.beg_label_comp_id 
_struct_sheet_range.beg_label_asym_id 
_struct_sheet_range.beg_label_seq_id 
_struct_sheet_range.pdbx_beg_PDB_ins_code 
_struct_sheet_range.end_label_comp_id 
_struct_sheet_range.end_label_asym_id 
_struct_sheet_range.end_label_seq_id 
_struct_sheet_range.pdbx_end_PDB_ins_code 
_struct_sheet_range.beg_auth_comp_id 
_struct_sheet_range.beg_auth_asym_id 
_struct_sheet_range.beg_auth_seq_id 
_struct_sheet_range.end_auth_comp_id 
_struct_sheet_range.end_auth_asym_id 
_struct_sheet_range.end_auth_seq_id 
S1A 1 LYS A 41  ? HIS A 48  ? LYS A 41  HIS A 48  
S1A 2 MET A 79  ? THR A 87  ? MET A 79  THR A 87  
S1A 3 ASN A 94  ? LYS A 104 ? ASN A 94  LYS A 104 
S1B 1 LYS A 41  ? HIS A 48  ? LYS A 41  HIS A 48  
S1B 2 SER A 90  ? LYS A 91  ? SER A 90  LYS A 91  
S1B 3 ASN A 94  ? LYS A 104 ? ASN A 94  LYS A 104 
S2A 1 LYS A 61  ? ALA A 64  ? LYS A 61  ALA A 64  
S2A 2 ASN A 71  ? SER A 75  ? ASN A 71  SER A 75  
S2A 3 HIS A 105 ? ASN A 113 ? HIS A 105 ASN A 113 
S2A 4 PRO A 114 ? HIS A 119 ? PRO A 114 HIS A 119 
S2B 1 LYS A 61  ? ALA A 64  ? LYS A 61  ALA A 64  
S2B 2 ASN A 71  ? SER A 75  ? ASN A 71  SER A 75  
S2B 3 HIS A 105 ? ASN A 113 ? HIS A 105 ASN A 113 
S2B 4 ASP A 121 ? VAL A 124 ? ASP A 121 VAL A 124 
# 
loop_
_pdbx_struct_sheet_hbond.sheet_id 
_pdbx_struct_sheet_hbond.range_id_1 
_pdbx_struct_sheet_hbond.range_id_2 
_pdbx_struct_sheet_hbond.range_1_label_atom_id 
_pdbx_struct_sheet_hbond.range_1_label_comp_id 
_pdbx_struct_sheet_hbond.range_1_label_asym_id 
_pdbx_struct_sheet_hbond.range_1_label_seq_id 
_pdbx_struct_sheet_hbond.range_1_PDB_ins_code 
_pdbx_struct_sheet_hbond.range_1_auth_atom_id 
_pdbx_struct_sheet_hbond.range_1_auth_comp_id 
_pdbx_struct_sheet_hbond.range_1_auth_asym_id 
_pdbx_struct_sheet_hbond.range_1_auth_seq_id 
_pdbx_struct_sheet_hbond.range_2_label_atom_id 
_pdbx_struct_sheet_hbond.range_2_label_comp_id 
_pdbx_struct_sheet_hbond.range_2_label_asym_id 
_pdbx_struct_sheet_hbond.range_2_label_seq_id 
_pdbx_struct_sheet_hbond.range_2_PDB_ins_code 
_pdbx_struct_sheet_hbond.range_2_auth_atom_id 
_pdbx_struct_sheet_hbond.range_2_auth_comp_id 
_pdbx_struct_sheet_hbond.range_2_auth_asym_id 
_pdbx_struct_sheet_hbond.range_2_auth_seq_id 
S1A 1 2 O PRO A 42  ? O PRO A 42  N GLU A 86  ? N GLU A 86  
S1A 2 3 N MET A 79  ? N MET A 79  O LYS A 104 ? O LYS A 104 
S1B 2 3 N LYS A 91  ? N LYS A 91  O ASN A 94  ? O ASN A 94  
S2A 1 2 N VAL A 63  ? N VAL A 63  O CYS A 72  ? O CYS A 72  
S2A 2 3 N TYR A 73  ? N TYR A 73  O VAL A 108 ? O VAL A 108 
S2A 3 4 N GLU A 111 ? N GLU A 111 O VAL A 116 ? O VAL A 116 
S2B 1 2 N VAL A 63  ? N VAL A 63  O CYS A 72  ? O CYS A 72  
S2B 2 3 N TYR A 73  ? N TYR A 73  O VAL A 108 ? O VAL A 108 
S2B 3 4 O HIS A 105 ? O HIS A 105 N VAL A 124 ? N VAL A 124 
# 
_struct_site.id                   AC1 
_struct_site.pdbx_evidence_code   Software 
_struct_site.pdbx_auth_asym_id    A 
_struct_site.pdbx_auth_comp_id    C3P 
_struct_site.pdbx_auth_seq_id     125 
_struct_site.pdbx_auth_ins_code   ? 
_struct_site.pdbx_num_residues    12 
_struct_site.details              'BINDING SITE FOR RESIDUE C3P A 125' 
# 
loop_
_struct_site_gen.id 
_struct_site_gen.site_id 
_struct_site_gen.pdbx_num_res 
_struct_site_gen.label_comp_id 
_struct_site_gen.label_asym_id 
_struct_site_gen.label_seq_id 
_struct_site_gen.pdbx_auth_ins_code 
_struct_site_gen.auth_comp_id 
_struct_site_gen.auth_asym_id 
_struct_site_gen.auth_seq_id 
_struct_site_gen.label_atom_id 
_struct_site_gen.label_alt_id 
_struct_site_gen.symmetry 
_struct_site_gen.details 
1  AC1 12 GLN A 11  ? GLN A 11  . ? 1_555 ? 
2  AC1 12 HIS A 12  ? HIS A 12  . ? 1_555 ? 
3  AC1 12 LYS A 41  ? LYS A 41  . ? 1_555 ? 
4  AC1 12 VAL A 43  ? VAL A 43  . ? 1_555 ? 
5  AC1 12 ASN A 44  ? ASN A 44  . ? 1_555 ? 
6  AC1 12 THR A 45  ? THR A 45  . ? 1_555 ? 
7  AC1 12 HIS A 119 ? HIS A 119 . ? 1_555 ? 
8  AC1 12 PHE A 120 ? PHE A 120 . ? 1_555 ? 
9  AC1 12 HOH C .   ? HOH A 157 . ? 1_555 ? 
10 AC1 12 HOH C .   ? HOH A 185 . ? 1_555 ? 
11 AC1 12 HOH C .   ? HOH A 188 . ? 1_555 ? 
12 AC1 12 HOH C .   ? HOH A 221 . ? 1_555 ? 
# 
_pdbx_entry_details.entry_id                   1RPF 
_pdbx_entry_details.compound_details           ? 
_pdbx_entry_details.source_details             ? 
_pdbx_entry_details.nonpolymer_details         ? 
_pdbx_entry_details.sequence_details           ? 
_pdbx_entry_details.has_ligand_of_interest     ? 
_pdbx_entry_details.has_protein_modification   Y 
# 
loop_
_pdbx_validate_rmsd_angle.id 
_pdbx_validate_rmsd_angle.PDB_model_num 
_pdbx_validate_rmsd_angle.auth_atom_id_1 
_pdbx_validate_rmsd_angle.auth_asym_id_1 
_pdbx_validate_rmsd_angle.auth_comp_id_1 
_pdbx_validate_rmsd_angle.auth_seq_id_1 
_pdbx_validate_rmsd_angle.PDB_ins_code_1 
_pdbx_validate_rmsd_angle.label_alt_id_1 
_pdbx_validate_rmsd_angle.auth_atom_id_2 
_pdbx_validate_rmsd_angle.auth_asym_id_2 
_pdbx_validate_rmsd_angle.auth_comp_id_2 
_pdbx_validate_rmsd_angle.auth_seq_id_2 
_pdbx_validate_rmsd_angle.PDB_ins_code_2 
_pdbx_validate_rmsd_angle.label_alt_id_2 
_pdbx_validate_rmsd_angle.auth_atom_id_3 
_pdbx_validate_rmsd_angle.auth_asym_id_3 
_pdbx_validate_rmsd_angle.auth_comp_id_3 
_pdbx_validate_rmsd_angle.auth_seq_id_3 
_pdbx_validate_rmsd_angle.PDB_ins_code_3 
_pdbx_validate_rmsd_angle.label_alt_id_3 
_pdbx_validate_rmsd_angle.angle_value 
_pdbx_validate_rmsd_angle.angle_target_value 
_pdbx_validate_rmsd_angle.angle_deviation 
_pdbx_validate_rmsd_angle.angle_standard_deviation 
_pdbx_validate_rmsd_angle.linker_flag 
1  1 NE A ARG 10  ? ? CZ A ARG 10  ? ? NH2 A ARG 10  ? ? 123.80 120.30 3.50   0.50 N 
2  1 CG A MET 13  ? ? SD A MET 13  ? ? CE  A MET 13  ? ? 112.64 100.20 12.44  1.60 N 
3  1 C  A ALA 20  ? ? N  A SER 21  ? ? CA  A SER 21  ? ? 137.07 121.70 15.37  2.50 Y 
4  1 CA A MET 29  ? ? CB A MET 29  ? ? CG  A MET 29  ? ? 102.84 113.30 -10.46 1.70 N 
5  1 CG A MET 30  ? ? SD A MET 30  ? ? CE  A MET 30  ? ? 111.22 100.20 11.02  1.60 N 
6  1 CA A VAL 47  ? ? CB A VAL 47  ? ? CG2 A VAL 47  ? ? 120.30 110.90 9.40   1.50 N 
7  1 CA A VAL 63  ? ? CB A VAL 63  ? ? CG2 A VAL 63  ? ? 119.99 110.90 9.09   1.50 N 
8  1 CB A TYR 76  ? ? CG A TYR 76  ? ? CD2 A TYR 76  ? ? 117.00 121.00 -4.00  0.60 N 
9  1 CB A TYR 76  ? ? CG A TYR 76  ? ? CD1 A TYR 76  ? ? 126.82 121.00 5.82   0.60 N 
10 1 NE A ARG 85  ? ? CZ A ARG 85  ? ? NH1 A ARG 85  ? ? 124.69 120.30 4.39   0.50 N 
11 1 CA A VAL 108 ? ? CB A VAL 108 ? ? CG2 A VAL 108 ? ? 120.88 110.90 9.98   1.50 N 
12 1 CA A VAL 124 ? ? CB A VAL 124 ? ? CG1 A VAL 124 ? ? 124.15 110.90 13.25  1.50 N 
# 
loop_
_pdbx_validate_torsion.id 
_pdbx_validate_torsion.PDB_model_num 
_pdbx_validate_torsion.auth_comp_id 
_pdbx_validate_torsion.auth_asym_id 
_pdbx_validate_torsion.auth_seq_id 
_pdbx_validate_torsion.PDB_ins_code 
_pdbx_validate_torsion.label_alt_id 
_pdbx_validate_torsion.phi 
_pdbx_validate_torsion.psi 
1 1 ALA A 19  ? ? -174.10 143.70  
2 1 ALA A 20  ? ? -45.49  103.30  
3 1 ASN A 34  ? ? 87.20   36.10   
4 1 LYS A 37  ? ? -51.57  -74.32  
5 1 HIS A 48  ? ? -98.95  57.66   
6 1 GLN A 60  ? ? -96.77  -128.73 
7 1 ASN A 94  ? ? -84.45  47.30   
8 1 ALA A 122 ? ? 176.06  165.85  
# 
loop_
_pdbx_validate_peptide_omega.id 
_pdbx_validate_peptide_omega.PDB_model_num 
_pdbx_validate_peptide_omega.auth_comp_id_1 
_pdbx_validate_peptide_omega.auth_asym_id_1 
_pdbx_validate_peptide_omega.auth_seq_id_1 
_pdbx_validate_peptide_omega.PDB_ins_code_1 
_pdbx_validate_peptide_omega.label_alt_id_1 
_pdbx_validate_peptide_omega.auth_comp_id_2 
_pdbx_validate_peptide_omega.auth_asym_id_2 
_pdbx_validate_peptide_omega.auth_seq_id_2 
_pdbx_validate_peptide_omega.PDB_ins_code_2 
_pdbx_validate_peptide_omega.label_alt_id_2 
_pdbx_validate_peptide_omega.omega 
1 1 ALA A 19 ? ? ALA A 20 ? ? 149.89 
2 1 TYR A 92 ? ? PRO A 93 ? ? 32.48  
# 
loop_
_pdbx_validate_planes.id 
_pdbx_validate_planes.PDB_model_num 
_pdbx_validate_planes.auth_comp_id 
_pdbx_validate_planes.auth_asym_id 
_pdbx_validate_planes.auth_seq_id 
_pdbx_validate_planes.PDB_ins_code 
_pdbx_validate_planes.label_alt_id 
_pdbx_validate_planes.rmsd 
_pdbx_validate_planes.type 
1 1 ARG A 39 ? ? 0.154 'SIDE CHAIN' 
2 1 ARG A 85 ? ? 0.223 'SIDE CHAIN' 
# 
loop_
_chem_comp_atom.comp_id 
_chem_comp_atom.atom_id 
_chem_comp_atom.type_symbol 
_chem_comp_atom.pdbx_aromatic_flag 
_chem_comp_atom.pdbx_stereo_config 
_chem_comp_atom.pdbx_ordinal 
ALA N      N N N 1   
ALA CA     C N S 2   
ALA C      C N N 3   
ALA O      O N N 4   
ALA CB     C N N 5   
ALA OXT    O N N 6   
ALA H      H N N 7   
ALA H2     H N N 8   
ALA HA     H N N 9   
ALA HB1    H N N 10  
ALA HB2    H N N 11  
ALA HB3    H N N 12  
ALA HXT    H N N 13  
ARG N      N N N 14  
ARG CA     C N S 15  
ARG C      C N N 16  
ARG O      O N N 17  
ARG CB     C N N 18  
ARG CG     C N N 19  
ARG CD     C N N 20  
ARG NE     N N N 21  
ARG CZ     C N N 22  
ARG NH1    N N N 23  
ARG NH2    N N N 24  
ARG OXT    O N N 25  
ARG H      H N N 26  
ARG H2     H N N 27  
ARG HA     H N N 28  
ARG HB2    H N N 29  
ARG HB3    H N N 30  
ARG HG2    H N N 31  
ARG HG3    H N N 32  
ARG HD2    H N N 33  
ARG HD3    H N N 34  
ARG HE     H N N 35  
ARG HH11   H N N 36  
ARG HH12   H N N 37  
ARG HH21   H N N 38  
ARG HH22   H N N 39  
ARG HXT    H N N 40  
ASN N      N N N 41  
ASN CA     C N S 42  
ASN C      C N N 43  
ASN O      O N N 44  
ASN CB     C N N 45  
ASN CG     C N N 46  
ASN OD1    O N N 47  
ASN ND2    N N N 48  
ASN OXT    O N N 49  
ASN H      H N N 50  
ASN H2     H N N 51  
ASN HA     H N N 52  
ASN HB2    H N N 53  
ASN HB3    H N N 54  
ASN HD21   H N N 55  
ASN HD22   H N N 56  
ASN HXT    H N N 57  
ASP N      N N N 58  
ASP CA     C N S 59  
ASP C      C N N 60  
ASP O      O N N 61  
ASP CB     C N N 62  
ASP CG     C N N 63  
ASP OD1    O N N 64  
ASP OD2    O N N 65  
ASP OXT    O N N 66  
ASP H      H N N 67  
ASP H2     H N N 68  
ASP HA     H N N 69  
ASP HB2    H N N 70  
ASP HB3    H N N 71  
ASP HD2    H N N 72  
ASP HXT    H N N 73  
C3P P      P N N 74  
C3P O1P    O N N 75  
C3P O2P    O N N 76  
C3P O3P    O N N 77  
C3P "O5'"  O N N 78  
C3P "C5'"  C N N 79  
C3P "C4'"  C N R 80  
C3P "O4'"  O N N 81  
C3P "C3'"  C N S 82  
C3P "O3'"  O N N 83  
C3P "C2'"  C N R 84  
C3P "O2'"  O N N 85  
C3P "C1'"  C N R 86  
C3P N1     N N N 87  
C3P C2     C N N 88  
C3P N3     N N N 89  
C3P C4     C N N 90  
C3P C5     C N N 91  
C3P C6     C N N 92  
C3P O2     O N N 93  
C3P N4     N N N 94  
C3P HOP2   H N N 95  
C3P HOP3   H N N 96  
C3P "HO5'" H N N 97  
C3P "H5'1" H N N 98  
C3P "H5'2" H N N 99  
C3P "H4'"  H N N 100 
C3P "H3'"  H N N 101 
C3P "H2'1" H N N 102 
C3P "HO2'" H N N 103 
C3P "H1'"  H N N 104 
C3P H5     H N N 105 
C3P H6     H N N 106 
C3P HN41   H N N 107 
C3P HN42   H N N 108 
CYS N      N N N 109 
CYS CA     C N R 110 
CYS C      C N N 111 
CYS O      O N N 112 
CYS CB     C N N 113 
CYS SG     S N N 114 
CYS OXT    O N N 115 
CYS H      H N N 116 
CYS H2     H N N 117 
CYS HA     H N N 118 
CYS HB2    H N N 119 
CYS HB3    H N N 120 
CYS HG     H N N 121 
CYS HXT    H N N 122 
GLN N      N N N 123 
GLN CA     C N S 124 
GLN C      C N N 125 
GLN O      O N N 126 
GLN CB     C N N 127 
GLN CG     C N N 128 
GLN CD     C N N 129 
GLN OE1    O N N 130 
GLN NE2    N N N 131 
GLN OXT    O N N 132 
GLN H      H N N 133 
GLN H2     H N N 134 
GLN HA     H N N 135 
GLN HB2    H N N 136 
GLN HB3    H N N 137 
GLN HG2    H N N 138 
GLN HG3    H N N 139 
GLN HE21   H N N 140 
GLN HE22   H N N 141 
GLN HXT    H N N 142 
GLU N      N N N 143 
GLU CA     C N S 144 
GLU C      C N N 145 
GLU O      O N N 146 
GLU CB     C N N 147 
GLU CG     C N N 148 
GLU CD     C N N 149 
GLU OE1    O N N 150 
GLU OE2    O N N 151 
GLU OXT    O N N 152 
GLU H      H N N 153 
GLU H2     H N N 154 
GLU HA     H N N 155 
GLU HB2    H N N 156 
GLU HB3    H N N 157 
GLU HG2    H N N 158 
GLU HG3    H N N 159 
GLU HE2    H N N 160 
GLU HXT    H N N 161 
GLY N      N N N 162 
GLY CA     C N N 163 
GLY C      C N N 164 
GLY O      O N N 165 
GLY OXT    O N N 166 
GLY H      H N N 167 
GLY H2     H N N 168 
GLY HA2    H N N 169 
GLY HA3    H N N 170 
GLY HXT    H N N 171 
HIS N      N N N 172 
HIS CA     C N S 173 
HIS C      C N N 174 
HIS O      O N N 175 
HIS CB     C N N 176 
HIS CG     C Y N 177 
HIS ND1    N Y N 178 
HIS CD2    C Y N 179 
HIS CE1    C Y N 180 
HIS NE2    N Y N 181 
HIS OXT    O N N 182 
HIS H      H N N 183 
HIS H2     H N N 184 
HIS HA     H N N 185 
HIS HB2    H N N 186 
HIS HB3    H N N 187 
HIS HD1    H N N 188 
HIS HD2    H N N 189 
HIS HE1    H N N 190 
HIS HE2    H N N 191 
HIS HXT    H N N 192 
HOH O      O N N 193 
HOH H1     H N N 194 
HOH H2     H N N 195 
ILE N      N N N 196 
ILE CA     C N S 197 
ILE C      C N N 198 
ILE O      O N N 199 
ILE CB     C N S 200 
ILE CG1    C N N 201 
ILE CG2    C N N 202 
ILE CD1    C N N 203 
ILE OXT    O N N 204 
ILE H      H N N 205 
ILE H2     H N N 206 
ILE HA     H N N 207 
ILE HB     H N N 208 
ILE HG12   H N N 209 
ILE HG13   H N N 210 
ILE HG21   H N N 211 
ILE HG22   H N N 212 
ILE HG23   H N N 213 
ILE HD11   H N N 214 
ILE HD12   H N N 215 
ILE HD13   H N N 216 
ILE HXT    H N N 217 
LEU N      N N N 218 
LEU CA     C N S 219 
LEU C      C N N 220 
LEU O      O N N 221 
LEU CB     C N N 222 
LEU CG     C N N 223 
LEU CD1    C N N 224 
LEU CD2    C N N 225 
LEU OXT    O N N 226 
LEU H      H N N 227 
LEU H2     H N N 228 
LEU HA     H N N 229 
LEU HB2    H N N 230 
LEU HB3    H N N 231 
LEU HG     H N N 232 
LEU HD11   H N N 233 
LEU HD12   H N N 234 
LEU HD13   H N N 235 
LEU HD21   H N N 236 
LEU HD22   H N N 237 
LEU HD23   H N N 238 
LEU HXT    H N N 239 
LYS N      N N N 240 
LYS CA     C N S 241 
LYS C      C N N 242 
LYS O      O N N 243 
LYS CB     C N N 244 
LYS CG     C N N 245 
LYS CD     C N N 246 
LYS CE     C N N 247 
LYS NZ     N N N 248 
LYS OXT    O N N 249 
LYS H      H N N 250 
LYS H2     H N N 251 
LYS HA     H N N 252 
LYS HB2    H N N 253 
LYS HB3    H N N 254 
LYS HG2    H N N 255 
LYS HG3    H N N 256 
LYS HD2    H N N 257 
LYS HD3    H N N 258 
LYS HE2    H N N 259 
LYS HE3    H N N 260 
LYS HZ1    H N N 261 
LYS HZ2    H N N 262 
LYS HZ3    H N N 263 
LYS HXT    H N N 264 
MET N      N N N 265 
MET CA     C N S 266 
MET C      C N N 267 
MET O      O N N 268 
MET CB     C N N 269 
MET CG     C N N 270 
MET SD     S N N 271 
MET CE     C N N 272 
MET OXT    O N N 273 
MET H      H N N 274 
MET H2     H N N 275 
MET HA     H N N 276 
MET HB2    H N N 277 
MET HB3    H N N 278 
MET HG2    H N N 279 
MET HG3    H N N 280 
MET HE1    H N N 281 
MET HE2    H N N 282 
MET HE3    H N N 283 
MET HXT    H N N 284 
PHE N      N N N 285 
PHE CA     C N S 286 
PHE C      C N N 287 
PHE O      O N N 288 
PHE CB     C N N 289 
PHE CG     C Y N 290 
PHE CD1    C Y N 291 
PHE CD2    C Y N 292 
PHE CE1    C Y N 293 
PHE CE2    C Y N 294 
PHE CZ     C Y N 295 
PHE OXT    O N N 296 
PHE H      H N N 297 
PHE H2     H N N 298 
PHE HA     H N N 299 
PHE HB2    H N N 300 
PHE HB3    H N N 301 
PHE HD1    H N N 302 
PHE HD2    H N N 303 
PHE HE1    H N N 304 
PHE HE2    H N N 305 
PHE HZ     H N N 306 
PHE HXT    H N N 307 
PRO N      N N N 308 
PRO CA     C N S 309 
PRO C      C N N 310 
PRO O      O N N 311 
PRO CB     C N N 312 
PRO CG     C N N 313 
PRO CD     C N N 314 
PRO OXT    O N N 315 
PRO H      H N N 316 
PRO HA     H N N 317 
PRO HB2    H N N 318 
PRO HB3    H N N 319 
PRO HG2    H N N 320 
PRO HG3    H N N 321 
PRO HD2    H N N 322 
PRO HD3    H N N 323 
PRO HXT    H N N 324 
SER N      N N N 325 
SER CA     C N S 326 
SER C      C N N 327 
SER O      O N N 328 
SER CB     C N N 329 
SER OG     O N N 330 
SER OXT    O N N 331 
SER H      H N N 332 
SER H2     H N N 333 
SER HA     H N N 334 
SER HB2    H N N 335 
SER HB3    H N N 336 
SER HG     H N N 337 
SER HXT    H N N 338 
THR N      N N N 339 
THR CA     C N S 340 
THR C      C N N 341 
THR O      O N N 342 
THR CB     C N R 343 
THR OG1    O N N 344 
THR CG2    C N N 345 
THR OXT    O N N 346 
THR H      H N N 347 
THR H2     H N N 348 
THR HA     H N N 349 
THR HB     H N N 350 
THR HG1    H N N 351 
THR HG21   H N N 352 
THR HG22   H N N 353 
THR HG23   H N N 354 
THR HXT    H N N 355 
TYR N      N N N 356 
TYR CA     C N S 357 
TYR C      C N N 358 
TYR O      O N N 359 
TYR CB     C N N 360 
TYR CG     C Y N 361 
TYR CD1    C Y N 362 
TYR CD2    C Y N 363 
TYR CE1    C Y N 364 
TYR CE2    C Y N 365 
TYR CZ     C Y N 366 
TYR OH     O N N 367 
TYR OXT    O N N 368 
TYR H      H N N 369 
TYR H2     H N N 370 
TYR HA     H N N 371 
TYR HB2    H N N 372 
TYR HB3    H N N 373 
TYR HD1    H N N 374 
TYR HD2    H N N 375 
TYR HE1    H N N 376 
TYR HE2    H N N 377 
TYR HH     H N N 378 
TYR HXT    H N N 379 
VAL N      N N N 380 
VAL CA     C N S 381 
VAL C      C N N 382 
VAL O      O N N 383 
VAL CB     C N N 384 
VAL CG1    C N N 385 
VAL CG2    C N N 386 
VAL OXT    O N N 387 
VAL H      H N N 388 
VAL H2     H N N 389 
VAL HA     H N N 390 
VAL HB     H N N 391 
VAL HG11   H N N 392 
VAL HG12   H N N 393 
VAL HG13   H N N 394 
VAL HG21   H N N 395 
VAL HG22   H N N 396 
VAL HG23   H N N 397 
VAL HXT    H N N 398 
# 
loop_
_chem_comp_bond.comp_id 
_chem_comp_bond.atom_id_1 
_chem_comp_bond.atom_id_2 
_chem_comp_bond.value_order 
_chem_comp_bond.pdbx_aromatic_flag 
_chem_comp_bond.pdbx_stereo_config 
_chem_comp_bond.pdbx_ordinal 
ALA N     CA     sing N N 1   
ALA N     H      sing N N 2   
ALA N     H2     sing N N 3   
ALA CA    C      sing N N 4   
ALA CA    CB     sing N N 5   
ALA CA    HA     sing N N 6   
ALA C     O      doub N N 7   
ALA C     OXT    sing N N 8   
ALA CB    HB1    sing N N 9   
ALA CB    HB2    sing N N 10  
ALA CB    HB3    sing N N 11  
ALA OXT   HXT    sing N N 12  
ARG N     CA     sing N N 13  
ARG N     H      sing N N 14  
ARG N     H2     sing N N 15  
ARG CA    C      sing N N 16  
ARG CA    CB     sing N N 17  
ARG CA    HA     sing N N 18  
ARG C     O      doub N N 19  
ARG C     OXT    sing N N 20  
ARG CB    CG     sing N N 21  
ARG CB    HB2    sing N N 22  
ARG CB    HB3    sing N N 23  
ARG CG    CD     sing N N 24  
ARG CG    HG2    sing N N 25  
ARG CG    HG3    sing N N 26  
ARG CD    NE     sing N N 27  
ARG CD    HD2    sing N N 28  
ARG CD    HD3    sing N N 29  
ARG NE    CZ     sing N N 30  
ARG NE    HE     sing N N 31  
ARG CZ    NH1    sing N N 32  
ARG CZ    NH2    doub N N 33  
ARG NH1   HH11   sing N N 34  
ARG NH1   HH12   sing N N 35  
ARG NH2   HH21   sing N N 36  
ARG NH2   HH22   sing N N 37  
ARG OXT   HXT    sing N N 38  
ASN N     CA     sing N N 39  
ASN N     H      sing N N 40  
ASN N     H2     sing N N 41  
ASN CA    C      sing N N 42  
ASN CA    CB     sing N N 43  
ASN CA    HA     sing N N 44  
ASN C     O      doub N N 45  
ASN C     OXT    sing N N 46  
ASN CB    CG     sing N N 47  
ASN CB    HB2    sing N N 48  
ASN CB    HB3    sing N N 49  
ASN CG    OD1    doub N N 50  
ASN CG    ND2    sing N N 51  
ASN ND2   HD21   sing N N 52  
ASN ND2   HD22   sing N N 53  
ASN OXT   HXT    sing N N 54  
ASP N     CA     sing N N 55  
ASP N     H      sing N N 56  
ASP N     H2     sing N N 57  
ASP CA    C      sing N N 58  
ASP CA    CB     sing N N 59  
ASP CA    HA     sing N N 60  
ASP C     O      doub N N 61  
ASP C     OXT    sing N N 62  
ASP CB    CG     sing N N 63  
ASP CB    HB2    sing N N 64  
ASP CB    HB3    sing N N 65  
ASP CG    OD1    doub N N 66  
ASP CG    OD2    sing N N 67  
ASP OD2   HD2    sing N N 68  
ASP OXT   HXT    sing N N 69  
C3P P     O1P    doub N N 70  
C3P P     O2P    sing N N 71  
C3P P     O3P    sing N N 72  
C3P P     "O3'"  sing N N 73  
C3P O2P   HOP2   sing N N 74  
C3P O3P   HOP3   sing N N 75  
C3P "O5'" "C5'"  sing N N 76  
C3P "O5'" "HO5'" sing N N 77  
C3P "C5'" "C4'"  sing N N 78  
C3P "C5'" "H5'1" sing N N 79  
C3P "C5'" "H5'2" sing N N 80  
C3P "C4'" "O4'"  sing N N 81  
C3P "C4'" "C3'"  sing N N 82  
C3P "C4'" "H4'"  sing N N 83  
C3P "O4'" "C1'"  sing N N 84  
C3P "C3'" "O3'"  sing N N 85  
C3P "C3'" "C2'"  sing N N 86  
C3P "C3'" "H3'"  sing N N 87  
C3P "C2'" "O2'"  sing N N 88  
C3P "C2'" "C1'"  sing N N 89  
C3P "C2'" "H2'1" sing N N 90  
C3P "O2'" "HO2'" sing N N 91  
C3P "C1'" N1     sing N N 92  
C3P "C1'" "H1'"  sing N N 93  
C3P N1    C2     sing N N 94  
C3P N1    C6     sing N N 95  
C3P C2    N3     sing N N 96  
C3P C2    O2     doub N N 97  
C3P N3    C4     doub N N 98  
C3P C4    C5     sing N N 99  
C3P C4    N4     sing N N 100 
C3P C5    C6     doub N N 101 
C3P C5    H5     sing N N 102 
C3P C6    H6     sing N N 103 
C3P N4    HN41   sing N N 104 
C3P N4    HN42   sing N N 105 
CYS N     CA     sing N N 106 
CYS N     H      sing N N 107 
CYS N     H2     sing N N 108 
CYS CA    C      sing N N 109 
CYS CA    CB     sing N N 110 
CYS CA    HA     sing N N 111 
CYS C     O      doub N N 112 
CYS C     OXT    sing N N 113 
CYS CB    SG     sing N N 114 
CYS CB    HB2    sing N N 115 
CYS CB    HB3    sing N N 116 
CYS SG    HG     sing N N 117 
CYS OXT   HXT    sing N N 118 
GLN N     CA     sing N N 119 
GLN N     H      sing N N 120 
GLN N     H2     sing N N 121 
GLN CA    C      sing N N 122 
GLN CA    CB     sing N N 123 
GLN CA    HA     sing N N 124 
GLN C     O      doub N N 125 
GLN C     OXT    sing N N 126 
GLN CB    CG     sing N N 127 
GLN CB    HB2    sing N N 128 
GLN CB    HB3    sing N N 129 
GLN CG    CD     sing N N 130 
GLN CG    HG2    sing N N 131 
GLN CG    HG3    sing N N 132 
GLN CD    OE1    doub N N 133 
GLN CD    NE2    sing N N 134 
GLN NE2   HE21   sing N N 135 
GLN NE2   HE22   sing N N 136 
GLN OXT   HXT    sing N N 137 
GLU N     CA     sing N N 138 
GLU N     H      sing N N 139 
GLU N     H2     sing N N 140 
GLU CA    C      sing N N 141 
GLU CA    CB     sing N N 142 
GLU CA    HA     sing N N 143 
GLU C     O      doub N N 144 
GLU C     OXT    sing N N 145 
GLU CB    CG     sing N N 146 
GLU CB    HB2    sing N N 147 
GLU CB    HB3    sing N N 148 
GLU CG    CD     sing N N 149 
GLU CG    HG2    sing N N 150 
GLU CG    HG3    sing N N 151 
GLU CD    OE1    doub N N 152 
GLU CD    OE2    sing N N 153 
GLU OE2   HE2    sing N N 154 
GLU OXT   HXT    sing N N 155 
GLY N     CA     sing N N 156 
GLY N     H      sing N N 157 
GLY N     H2     sing N N 158 
GLY CA    C      sing N N 159 
GLY CA    HA2    sing N N 160 
GLY CA    HA3    sing N N 161 
GLY C     O      doub N N 162 
GLY C     OXT    sing N N 163 
GLY OXT   HXT    sing N N 164 
HIS N     CA     sing N N 165 
HIS N     H      sing N N 166 
HIS N     H2     sing N N 167 
HIS CA    C      sing N N 168 
HIS CA    CB     sing N N 169 
HIS CA    HA     sing N N 170 
HIS C     O      doub N N 171 
HIS C     OXT    sing N N 172 
HIS CB    CG     sing N N 173 
HIS CB    HB2    sing N N 174 
HIS CB    HB3    sing N N 175 
HIS CG    ND1    sing Y N 176 
HIS CG    CD2    doub Y N 177 
HIS ND1   CE1    doub Y N 178 
HIS ND1   HD1    sing N N 179 
HIS CD2   NE2    sing Y N 180 
HIS CD2   HD2    sing N N 181 
HIS CE1   NE2    sing Y N 182 
HIS CE1   HE1    sing N N 183 
HIS NE2   HE2    sing N N 184 
HIS OXT   HXT    sing N N 185 
HOH O     H1     sing N N 186 
HOH O     H2     sing N N 187 
ILE N     CA     sing N N 188 
ILE N     H      sing N N 189 
ILE N     H2     sing N N 190 
ILE CA    C      sing N N 191 
ILE CA    CB     sing N N 192 
ILE CA    HA     sing N N 193 
ILE C     O      doub N N 194 
ILE C     OXT    sing N N 195 
ILE CB    CG1    sing N N 196 
ILE CB    CG2    sing N N 197 
ILE CB    HB     sing N N 198 
ILE CG1   CD1    sing N N 199 
ILE CG1   HG12   sing N N 200 
ILE CG1   HG13   sing N N 201 
ILE CG2   HG21   sing N N 202 
ILE CG2   HG22   sing N N 203 
ILE CG2   HG23   sing N N 204 
ILE CD1   HD11   sing N N 205 
ILE CD1   HD12   sing N N 206 
ILE CD1   HD13   sing N N 207 
ILE OXT   HXT    sing N N 208 
LEU N     CA     sing N N 209 
LEU N     H      sing N N 210 
LEU N     H2     sing N N 211 
LEU CA    C      sing N N 212 
LEU CA    CB     sing N N 213 
LEU CA    HA     sing N N 214 
LEU C     O      doub N N 215 
LEU C     OXT    sing N N 216 
LEU CB    CG     sing N N 217 
LEU CB    HB2    sing N N 218 
LEU CB    HB3    sing N N 219 
LEU CG    CD1    sing N N 220 
LEU CG    CD2    sing N N 221 
LEU CG    HG     sing N N 222 
LEU CD1   HD11   sing N N 223 
LEU CD1   HD12   sing N N 224 
LEU CD1   HD13   sing N N 225 
LEU CD2   HD21   sing N N 226 
LEU CD2   HD22   sing N N 227 
LEU CD2   HD23   sing N N 228 
LEU OXT   HXT    sing N N 229 
LYS N     CA     sing N N 230 
LYS N     H      sing N N 231 
LYS N     H2     sing N N 232 
LYS CA    C      sing N N 233 
LYS CA    CB     sing N N 234 
LYS CA    HA     sing N N 235 
LYS C     O      doub N N 236 
LYS C     OXT    sing N N 237 
LYS CB    CG     sing N N 238 
LYS CB    HB2    sing N N 239 
LYS CB    HB3    sing N N 240 
LYS CG    CD     sing N N 241 
LYS CG    HG2    sing N N 242 
LYS CG    HG3    sing N N 243 
LYS CD    CE     sing N N 244 
LYS CD    HD2    sing N N 245 
LYS CD    HD3    sing N N 246 
LYS CE    NZ     sing N N 247 
LYS CE    HE2    sing N N 248 
LYS CE    HE3    sing N N 249 
LYS NZ    HZ1    sing N N 250 
LYS NZ    HZ2    sing N N 251 
LYS NZ    HZ3    sing N N 252 
LYS OXT   HXT    sing N N 253 
MET N     CA     sing N N 254 
MET N     H      sing N N 255 
MET N     H2     sing N N 256 
MET CA    C      sing N N 257 
MET CA    CB     sing N N 258 
MET CA    HA     sing N N 259 
MET C     O      doub N N 260 
MET C     OXT    sing N N 261 
MET CB    CG     sing N N 262 
MET CB    HB2    sing N N 263 
MET CB    HB3    sing N N 264 
MET CG    SD     sing N N 265 
MET CG    HG2    sing N N 266 
MET CG    HG3    sing N N 267 
MET SD    CE     sing N N 268 
MET CE    HE1    sing N N 269 
MET CE    HE2    sing N N 270 
MET CE    HE3    sing N N 271 
MET OXT   HXT    sing N N 272 
PHE N     CA     sing N N 273 
PHE N     H      sing N N 274 
PHE N     H2     sing N N 275 
PHE CA    C      sing N N 276 
PHE CA    CB     sing N N 277 
PHE CA    HA     sing N N 278 
PHE C     O      doub N N 279 
PHE C     OXT    sing N N 280 
PHE CB    CG     sing N N 281 
PHE CB    HB2    sing N N 282 
PHE CB    HB3    sing N N 283 
PHE CG    CD1    doub Y N 284 
PHE CG    CD2    sing Y N 285 
PHE CD1   CE1    sing Y N 286 
PHE CD1   HD1    sing N N 287 
PHE CD2   CE2    doub Y N 288 
PHE CD2   HD2    sing N N 289 
PHE CE1   CZ     doub Y N 290 
PHE CE1   HE1    sing N N 291 
PHE CE2   CZ     sing Y N 292 
PHE CE2   HE2    sing N N 293 
PHE CZ    HZ     sing N N 294 
PHE OXT   HXT    sing N N 295 
PRO N     CA     sing N N 296 
PRO N     CD     sing N N 297 
PRO N     H      sing N N 298 
PRO CA    C      sing N N 299 
PRO CA    CB     sing N N 300 
PRO CA    HA     sing N N 301 
PRO C     O      doub N N 302 
PRO C     OXT    sing N N 303 
PRO CB    CG     sing N N 304 
PRO CB    HB2    sing N N 305 
PRO CB    HB3    sing N N 306 
PRO CG    CD     sing N N 307 
PRO CG    HG2    sing N N 308 
PRO CG    HG3    sing N N 309 
PRO CD    HD2    sing N N 310 
PRO CD    HD3    sing N N 311 
PRO OXT   HXT    sing N N 312 
SER N     CA     sing N N 313 
SER N     H      sing N N 314 
SER N     H2     sing N N 315 
SER CA    C      sing N N 316 
SER CA    CB     sing N N 317 
SER CA    HA     sing N N 318 
SER C     O      doub N N 319 
SER C     OXT    sing N N 320 
SER CB    OG     sing N N 321 
SER CB    HB2    sing N N 322 
SER CB    HB3    sing N N 323 
SER OG    HG     sing N N 324 
SER OXT   HXT    sing N N 325 
THR N     CA     sing N N 326 
THR N     H      sing N N 327 
THR N     H2     sing N N 328 
THR CA    C      sing N N 329 
THR CA    CB     sing N N 330 
THR CA    HA     sing N N 331 
THR C     O      doub N N 332 
THR C     OXT    sing N N 333 
THR CB    OG1    sing N N 334 
THR CB    CG2    sing N N 335 
THR CB    HB     sing N N 336 
THR OG1   HG1    sing N N 337 
THR CG2   HG21   sing N N 338 
THR CG2   HG22   sing N N 339 
THR CG2   HG23   sing N N 340 
THR OXT   HXT    sing N N 341 
TYR N     CA     sing N N 342 
TYR N     H      sing N N 343 
TYR N     H2     sing N N 344 
TYR CA    C      sing N N 345 
TYR CA    CB     sing N N 346 
TYR CA    HA     sing N N 347 
TYR C     O      doub N N 348 
TYR C     OXT    sing N N 349 
TYR CB    CG     sing N N 350 
TYR CB    HB2    sing N N 351 
TYR CB    HB3    sing N N 352 
TYR CG    CD1    doub Y N 353 
TYR CG    CD2    sing Y N 354 
TYR CD1   CE1    sing Y N 355 
TYR CD1   HD1    sing N N 356 
TYR CD2   CE2    doub Y N 357 
TYR CD2   HD2    sing N N 358 
TYR CE1   CZ     doub Y N 359 
TYR CE1   HE1    sing N N 360 
TYR CE2   CZ     sing Y N 361 
TYR CE2   HE2    sing N N 362 
TYR CZ    OH     sing N N 363 
TYR OH    HH     sing N N 364 
TYR OXT   HXT    sing N N 365 
VAL N     CA     sing N N 366 
VAL N     H      sing N N 367 
VAL N     H2     sing N N 368 
VAL CA    C      sing N N 369 
VAL CA    CB     sing N N 370 
VAL CA    HA     sing N N 371 
VAL C     O      doub N N 372 
VAL C     OXT    sing N N 373 
VAL CB    CG1    sing N N 374 
VAL CB    CG2    sing N N 375 
VAL CB    HB     sing N N 376 
VAL CG1   HG11   sing N N 377 
VAL CG1   HG12   sing N N 378 
VAL CG1   HG13   sing N N 379 
VAL CG2   HG21   sing N N 380 
VAL CG2   HG22   sing N N 381 
VAL CG2   HG23   sing N N 382 
VAL OXT   HXT    sing N N 383 
# 
_atom_sites.entry_id                    1RPF 
_atom_sites.fract_transf_matrix[1][1]   -0.01195897 
_atom_sites.fract_transf_matrix[1][2]   0.00659105 
_atom_sites.fract_transf_matrix[1][3]   0.01125675 
_atom_sites.fract_transf_matrix[2][1]   -0.01247125 
_atom_sites.fract_transf_matrix[2][2]   -0.01053587 
_atom_sites.fract_transf_matrix[2][3]   0.00682987 
_atom_sites.fract_transf_matrix[3][1]   0.00920739 
_atom_sites.fract_transf_matrix[3][2]   -0.00330373 
_atom_sites.fract_transf_matrix[3][3]   0.01171617 
_atom_sites.fract_transf_vector[1]      0.330662 
_atom_sites.fract_transf_vector[2]      0.840189 
_atom_sites.fract_transf_vector[3]      0.071299 
# 
loop_
_atom_sites_footnote.id 
_atom_sites_footnote.text 
1 'ALA      19  - ALA      20               OMEGA = 149.89 PEPTIDE BOND DEVIATES SIGNIFICANTLY FROM TRANS CONFORMATION' 
2 'TYR      92  - PRO      93               OMEGA =  32.48 PEPTIDE BOND DEVIATES SIGNIFICANTLY FROM TRANS CONFORMATION' 
3 'CIS PROLINE - PRO     114'                                                                                           
# 
loop_
_atom_type.symbol 
C 
N 
O 
P 
S 
# 
loop_
_atom_site.group_PDB 
_atom_site.id 
_atom_site.type_symbol 
_atom_site.label_atom_id 
_atom_site.label_alt_id 
_atom_site.label_comp_id 
_atom_site.label_asym_id 
_atom_site.label_entity_id 
_atom_site.label_seq_id 
_atom_site.pdbx_PDB_ins_code 
_atom_site.Cartn_x 
_atom_site.Cartn_y 
_atom_site.Cartn_z 
_atom_site.occupancy 
_atom_site.B_iso_or_equiv 
_atom_site.pdbx_formal_charge 
_atom_site.auth_seq_id 
_atom_site.auth_comp_id 
_atom_site.auth_asym_id 
_atom_site.auth_atom_id 
_atom_site.pdbx_PDB_model_num 
ATOM   1    N N     . LYS A 1 1   ? 9.293   -2.714  -17.758 1.00 0.68 ? 1   LYS A N     1 
ATOM   2    C CA    . LYS A 1 1   ? 9.877   -3.776  -16.916 1.00 1.19 ? 1   LYS A CA    1 
ATOM   3    C C     . LYS A 1 1   ? 10.350  -3.170  -15.588 1.00 1.34 ? 1   LYS A C     1 
ATOM   4    O O     . LYS A 1 1   ? 11.549  -3.096  -15.304 1.00 1.14 ? 1   LYS A O     1 
ATOM   5    C CB    . LYS A 1 1   ? 10.981  -4.494  -17.611 1.00 0.85 ? 1   LYS A CB    1 
ATOM   6    C CG    . LYS A 1 1   ? 11.582  -5.628  -16.842 1.00 1.43 ? 1   LYS A CG    1 
ATOM   7    C CD    . LYS A 1 1   ? 11.061  -5.737  -15.434 1.00 1.14 ? 1   LYS A CD    1 
ATOM   8    C CE    . LYS A 1 1   ? 12.149  -6.325  -14.529 1.00 1.03 ? 1   LYS A CE    1 
ATOM   9    N NZ    . LYS A 1 1   ? 11.882  -7.753  -14.316 1.00 1.44 ? 1   LYS A NZ    1 
ATOM   10   N N     . GLU A 1 2   ? 9.362   -2.790  -14.857 1.00 0.54 ? 2   GLU A N     1 
ATOM   11   C CA    . GLU A 1 2   ? 9.275   -2.116  -13.583 1.00 0.58 ? 2   GLU A CA    1 
ATOM   12   C C     . GLU A 1 2   ? 10.265  -2.623  -12.563 1.00 0.43 ? 2   GLU A C     1 
ATOM   13   O O     . GLU A 1 2   ? 10.316  -3.736  -12.099 1.00 0.31 ? 2   GLU A O     1 
ATOM   14   C CB    . GLU A 1 2   ? 7.856   -2.285  -13.050 1.00 0.58 ? 2   GLU A CB    1 
ATOM   15   C CG    . GLU A 1 2   ? 7.339   -1.075  -12.357 1.00 0.50 ? 2   GLU A CG    1 
ATOM   16   C CD    . GLU A 1 2   ? 5.817   -1.226  -12.215 1.00 0.50 ? 2   GLU A CD    1 
ATOM   17   O OE1   . GLU A 1 2   ? 5.311   -2.365  -12.217 1.00 0.37 ? 2   GLU A OE1   1 
ATOM   18   O OE2   . GLU A 1 2   ? 5.153   -0.196  -12.232 1.00 0.53 ? 2   GLU A OE2   1 
ATOM   19   N N     . THR A 1 3   ? 11.079  -1.723  -12.024 1.00 0.34 ? 3   THR A N     1 
ATOM   20   C CA    . THR A 1 3   ? 11.725  -1.967  -10.760 1.00 0.32 ? 3   THR A CA    1 
ATOM   21   C C     . THR A 1 3   ? 10.748  -2.233  -9.626  1.00 0.54 ? 3   THR A C     1 
ATOM   22   O O     . THR A 1 3   ? 9.545   -1.957  -9.637  1.00 0.33 ? 3   THR A O     1 
ATOM   23   C CB    . THR A 1 3   ? 12.678  -0.839  -10.410 1.00 0.32 ? 3   THR A CB    1 
ATOM   24   O OG1   . THR A 1 3   ? 12.001  0.329   -10.047 1.00 0.34 ? 3   THR A OG1   1 
ATOM   25   C CG2   . THR A 1 3   ? 13.615  -0.528  -11.547 1.00 0.23 ? 3   THR A CG2   1 
ATOM   26   N N     . ALA A 1 4   ? 11.278  -2.821  -8.551  1.00 0.48 ? 4   ALA A N     1 
ATOM   27   C CA    . ALA A 1 4   ? 10.662  -3.065  -7.278  1.00 0.31 ? 4   ALA A CA    1 
ATOM   28   C C     . ALA A 1 4   ? 10.225  -1.801  -6.558  1.00 0.38 ? 4   ALA A C     1 
ATOM   29   O O     . ALA A 1 4   ? 9.093   -1.818  -6.071  1.00 0.42 ? 4   ALA A O     1 
ATOM   30   C CB    . ALA A 1 4   ? 11.503  -3.911  -6.346  1.00 0.27 ? 4   ALA A CB    1 
ATOM   31   N N     . ALA A 1 5   ? 11.077  -0.797  -6.523  1.00 0.27 ? 5   ALA A N     1 
ATOM   32   C CA    . ALA A 1 5   ? 10.771  0.551   -6.105  1.00 0.22 ? 5   ALA A CA    1 
ATOM   33   C C     . ALA A 1 5   ? 9.627   1.165   -6.858  1.00 0.31 ? 5   ALA A C     1 
ATOM   34   O O     . ALA A 1 5   ? 8.688   1.631   -6.218  1.00 0.29 ? 5   ALA A O     1 
ATOM   35   C CB    . ALA A 1 5   ? 11.989  1.421   -6.015  1.00 0.19 ? 5   ALA A CB    1 
ATOM   36   N N     . ALA A 1 6   ? 9.579   1.118   -8.178  1.00 0.26 ? 6   ALA A N     1 
ATOM   37   C CA    . ALA A 1 6   ? 8.571   1.786   -8.999  1.00 0.16 ? 6   ALA A CA    1 
ATOM   38   C C     . ALA A 1 6   ? 7.222   1.079   -8.865  1.00 0.26 ? 6   ALA A C     1 
ATOM   39   O O     . ALA A 1 6   ? 6.183   1.723   -9.013  1.00 0.32 ? 6   ALA A O     1 
ATOM   40   C CB    . ALA A 1 6   ? 8.997   1.650   -10.477 1.00 0.25 ? 6   ALA A CB    1 
ATOM   41   N N     . LYS A 1 7   ? 7.309   -0.194  -8.649  1.00 0.28 ? 7   LYS A N     1 
ATOM   42   C CA    . LYS A 1 7   ? 6.144   -1.104  -8.515  1.00 0.25 ? 7   LYS A CA    1 
ATOM   43   C C     . LYS A 1 7   ? 5.420   -0.823  -7.210  1.00 0.23 ? 7   LYS A C     1 
ATOM   44   O O     . LYS A 1 7   ? 4.219   -0.658  -7.149  1.00 0.36 ? 7   LYS A O     1 
ATOM   45   C CB    . LYS A 1 7   ? 6.691   -2.530  -8.513  1.00 0.42 ? 7   LYS A CB    1 
ATOM   46   C CG    . LYS A 1 7   ? 5.618   -3.512  -8.814  1.00 0.37 ? 7   LYS A CG    1 
ATOM   47   C CD    . LYS A 1 7   ? 5.488   -4.557  -7.717  1.00 0.79 ? 7   LYS A CD    1 
ATOM   48   C CE    . LYS A 1 7   ? 4.838   -5.777  -8.428  1.00 0.77 ? 7   LYS A CE    1 
ATOM   49   N NZ    . LYS A 1 7   ? 5.076   -5.519  -9.874  1.00 1.25 ? 7   LYS A NZ    1 
ATOM   50   N N     . PHE A 1 8   ? 6.169   -0.640  -6.139  1.00 0.24 ? 8   PHE A N     1 
ATOM   51   C CA    . PHE A 1 8   ? 5.636   -0.250  -4.836  1.00 0.28 ? 8   PHE A CA    1 
ATOM   52   C C     . PHE A 1 8   ? 4.988   1.116   -4.873  1.00 0.39 ? 8   PHE A C     1 
ATOM   53   O O     . PHE A 1 8   ? 3.936   1.380   -4.302  1.00 0.35 ? 8   PHE A O     1 
ATOM   54   C CB    . PHE A 1 8   ? 6.779   -0.273  -3.800  1.00 0.18 ? 8   PHE A CB    1 
ATOM   55   C CG    . PHE A 1 8   ? 6.309   0.297   -2.465  1.00 0.17 ? 8   PHE A CG    1 
ATOM   56   C CD1   . PHE A 1 8   ? 6.255   1.674   -2.227  1.00 0.27 ? 8   PHE A CD1   1 
ATOM   57   C CD2   . PHE A 1 8   ? 5.944   -0.547  -1.412  1.00 0.26 ? 8   PHE A CD2   1 
ATOM   58   C CE1   . PHE A 1 8   ? 5.882   2.261   -0.964  1.00 0.29 ? 8   PHE A CE1   1 
ATOM   59   C CE2   . PHE A 1 8   ? 5.546   -0.012  -0.167  1.00 0.21 ? 8   PHE A CE2   1 
ATOM   60   C CZ    . PHE A 1 8   ? 5.483   1.355   0.055   1.00 0.33 ? 8   PHE A CZ    1 
ATOM   61   N N     . GLU A 1 9   ? 5.633   2.102   -5.471  1.00 0.30 ? 9   GLU A N     1 
ATOM   62   C CA    . GLU A 1 9   ? 5.061   3.389   -5.760  1.00 0.17 ? 9   GLU A CA    1 
ATOM   63   C C     . GLU A 1 9   ? 3.760   3.260   -6.560  1.00 0.30 ? 9   GLU A C     1 
ATOM   64   O O     . GLU A 1 9   ? 2.778   3.924   -6.264  1.00 0.36 ? 9   GLU A O     1 
ATOM   65   C CB    . GLU A 1 9   ? 6.032   4.240   -6.582  1.00 0.30 ? 9   GLU A CB    1 
ATOM   66   C CG    . GLU A 1 9   ? 7.145   4.767   -5.732  1.00 0.28 ? 9   GLU A CG    1 
ATOM   67   C CD    . GLU A 1 9   ? 8.318   5.212   -6.596  1.00 0.32 ? 9   GLU A CD    1 
ATOM   68   O OE1   . GLU A 1 9   ? 8.266   5.201   -7.818  1.00 0.38 ? 9   GLU A OE1   1 
ATOM   69   O OE2   . GLU A 1 9   ? 9.370   5.566   -6.042  1.00 0.38 ? 9   GLU A OE2   1 
ATOM   70   N N     . ARG A 1 10  ? 3.736   2.494   -7.632  1.00 0.29 ? 10  ARG A N     1 
ATOM   71   C CA    . ARG A 1 10  ? 2.489   2.383   -8.400  1.00 0.42 ? 10  ARG A CA    1 
ATOM   72   C C     . ARG A 1 10  ? 1.392   1.731   -7.573  1.00 0.45 ? 10  ARG A C     1 
ATOM   73   O O     . ARG A 1 10  ? 0.241   2.240   -7.633  1.00 0.32 ? 10  ARG A O     1 
ATOM   74   C CB    . ARG A 1 10  ? 2.740   1.605   -9.689  1.00 0.33 ? 10  ARG A CB    1 
ATOM   75   C CG    . ARG A 1 10  ? 1.496   1.595   -10.601 1.00 0.28 ? 10  ARG A CG    1 
ATOM   76   C CD    . ARG A 1 10  ? 1.697   0.709   -11.810 1.00 0.33 ? 10  ARG A CD    1 
ATOM   77   N NE    . ARG A 1 10  ? 2.566   -0.467  -11.513 1.00 0.40 ? 10  ARG A NE    1 
ATOM   78   C CZ    . ARG A 1 10  ? 1.987   -1.684  -11.430 1.00 0.32 ? 10  ARG A CZ    1 
ATOM   79   N NH1   . ARG A 1 10  ? 0.671   -1.780  -11.343 1.00 0.41 ? 10  ARG A NH1   1 
ATOM   80   N NH2   . ARG A 1 10  ? 2.666   -2.817  -11.314 1.00 0.40 ? 10  ARG A NH2   1 
ATOM   81   N N     . GLN A 1 11  ? 1.670   0.748   -6.740  1.00 0.35 ? 11  GLN A N     1 
ATOM   82   C CA    . GLN A 1 11  ? 0.717   0.015   -5.914  1.00 0.22 ? 11  GLN A CA    1 
ATOM   83   C C     . GLN A 1 11  ? 0.184   0.723   -4.721  1.00 0.24 ? 11  GLN A C     1 
ATOM   84   O O     . GLN A 1 11  ? -0.982  0.563   -4.281  1.00 0.28 ? 11  GLN A O     1 
ATOM   85   C CB    . GLN A 1 11  ? 1.086   -1.410  -5.668  1.00 0.19 ? 11  GLN A CB    1 
ATOM   86   C CG    . GLN A 1 11  ? 1.578   -2.170  -6.896  1.00 0.26 ? 11  GLN A CG    1 
ATOM   87   C CD    . GLN A 1 11  ? 1.804   -3.638  -6.466  1.00 0.25 ? 11  GLN A CD    1 
ATOM   88   O OE1   . GLN A 1 11  ? 0.911   -4.531  -6.813  1.00 0.45 ? 11  GLN A OE1   1 
ATOM   89   N NE2   . GLN A 1 11  ? 2.755   -3.916  -5.620  1.00 0.30 ? 11  GLN A NE2   1 
ATOM   90   N N     . HIS A 1 12  ? 0.923   1.602   -4.082  1.00 0.22 ? 12  HIS A N     1 
ATOM   91   C CA    . HIS A 1 12  ? 0.744   1.926   -2.665  1.00 0.27 ? 12  HIS A CA    1 
ATOM   92   C C     . HIS A 1 12  ? 0.780   3.444   -2.464  1.00 0.33 ? 12  HIS A C     1 
ATOM   93   O O     . HIS A 1 12  ? 0.261   3.887   -1.473  1.00 0.29 ? 12  HIS A O     1 
ATOM   94   C CB    . HIS A 1 12  ? 1.946   1.344   -1.847  1.00 0.17 ? 12  HIS A CB    1 
ATOM   95   C CG    . HIS A 1 12  ? 1.756   -0.199  -1.857  1.00 0.12 ? 12  HIS A CG    1 
ATOM   96   N ND1   . HIS A 1 12  ? 0.562   -0.846  -1.526  1.00 0.25 ? 12  HIS A ND1   1 
ATOM   97   C CD2   . HIS A 1 12  ? 2.649   -1.099  -2.388  1.00 0.33 ? 12  HIS A CD2   1 
ATOM   98   C CE1   . HIS A 1 12  ? 0.777   -2.206  -1.737  1.00 0.17 ? 12  HIS A CE1   1 
ATOM   99   N NE2   . HIS A 1 12  ? 2.048   -2.307  -2.241  1.00 0.26 ? 12  HIS A NE2   1 
ATOM   100  N N     . MET A 1 13  ? 1.296   4.255   -3.382  1.00 0.30 ? 13  MET A N     1 
ATOM   101  C CA    . MET A 1 13  ? 1.396   5.706   -3.113  1.00 0.29 ? 13  MET A CA    1 
ATOM   102  C C     . MET A 1 13  ? 0.208   6.460   -3.653  1.00 0.23 ? 13  MET A C     1 
ATOM   103  O O     . MET A 1 13  ? -0.088  6.396   -4.878  1.00 0.31 ? 13  MET A O     1 
ATOM   104  C CB    . MET A 1 13  ? 2.695   6.257   -3.641  1.00 0.33 ? 13  MET A CB    1 
ATOM   105  C CG    . MET A 1 13  ? 3.912   5.647   -2.943  1.00 0.29 ? 13  MET A CG    1 
ATOM   106  S SD    . MET A 1 13  ? 3.971   6.036   -1.198  1.00 0.32 ? 13  MET A SD    1 
ATOM   107  C CE    . MET A 1 13  ? 3.542   7.751   -0.855  1.00 0.23 ? 13  MET A CE    1 
ATOM   108  N N     . ASP A 1 14  ? -0.464  7.211   -2.828  1.00 0.30 ? 14  ASP A N     1 
ATOM   109  C CA    . ASP A 1 14  ? -1.498  8.156   -3.170  1.00 0.42 ? 14  ASP A CA    1 
ATOM   110  C C     . ASP A 1 14  ? -1.373  9.465   -2.460  1.00 0.26 ? 14  ASP A C     1 
ATOM   111  O O     . ASP A 1 14  ? -2.121  9.862   -1.597  1.00 0.29 ? 14  ASP A O     1 
ATOM   112  C CB    . ASP A 1 14  ? -2.908  7.650   -3.216  1.00 0.47 ? 14  ASP A CB    1 
ATOM   113  C CG    . ASP A 1 14  ? -3.856  8.657   -3.875  1.00 0.38 ? 14  ASP A CG    1 
ATOM   114  O OD1   . ASP A 1 14  ? -3.428  9.725   -4.333  1.00 0.39 ? 14  ASP A OD1   1 
ATOM   115  O OD2   . ASP A 1 14  ? -5.059  8.576   -3.670  1.00 0.33 ? 14  ASP A OD2   1 
ATOM   116  N N     . SER A 1 15  ? -0.310  10.160  -2.851  1.00 0.28 ? 15  SER A N     1 
ATOM   117  C CA    . SER A 1 15  ? 0.098   11.378  -2.143  1.00 0.22 ? 15  SER A CA    1 
ATOM   118  C C     . SER A 1 15  ? -0.772  12.567  -2.523  1.00 0.34 ? 15  SER A C     1 
ATOM   119  O O     . SER A 1 15  ? -0.566  13.667  -1.968  1.00 0.79 ? 15  SER A O     1 
ATOM   120  C CB    . SER A 1 15  ? 1.569   11.665  -2.399  1.00 0.37 ? 15  SER A CB    1 
ATOM   121  O OG    . SER A 1 15  ? 2.084   10.744  -3.457  1.00 0.70 ? 15  SER A OG    1 
ATOM   122  N N     . SER A 1 16  ? -1.738  12.392  -3.387  1.00 0.42 ? 16  SER A N     1 
ATOM   123  C CA    . SER A 1 16  ? -2.522  13.410  -4.102  1.00 0.43 ? 16  SER A CA    1 
ATOM   124  C C     . SER A 1 16  ? -3.775  13.763  -3.319  1.00 0.53 ? 16  SER A C     1 
ATOM   125  O O     . SER A 1 16  ? -4.157  14.939  -3.266  1.00 0.72 ? 16  SER A O     1 
ATOM   126  C CB    . SER A 1 16  ? -2.785  13.060  -5.523  1.00 0.67 ? 16  SER A CB    1 
ATOM   127  O OG    . SER A 1 16  ? -4.112  12.709  -5.894  1.00 0.82 ? 16  SER A OG    1 
ATOM   128  N N     . THR A 1 17  ? -4.361  12.790  -2.652  1.00 0.55 ? 17  THR A N     1 
ATOM   129  C CA    . THR A 1 17  ? -5.399  12.930  -1.636  1.00 0.22 ? 17  THR A CA    1 
ATOM   130  C C     . THR A 1 17  ? -4.785  12.630  -0.250  1.00 0.47 ? 17  THR A C     1 
ATOM   131  O O     . THR A 1 17  ? -3.817  11.897  -0.122  1.00 0.55 ? 17  THR A O     1 
ATOM   132  C CB    . THR A 1 17  ? -6.561  12.000  -1.884  1.00 0.45 ? 17  THR A CB    1 
ATOM   133  O OG1   . THR A 1 17  ? -6.102  10.673  -2.181  1.00 0.55 ? 17  THR A OG1   1 
ATOM   134  C CG2   . THR A 1 17  ? -7.433  12.475  -2.994  1.00 1.44 ? 17  THR A CG2   1 
ATOM   135  N N     . SER A 1 18  ? -5.378  13.259  0.717   1.00 0.37 ? 18  SER A N     1 
ATOM   136  C CA    . SER A 1 18  ? -5.160  13.210  2.153   1.00 0.31 ? 18  SER A CA    1 
ATOM   137  C C     . SER A 1 18  ? -5.912  12.021  2.771   1.00 0.31 ? 18  SER A C     1 
ATOM   138  O O     . SER A 1 18  ? -5.550  11.574  3.863   1.00 0.38 ? 18  SER A O     1 
ATOM   139  C CB    . SER A 1 18  ? -5.748  14.502  2.782   1.00 0.40 ? 18  SER A CB    1 
ATOM   140  O OG    . SER A 1 18  ? -6.961  14.846  2.108   1.00 1.37 ? 18  SER A OG    1 
ATOM   141  N N     . ALA A 1 19  ? -6.942  11.589  2.117   1.00 0.34 ? 19  ALA A N     1 
ATOM   142  C CA    . ALA A 1 19  ? -7.869  10.523  2.505   1.00 0.27 ? 19  ALA A CA    1 
ATOM   143  C C     . ALA A 1 19  ? -8.848  10.256  1.358   1.00 0.59 ? 19  ALA A C     1 
ATOM   144  O O     . ALA A 1 19  ? -9.142  11.209  0.618   1.00 0.53 ? 19  ALA A O     1 
ATOM   145  C CB    . ALA A 1 19  ? -8.606  10.956  3.766   1.00 0.28 ? 19  ALA A CB    1 
ATOM   146  N N     . ALA A 1 20  ? -9.210  9.008   1.171   1.00 0.44 ? 20  ALA A N     1 
ATOM   147  C CA    . ALA A 1 20  ? -10.432 8.454   0.657   1.00 0.54 ? 20  ALA A CA    1 
ATOM   148  C C     . ALA A 1 20  ? -11.692 9.093   1.244   1.00 0.75 ? 20  ALA A C     1 
ATOM   149  O O     . ALA A 1 20  ? -12.129 8.728   2.348   1.00 0.78 ? 20  ALA A O     1 
ATOM   150  C CB    . ALA A 1 20  ? -10.488 6.952   0.824   1.00 0.33 ? 20  ALA A CB    1 
ATOM   151  N N     . SER A 1 21  ? -12.323 9.936   0.499   1.00 0.66 ? 21  SER A N     1 
ATOM   152  C CA    . SER A 1 21  ? -13.591 10.611  0.516   1.00 1.42 ? 21  SER A CA    1 
ATOM   153  C C     . SER A 1 21  ? -14.796 9.742   0.215   1.00 1.14 ? 21  SER A C     1 
ATOM   154  O O     . SER A 1 21  ? -15.836 9.882   0.900   1.00 1.42 ? 21  SER A O     1 
ATOM   155  C CB    . SER A 1 21  ? -13.603 11.850  -0.361  1.00 1.25 ? 21  SER A CB    1 
ATOM   156  O OG    . SER A 1 21  ? -14.052 11.557  -1.693  1.00 1.42 ? 21  SER A OG    1 
ATOM   157  N N     . SER A 1 22  ? -14.763 8.907   -0.785  1.00 0.96 ? 22  SER A N     1 
ATOM   158  C CA    . SER A 1 22  ? -15.762 8.021   -1.302  1.00 0.56 ? 22  SER A CA    1 
ATOM   159  C C     . SER A 1 22  ? -15.536 6.555   -1.029  1.00 0.46 ? 22  SER A C     1 
ATOM   160  O O     . SER A 1 22  ? -14.445 6.009   -0.880  1.00 0.70 ? 22  SER A O     1 
ATOM   161  C CB    . SER A 1 22  ? -16.181 8.299   -2.714  1.00 0.95 ? 22  SER A CB    1 
ATOM   162  O OG    . SER A 1 22  ? -15.316 7.822   -3.731  1.00 0.89 ? 22  SER A OG    1 
ATOM   163  N N     . SER A 1 23  ? -16.641 5.820   -0.963  1.00 0.38 ? 23  SER A N     1 
ATOM   164  C CA    . SER A 1 23  ? -16.708 4.356   -0.872  1.00 0.55 ? 23  SER A CA    1 
ATOM   165  C C     . SER A 1 23  ? -16.240 3.738   -2.193  1.00 0.38 ? 23  SER A C     1 
ATOM   166  O O     . SER A 1 23  ? -15.965 2.562   -2.268  1.00 0.49 ? 23  SER A O     1 
ATOM   167  C CB    . SER A 1 23  ? -18.189 3.962   -0.666  1.00 0.41 ? 23  SER A CB    1 
ATOM   168  O OG    . SER A 1 23  ? -18.871 4.161   -1.927  1.00 0.92 ? 23  SER A OG    1 
ATOM   169  N N     . ASN A 1 24  ? -16.266 4.605   -3.208  1.00 0.26 ? 24  ASN A N     1 
ATOM   170  C CA    . ASN A 1 24  ? -15.847 4.306   -4.542  1.00 0.50 ? 24  ASN A CA    1 
ATOM   171  C C     . ASN A 1 24  ? -14.345 4.366   -4.731  1.00 0.39 ? 24  ASN A C     1 
ATOM   172  O O     . ASN A 1 24  ? -13.925 3.910   -5.797  1.00 0.35 ? 24  ASN A O     1 
ATOM   173  C CB    . ASN A 1 24  ? -16.471 5.303   -5.567  1.00 0.45 ? 24  ASN A CB    1 
ATOM   174  C CG    . ASN A 1 24  ? -17.480 4.367   -6.293  1.00 0.67 ? 24  ASN A CG    1 
ATOM   175  O OD1   . ASN A 1 24  ? -18.752 4.573   -6.075  1.00 1.38 ? 24  ASN A OD1   1 
ATOM   176  N ND2   . ASN A 1 24  ? -17.010 3.316   -6.906  1.00 1.25 ? 24  ASN A ND2   1 
ATOM   177  N N     . TYR A 1 25  ? -13.631 4.895   -3.763  1.00 0.33 ? 25  TYR A N     1 
ATOM   178  C CA    . TYR A 1 25  ? -12.186 5.067   -3.803  1.00 0.32 ? 25  TYR A CA    1 
ATOM   179  C C     . TYR A 1 25  ? -11.448 3.847   -4.248  1.00 0.35 ? 25  TYR A C     1 
ATOM   180  O O     . TYR A 1 25  ? -10.659 3.908   -5.209  1.00 0.33 ? 25  TYR A O     1 
ATOM   181  C CB    . TYR A 1 25  ? -11.625 5.717   -2.581  1.00 0.29 ? 25  TYR A CB    1 
ATOM   182  C CG    . TYR A 1 25  ? -10.102 5.899   -2.627  1.00 0.32 ? 25  TYR A CG    1 
ATOM   183  C CD1   . TYR A 1 25  ? -9.274  4.800   -2.309  1.00 0.25 ? 25  TYR A CD1   1 
ATOM   184  C CD2   . TYR A 1 25  ? -9.529  7.112   -2.972  1.00 0.41 ? 25  TYR A CD2   1 
ATOM   185  C CE1   . TYR A 1 25  ? -7.889  4.943   -2.348  1.00 0.27 ? 25  TYR A CE1   1 
ATOM   186  C CE2   . TYR A 1 25  ? -8.129  7.278   -2.983  1.00 0.29 ? 25  TYR A CE2   1 
ATOM   187  C CZ    . TYR A 1 25  ? -7.319  6.175   -2.649  1.00 0.28 ? 25  TYR A CZ    1 
ATOM   188  O OH    . TYR A 1 25  ? -5.956  6.297   -2.695  1.00 0.33 ? 25  TYR A OH    1 
ATOM   189  N N     . CYS A 1 26  ? -11.758 2.671   -3.705  1.00 0.31 ? 26  CYS A N     1 
ATOM   190  C CA    . CYS A 1 26  ? -10.992 1.480   -4.053  1.00 0.25 ? 26  CYS A CA    1 
ATOM   191  C C     . CYS A 1 26  ? -11.195 1.009   -5.445  1.00 0.27 ? 26  CYS A C     1 
ATOM   192  O O     . CYS A 1 26  ? -10.290 0.650   -6.215  1.00 0.41 ? 26  CYS A O     1 
ATOM   193  C CB    . CYS A 1 26  ? -11.183 0.367   -3.028  1.00 0.31 ? 26  CYS A CB    1 
ATOM   194  S SG    . CYS A 1 26  ? -10.261 0.832   -1.503  1.00 0.31 ? 26  CYS A SG    1 
ATOM   195  N N     . ASN A 1 27  ? -12.437 0.952   -5.829  1.00 0.33 ? 27  ASN A N     1 
ATOM   196  C CA    . ASN A 1 27  ? -12.839 0.636   -7.209  1.00 0.45 ? 27  ASN A CA    1 
ATOM   197  C C     . ASN A 1 27  ? -12.103 1.436   -8.254  1.00 0.27 ? 27  ASN A C     1 
ATOM   198  O O     . ASN A 1 27  ? -11.477 0.881   -9.178  1.00 0.31 ? 27  ASN A O     1 
ATOM   199  C CB    . ASN A 1 27  ? -14.347 0.886   -7.331  1.00 0.52 ? 27  ASN A CB    1 
ATOM   200  C CG    . ASN A 1 27  ? -15.116 -0.173  -6.518  1.00 0.44 ? 27  ASN A CG    1 
ATOM   201  O OD1   . ASN A 1 27  ? -16.172 0.167   -5.807  1.00 1.41 ? 27  ASN A OD1   1 
ATOM   202  N ND2   . ASN A 1 27  ? -14.655 -1.412  -6.504  1.00 0.29 ? 27  ASN A ND2   1 
ATOM   203  N N     . GLN A 1 28  ? -12.033 2.746   -8.111  1.00 0.32 ? 28  GLN A N     1 
ATOM   204  C CA    . GLN A 1 28  ? -11.342 3.574   -9.124  1.00 0.27 ? 28  GLN A CA    1 
ATOM   205  C C     . GLN A 1 28  ? -9.845  3.364   -9.034  1.00 0.34 ? 28  GLN A C     1 
ATOM   206  O O     . GLN A 1 28  ? -9.194  3.204   -10.043 1.00 0.49 ? 28  GLN A O     1 
ATOM   207  C CB    . GLN A 1 28  ? -11.651 5.066   -8.866  1.00 0.29 ? 28  GLN A CB    1 
ATOM   208  C CG    . GLN A 1 28  ? -13.119 5.383   -9.019  1.00 1.02 ? 28  GLN A CG    1 
ATOM   209  C CD    . GLN A 1 28  ? -13.609 6.417   -8.003  1.00 1.43 ? 28  GLN A CD    1 
ATOM   210  O OE1   . GLN A 1 28  ? -14.915 6.491   -7.703  1.00 1.43 ? 28  GLN A OE1   1 
ATOM   211  N NE2   . GLN A 1 28  ? -12.739 7.228   -7.399  1.00 1.29 ? 28  GLN A NE2   1 
ATOM   212  N N     . MET A 1 29  ? -9.260  3.345   -7.834  1.00 0.42 ? 29  MET A N     1 
ATOM   213  C CA    . MET A 1 29  ? -7.780  3.263   -7.751  1.00 0.16 ? 29  MET A CA    1 
ATOM   214  C C     . MET A 1 29  ? -7.247  1.957   -8.145  1.00 0.13 ? 29  MET A C     1 
ATOM   215  O O     . MET A 1 29  ? -6.138  1.779   -8.597  1.00 0.39 ? 29  MET A O     1 
ATOM   216  C CB    . MET A 1 29  ? -7.326  3.663   -6.362  1.00 0.27 ? 29  MET A CB    1 
ATOM   217  C CG    . MET A 1 29  ? -7.636  5.189   -6.322  1.00 0.25 ? 29  MET A CG    1 
ATOM   218  S SD    . MET A 1 29  ? -6.177  6.006   -7.055  1.00 0.48 ? 29  MET A SD    1 
ATOM   219  C CE    . MET A 1 29  ? -4.680  5.343   -6.229  1.00 0.37 ? 29  MET A CE    1 
ATOM   220  N N     . MET A 1 30  ? -8.095  0.915   -7.898  1.00 0.26 ? 30  MET A N     1 
ATOM   221  C CA    . MET A 1 30  ? -7.441  -0.417  -8.103  1.00 0.19 ? 30  MET A CA    1 
ATOM   222  C C     . MET A 1 30  ? -7.276  -0.632  -9.609  1.00 0.50 ? 30  MET A C     1 
ATOM   223  O O     . MET A 1 30  ? -6.325  -1.162  -10.125 1.00 0.40 ? 30  MET A O     1 
ATOM   224  C CB    . MET A 1 30  ? -8.422  -1.479  -7.566  1.00 0.30 ? 30  MET A CB    1 
ATOM   225  C CG    . MET A 1 30  ? -8.365  -1.422  -6.027  1.00 0.34 ? 30  MET A CG    1 
ATOM   226  S SD    . MET A 1 30  ? -6.690  -1.897  -5.456  1.00 0.31 ? 30  MET A SD    1 
ATOM   227  C CE    . MET A 1 30  ? -6.368  -3.620  -5.765  1.00 0.25 ? 30  MET A CE    1 
ATOM   228  N N     . LYS A 1 31  ? -8.238  -0.002  -10.257 1.00 0.41 ? 31  LYS A N     1 
ATOM   229  C CA    . LYS A 1 31  ? -8.412  -0.169  -11.719 1.00 0.55 ? 31  LYS A CA    1 
ATOM   230  C C     . LYS A 1 31  ? -7.374  0.708   -12.429 1.00 0.37 ? 31  LYS A C     1 
ATOM   231  O O     . LYS A 1 31  ? -6.527  0.282   -13.189 1.00 0.48 ? 31  LYS A O     1 
ATOM   232  C CB    . LYS A 1 31  ? -9.820  0.324   -12.050 1.00 0.74 ? 31  LYS A CB    1 
ATOM   233  C CG    . LYS A 1 31  ? -10.032 0.514   -13.519 1.00 1.32 ? 31  LYS A CG    1 
ATOM   234  C CD    . LYS A 1 31  ? -11.223 -0.286  -14.015 1.00 0.84 ? 31  LYS A CD    1 
ATOM   235  C CE    . LYS A 1 31  ? -10.748 -1.372  -14.983 1.00 1.38 ? 31  LYS A CE    1 
ATOM   236  N NZ    . LYS A 1 31  ? -11.132 -1.070  -16.375 1.00 1.37 ? 31  LYS A NZ    1 
ATOM   237  N N     . SER A 1 32  ? -7.350  1.938   -12.034 1.00 0.32 ? 32  SER A N     1 
ATOM   238  C CA    . SER A 1 32  ? -6.455  2.997   -12.345 1.00 0.39 ? 32  SER A CA    1 
ATOM   239  C C     . SER A 1 32  ? -5.006  2.802   -12.125 1.00 0.54 ? 32  SER A C     1 
ATOM   240  O O     . SER A 1 32  ? -4.169  3.416   -12.871 1.00 0.47 ? 32  SER A O     1 
ATOM   241  C CB    . SER A 1 32  ? -6.999  4.349   -12.016 1.00 0.31 ? 32  SER A CB    1 
ATOM   242  O OG    . SER A 1 32  ? -6.395  5.102   -11.033 1.00 0.50 ? 32  SER A OG    1 
ATOM   243  N N     . ARG A 1 33  ? -4.558  2.056   -11.134 1.00 0.49 ? 33  ARG A N     1 
ATOM   244  C CA    . ARG A 1 33  ? -3.111  1.737   -10.984 1.00 0.41 ? 33  ARG A CA    1 
ATOM   245  C C     . ARG A 1 33  ? -2.859  0.357   -11.570 1.00 0.37 ? 33  ARG A C     1 
ATOM   246  O O     . ARG A 1 33  ? -1.787  -0.181  -11.545 1.00 0.51 ? 33  ARG A O     1 
ATOM   247  C CB    . ARG A 1 33  ? -2.787  1.699   -9.470  1.00 0.26 ? 33  ARG A CB    1 
ATOM   248  C CG    . ARG A 1 33  ? -2.922  3.142   -8.960  1.00 0.23 ? 33  ARG A CG    1 
ATOM   249  C CD    . ARG A 1 33  ? -1.908  4.035   -9.599  1.00 0.20 ? 33  ARG A CD    1 
ATOM   250  N NE    . ARG A 1 33  ? -1.884  5.372   -8.983  1.00 0.28 ? 33  ARG A NE    1 
ATOM   251  C CZ    . ARG A 1 33  ? -1.320  5.737   -7.849  1.00 0.37 ? 33  ARG A CZ    1 
ATOM   252  N NH1   . ARG A 1 33  ? -0.564  4.907   -7.106  1.00 0.26 ? 33  ARG A NH1   1 
ATOM   253  N NH2   . ARG A 1 33  ? -1.536  6.960   -7.321  1.00 0.26 ? 33  ARG A NH2   1 
ATOM   254  N N     . ASN A 1 34  ? -3.888  -0.252  -12.167 1.00 0.40 ? 34  ASN A N     1 
ATOM   255  C CA    . ASN A 1 34  ? -3.618  -1.315  -13.139 1.00 0.29 ? 34  ASN A CA    1 
ATOM   256  C C     . ASN A 1 34  ? -3.495  -2.632  -12.401 1.00 0.25 ? 34  ASN A C     1 
ATOM   257  O O     . ASN A 1 34  ? -2.741  -3.528  -12.775 1.00 0.54 ? 34  ASN A O     1 
ATOM   258  C CB    . ASN A 1 34  ? -2.372  -1.043  -13.963 1.00 0.55 ? 34  ASN A CB    1 
ATOM   259  C CG    . ASN A 1 34  ? -2.638  0.035   -15.041 1.00 0.51 ? 34  ASN A CG    1 
ATOM   260  O OD1   . ASN A 1 34  ? -3.786  0.076   -15.686 1.00 0.87 ? 34  ASN A OD1   1 
ATOM   261  N ND2   . ASN A 1 34  ? -1.736  0.984   -15.279 1.00 0.84 ? 34  ASN A ND2   1 
ATOM   262  N N     . LEU A 1 35  ? -4.344  -2.691  -11.372 1.00 0.35 ? 35  LEU A N     1 
ATOM   263  C CA    . LEU A 1 35  ? -4.233  -3.785  -10.396 1.00 0.62 ? 35  LEU A CA    1 
ATOM   264  C C     . LEU A 1 35  ? -5.358  -4.808  -10.568 1.00 0.50 ? 35  LEU A C     1 
ATOM   265  O O     . LEU A 1 35  ? -5.254  -5.860  -9.925  1.00 0.52 ? 35  LEU A O     1 
ATOM   266  C CB    . LEU A 1 35  ? -4.206  -3.269  -8.972  1.00 0.37 ? 35  LEU A CB    1 
ATOM   267  C CG    . LEU A 1 35  ? -3.135  -2.310  -8.633  1.00 0.35 ? 35  LEU A CG    1 
ATOM   268  C CD1   . LEU A 1 35  ? -3.264  -1.486  -7.402  1.00 0.41 ? 35  LEU A CD1   1 
ATOM   269  C CD2   . LEU A 1 35  ? -1.725  -2.684  -8.987  1.00 0.47 ? 35  LEU A CD2   1 
ATOM   270  N N     . THR A 1 36  ? -6.359  -4.549  -11.389 1.00 0.55 ? 36  THR A N     1 
ATOM   271  C CA    . THR A 1 36  ? -7.473  -5.426  -11.724 1.00 0.56 ? 36  THR A CA    1 
ATOM   272  C C     . THR A 1 36  ? -7.315  -6.024  -13.130 1.00 0.75 ? 36  THR A C     1 
ATOM   273  O O     . THR A 1 36  ? -8.253  -6.680  -13.623 1.00 0.71 ? 36  THR A O     1 
ATOM   274  C CB    . THR A 1 36  ? -8.803  -4.715  -11.636 1.00 0.40 ? 36  THR A CB    1 
ATOM   275  O OG1   . THR A 1 36  ? -8.817  -3.558  -12.474 1.00 0.58 ? 36  THR A OG1   1 
ATOM   276  C CG2   . THR A 1 36  ? -9.039  -4.250  -10.220 1.00 0.74 ? 36  THR A CG2   1 
ATOM   277  N N     . LYS A 1 37  ? -6.160  -5.834  -13.675 1.00 0.93 ? 37  LYS A N     1 
ATOM   278  C CA    . LYS A 1 37  ? -5.672  -6.125  -14.999 1.00 0.59 ? 37  LYS A CA    1 
ATOM   279  C C     . LYS A 1 37  ? -5.933  -7.566  -15.411 1.00 0.71 ? 37  LYS A C     1 
ATOM   280  O O     . LYS A 1 37  ? -6.784  -7.804  -16.257 1.00 0.84 ? 37  LYS A O     1 
ATOM   281  C CB    . LYS A 1 37  ? -4.174  -5.836  -15.120 1.00 1.30 ? 37  LYS A CB    1 
ATOM   282  C CG    . LYS A 1 37  ? -3.946  -4.743  -16.147 1.00 1.40 ? 37  LYS A CG    1 
ATOM   283  C CD    . LYS A 1 37  ? -3.490  -5.297  -17.489 1.00 1.37 ? 37  LYS A CD    1 
ATOM   284  C CE    . LYS A 1 37  ? -3.849  -4.321  -18.618 1.00 1.36 ? 37  LYS A CE    1 
ATOM   285  N NZ    . LYS A 1 37  ? -3.092  -4.641  -19.854 1.00 1.34 ? 37  LYS A NZ    1 
ATOM   286  N N     . ASP A 1 38  ? -5.176  -8.491  -14.857 1.00 0.71 ? 38  ASP A N     1 
ATOM   287  C CA    . ASP A 1 38  ? -5.314  -9.908  -15.229 1.00 0.69 ? 38  ASP A CA    1 
ATOM   288  C C     . ASP A 1 38  ? -6.250  -10.619 -14.271 1.00 0.72 ? 38  ASP A C     1 
ATOM   289  O O     . ASP A 1 38  ? -6.696  -11.738 -14.547 1.00 1.30 ? 38  ASP A O     1 
ATOM   290  C CB    . ASP A 1 38  ? -3.940  -10.559 -15.259 1.00 1.20 ? 38  ASP A CB    1 
ATOM   291  N N     . ARG A 1 39  ? -6.607  -9.953  -13.186 1.00 1.27 ? 39  ARG A N     1 
ATOM   292  C CA    . ARG A 1 39  ? -7.177  -10.603 -11.989 1.00 0.49 ? 39  ARG A CA    1 
ATOM   293  C C     . ARG A 1 39  ? -7.648  -9.566  -10.984 1.00 0.60 ? 39  ARG A C     1 
ATOM   294  O O     . ARG A 1 39  ? -7.263  -8.388  -11.133 1.00 0.58 ? 39  ARG A O     1 
ATOM   295  C CB    . ARG A 1 39  ? -6.130  -11.510 -11.359 1.00 0.56 ? 39  ARG A CB    1 
ATOM   296  C CG    . ARG A 1 39  ? -5.068  -10.694 -10.624 1.00 1.43 ? 39  ARG A CG    1 
ATOM   297  C CD    . ARG A 1 39  ? -4.336  -11.608 -9.621  1.00 1.35 ? 39  ARG A CD    1 
ATOM   298  N NE    . ARG A 1 39  ? -3.561  -10.775 -8.682  1.00 1.35 ? 39  ARG A NE    1 
ATOM   299  C CZ    . ARG A 1 39  ? -2.833  -11.360 -7.702  1.00 1.39 ? 39  ARG A CZ    1 
ATOM   300  N NH1   . ARG A 1 39  ? -3.213  -12.526 -7.178  1.00 1.12 ? 39  ARG A NH1   1 
ATOM   301  N NH2   . ARG A 1 39  ? -1.726  -10.739 -7.281  1.00 1.39 ? 39  ARG A NH2   1 
ATOM   302  N N     . CYS A 1 40  ? -8.465  -9.908  -10.012 1.00 0.59 ? 40  CYS A N     1 
ATOM   303  C CA    . CYS A 1 40  ? -8.794  -8.910  -8.920  1.00 0.32 ? 40  CYS A CA    1 
ATOM   304  C C     . CYS A 1 40  ? -7.795  -9.209  -7.779  1.00 0.41 ? 40  CYS A C     1 
ATOM   305  O O     . CYS A 1 40  ? -8.002  -10.204 -7.119  1.00 0.42 ? 40  CYS A O     1 
ATOM   306  C CB    . CYS A 1 40  ? -10.183 -9.304  -8.350  1.00 0.31 ? 40  CYS A CB    1 
ATOM   307  S SG    . CYS A 1 40  ? -11.457 -9.122  -9.605  1.00 0.45 ? 40  CYS A SG    1 
ATOM   308  N N     . LYS A 1 41  ? -6.834  -8.397  -7.544  1.00 0.46 ? 41  LYS A N     1 
ATOM   309  C CA    . LYS A 1 41  ? -5.993  -8.421  -6.330  1.00 0.29 ? 41  LYS A CA    1 
ATOM   310  C C     . LYS A 1 41  ? -6.864  -8.389  -5.079  1.00 0.26 ? 41  LYS A C     1 
ATOM   311  O O     . LYS A 1 41  ? -7.692  -7.465  -4.981  1.00 0.34 ? 41  LYS A O     1 
ATOM   312  C CB    . LYS A 1 41  ? -5.154  -7.110  -6.347  1.00 0.42 ? 41  LYS A CB    1 
ATOM   313  C CG    . LYS A 1 41  ? -3.740  -7.341  -6.036  1.00 0.40 ? 41  LYS A CG    1 
ATOM   314  C CD    . LYS A 1 41  ? -2.826  -6.164  -5.899  1.00 0.30 ? 41  LYS A CD    1 
ATOM   315  C CE    . LYS A 1 41  ? -1.816  -6.512  -4.778  1.00 0.27 ? 41  LYS A CE    1 
ATOM   316  N NZ    . LYS A 1 41  ? -0.933  -5.422  -4.510  1.00 0.46 ? 41  LYS A NZ    1 
ATOM   317  N N     . PRO A 1 42  ? -6.666  -9.269  -4.100  1.00 0.38 ? 42  PRO A N     1 
ATOM   318  C CA    . PRO A 1 42  ? -7.581  -9.356  -2.953  1.00 0.36 ? 42  PRO A CA    1 
ATOM   319  C C     . PRO A 1 42  ? -7.450  -8.167  -2.033  1.00 0.26 ? 42  PRO A C     1 
ATOM   320  O O     . PRO A 1 42  ? -8.464  -7.731  -1.478  1.00 0.42 ? 42  PRO A O     1 
ATOM   321  C CB    . PRO A 1 42  ? -7.095  -10.631 -2.284  1.00 0.26 ? 42  PRO A CB    1 
ATOM   322  C CG    . PRO A 1 42  ? -6.403  -11.447 -3.327  1.00 0.50 ? 42  PRO A CG    1 
ATOM   323  C CD    . PRO A 1 42  ? -5.848  -10.448 -4.338  1.00 0.21 ? 42  PRO A CD    1 
ATOM   324  N N     . VAL A 1 43  ? -6.228  -7.721  -1.762  1.00 0.33 ? 43  VAL A N     1 
ATOM   325  C CA    . VAL A 1 43  ? -5.931  -6.678  -0.755  1.00 0.40 ? 43  VAL A CA    1 
ATOM   326  C C     . VAL A 1 43  ? -4.849  -5.749  -1.301  1.00 0.29 ? 43  VAL A C     1 
ATOM   327  O O     . VAL A 1 43  ? -3.902  -6.217  -1.887  1.00 0.29 ? 43  VAL A O     1 
ATOM   328  C CB    . VAL A 1 43  ? -5.349  -7.376  0.504   1.00 0.33 ? 43  VAL A CB    1 
ATOM   329  C CG1   . VAL A 1 43  ? -5.165  -6.344  1.598   1.00 0.27 ? 43  VAL A CG1   1 
ATOM   330  C CG2   . VAL A 1 43  ? -6.169  -8.545  1.090   1.00 0.36 ? 43  VAL A CG2   1 
ATOM   331  N N     . ASN A 1 44  ? -5.029  -4.450  -1.168  1.00 0.31 ? 44  ASN A N     1 
ATOM   332  C CA    . ASN A 1 44  ? -3.947  -3.502  -1.547  1.00 0.28 ? 44  ASN A CA    1 
ATOM   333  C C     . ASN A 1 44  ? -4.070  -2.256  -0.690  1.00 0.33 ? 44  ASN A C     1 
ATOM   334  O O     . ASN A 1 44  ? -5.161  -1.804  -0.438  1.00 0.25 ? 44  ASN A O     1 
ATOM   335  C CB    . ASN A 1 44  ? -4.188  -3.161  -3.032  1.00 0.18 ? 44  ASN A CB    1 
ATOM   336  C CG    . ASN A 1 44  ? -2.966  -2.380  -3.531  1.00 0.19 ? 44  ASN A CG    1 
ATOM   337  O OD1   . ASN A 1 44  ? -1.841  -3.007  -3.622  1.00 0.28 ? 44  ASN A OD1   1 
ATOM   338  N ND2   . ASN A 1 44  ? -2.989  -1.087  -3.668  1.00 0.13 ? 44  ASN A ND2   1 
ATOM   339  N N     . THR A 1 45  ? -3.041  -1.705  -0.052  1.00 0.26 ? 45  THR A N     1 
ATOM   340  C CA    . THR A 1 45  ? -3.141  -0.453  0.675   1.00 0.30 ? 45  THR A CA    1 
ATOM   341  C C     . THR A 1 45  ? -2.622  0.752   -0.084  1.00 0.30 ? 45  THR A C     1 
ATOM   342  O O     . THR A 1 45  ? -1.607  0.667   -0.710  1.00 0.29 ? 45  THR A O     1 
ATOM   343  C CB    . THR A 1 45  ? -2.294  -0.566  1.975   1.00 0.26 ? 45  THR A CB    1 
ATOM   344  O OG1   . THR A 1 45  ? -2.823  -1.676  2.678   1.00 0.27 ? 45  THR A OG1   1 
ATOM   345  C CG2   . THR A 1 45  ? -2.557  0.675   2.825   1.00 0.19 ? 45  THR A CG2   1 
ATOM   346  N N     . PHE A 1 46  ? -3.249  1.887   0.154   1.00 0.20 ? 46  PHE A N     1 
ATOM   347  C CA    . PHE A 1 46  ? -2.791  3.111   -0.576  1.00 0.29 ? 46  PHE A CA    1 
ATOM   348  C C     . PHE A 1 46  ? -2.413  4.112   0.532   1.00 0.28 ? 46  PHE A C     1 
ATOM   349  O O     . PHE A 1 46  ? -3.081  4.004   1.539   1.00 0.25 ? 46  PHE A O     1 
ATOM   350  C CB    . PHE A 1 46  ? -4.004  3.696   -1.349  1.00 0.32 ? 46  PHE A CB    1 
ATOM   351  C CG    . PHE A 1 46  ? -4.163  3.065   -2.737  1.00 0.24 ? 46  PHE A CG    1 
ATOM   352  C CD1   . PHE A 1 46  ? -3.275  3.357   -3.786  1.00 0.34 ? 46  PHE A CD1   1 
ATOM   353  C CD2   . PHE A 1 46  ? -5.201  2.154   -3.016  1.00 0.26 ? 46  PHE A CD2   1 
ATOM   354  C CE1   . PHE A 1 46  ? -3.383  2.795   -5.069  1.00 0.26 ? 46  PHE A CE1   1 
ATOM   355  C CE2   . PHE A 1 46  ? -5.325  1.550   -4.332  1.00 0.31 ? 46  PHE A CE2   1 
ATOM   356  C CZ    . PHE A 1 46  ? -4.419  1.879   -5.344  1.00 0.28 ? 46  PHE A CZ    1 
ATOM   357  N N     . VAL A 1 47  ? -1.370  4.855   0.451   1.00 0.28 ? 47  VAL A N     1 
ATOM   358  C CA    . VAL A 1 47  ? -0.766  5.673   1.464   1.00 0.24 ? 47  VAL A CA    1 
ATOM   359  C C     . VAL A 1 47  ? -0.821  7.133   1.040   1.00 0.24 ? 47  VAL A C     1 
ATOM   360  O O     . VAL A 1 47  ? -0.440  7.438   -0.056  1.00 0.33 ? 47  VAL A O     1 
ATOM   361  C CB    . VAL A 1 47  ? 0.653   5.261   1.845   1.00 0.43 ? 47  VAL A CB    1 
ATOM   362  C CG1   . VAL A 1 47  ? 1.188   6.113   3.029   1.00 0.24 ? 47  VAL A CG1   1 
ATOM   363  C CG2   . VAL A 1 47  ? 0.958   3.804   2.255   1.00 0.24 ? 47  VAL A CG2   1 
ATOM   364  N N     . HIS A 1 48  ? -1.534  7.901   1.853   1.00 0.25 ? 48  HIS A N     1 
ATOM   365  C CA    . HIS A 1 48  ? -1.818  9.294   1.450   1.00 0.25 ? 48  HIS A CA    1 
ATOM   366  C C     . HIS A 1 48  ? -0.785  10.159  2.193   1.00 0.27 ? 48  HIS A C     1 
ATOM   367  O O     . HIS A 1 48  ? -1.279  10.793  3.109   1.00 0.35 ? 48  HIS A O     1 
ATOM   368  C CB    . HIS A 1 48  ? -3.188  9.702   2.071   1.00 0.30 ? 48  HIS A CB    1 
ATOM   369  C CG    . HIS A 1 48  ? -4.244  8.842   1.363   1.00 0.33 ? 48  HIS A CG    1 
ATOM   370  N ND1   . HIS A 1 48  ? -4.645  9.050   0.058   1.00 0.26 ? 48  HIS A ND1   1 
ATOM   371  C CD2   . HIS A 1 48  ? -4.896  7.758   1.895   1.00 0.25 ? 48  HIS A CD2   1 
ATOM   372  C CE1   . HIS A 1 48  ? -5.484  8.003   -0.267  1.00 0.35 ? 48  HIS A CE1   1 
ATOM   373  N NE2   . HIS A 1 48  ? -5.703  7.277   0.879   1.00 0.28 ? 48  HIS A NE2   1 
ATOM   374  N N     . GLU A 1 49  ? 0.442   9.842   1.945   1.00 0.32 ? 49  GLU A N     1 
ATOM   375  C CA    . GLU A 1 49  ? 1.562   10.633  2.475   1.00 0.31 ? 49  GLU A CA    1 
ATOM   376  C C     . GLU A 1 49  ? 2.560   10.891  1.351   1.00 0.46 ? 49  GLU A C     1 
ATOM   377  O O     . GLU A 1 49  ? 2.508   10.255  0.315   1.00 0.38 ? 49  GLU A O     1 
ATOM   378  C CB    . GLU A 1 49  ? 2.273   10.040  3.653   1.00 0.24 ? 49  GLU A CB    1 
ATOM   379  C CG    . GLU A 1 49  ? 1.391   9.578   4.776   1.00 0.29 ? 49  GLU A CG    1 
ATOM   380  C CD    . GLU A 1 49  ? 0.946   10.708  5.677   1.00 0.38 ? 49  GLU A CD    1 
ATOM   381  O OE1   . GLU A 1 49  ? 1.436   11.845  5.554   1.00 0.48 ? 49  GLU A OE1   1 
ATOM   382  O OE2   . GLU A 1 49  ? 0.013   10.592  6.510   1.00 0.40 ? 49  GLU A OE2   1 
ATOM   383  N N     . SER A 1 50  ? 3.483   11.789  1.682   1.00 0.29 ? 50  SER A N     1 
ATOM   384  C CA    . SER A 1 50  ? 4.511   12.068  0.652   1.00 0.30 ? 50  SER A CA    1 
ATOM   385  C C     . SER A 1 50  ? 5.445   10.874  0.540   1.00 0.27 ? 50  SER A C     1 
ATOM   386  O O     . SER A 1 50  ? 5.613   10.110  1.509   1.00 0.41 ? 50  SER A O     1 
ATOM   387  C CB    . SER A 1 50  ? 5.258   13.329  0.936   1.00 0.43 ? 50  SER A CB    1 
ATOM   388  O OG    . SER A 1 50  ? 5.909   13.382  2.168   1.00 0.56 ? 50  SER A OG    1 
ATOM   389  N N     . LEU A 1 51  ? 6.032   10.757  -0.614  1.00 0.27 ? 51  LEU A N     1 
ATOM   390  C CA    . LEU A 1 51  ? 6.887   9.612   -1.000  1.00 0.27 ? 51  LEU A CA    1 
ATOM   391  C C     . LEU A 1 51  ? 8.155   9.585   -0.163  1.00 0.56 ? 51  LEU A C     1 
ATOM   392  O O     . LEU A 1 51  ? 8.669   8.582   0.322   1.00 0.50 ? 51  LEU A O     1 
ATOM   393  C CB    . LEU A 1 51  ? 7.181   9.775   -2.474  1.00 0.18 ? 51  LEU A CB    1 
ATOM   394  C CG    . LEU A 1 51  ? 8.099   8.697   -2.937  1.00 0.29 ? 51  LEU A CG    1 
ATOM   395  C CD1   . LEU A 1 51  ? 7.644   7.350   -2.510  1.00 0.33 ? 51  LEU A CD1   1 
ATOM   396  C CD2   . LEU A 1 51  ? 8.735   8.942   -4.264  1.00 0.24 ? 51  LEU A CD2   1 
ATOM   397  N N     . ALA A 1 52  ? 8.607   10.761  0.229   1.00 0.32 ? 52  ALA A N     1 
ATOM   398  C CA    . ALA A 1 52  ? 9.752   10.929  1.126   1.00 0.32 ? 52  ALA A CA    1 
ATOM   399  C C     . ALA A 1 52  ? 9.355   10.590  2.547   1.00 0.22 ? 52  ALA A C     1 
ATOM   400  O O     . ALA A 1 52  ? 10.175  10.071  3.262   1.00 0.49 ? 52  ALA A O     1 
ATOM   401  C CB    . ALA A 1 52  ? 10.134  12.434  1.133   1.00 0.33 ? 52  ALA A CB    1 
ATOM   402  N N     . ASP A 1 53  ? 8.149   10.996  2.972   1.00 0.26 ? 53  ASP A N     1 
ATOM   403  C CA    . ASP A 1 53  ? 7.636   10.524  4.261   1.00 0.19 ? 53  ASP A CA    1 
ATOM   404  C C     . ASP A 1 53  ? 7.543   9.016   4.304   1.00 0.43 ? 53  ASP A C     1 
ATOM   405  O O     . ASP A 1 53  ? 8.033   8.364   5.213   1.00 0.28 ? 53  ASP A O     1 
ATOM   406  C CB    . ASP A 1 53  ? 6.308   11.137  4.656   1.00 0.43 ? 53  ASP A CB    1 
ATOM   407  C CG    . ASP A 1 53  ? 6.562   12.503  5.344   1.00 0.41 ? 53  ASP A CG    1 
ATOM   408  O OD1   . ASP A 1 53  ? 7.700   12.984  5.218   1.00 0.91 ? 53  ASP A OD1   1 
ATOM   409  O OD2   . ASP A 1 53  ? 5.666   13.036  6.004   1.00 0.76 ? 53  ASP A OD2   1 
ATOM   410  N N     . VAL A 1 54  ? 7.133   8.372   3.233   1.00 0.43 ? 54  VAL A N     1 
ATOM   411  C CA    . VAL A 1 54  ? 7.137   6.900   3.288   1.00 0.39 ? 54  VAL A CA    1 
ATOM   412  C C     . VAL A 1 54  ? 8.468   6.277   3.083   1.00 0.50 ? 54  VAL A C     1 
ATOM   413  O O     . VAL A 1 54  ? 8.733   5.252   3.769   1.00 0.29 ? 54  VAL A O     1 
ATOM   414  C CB    . VAL A 1 54  ? 6.097   6.390   2.283   1.00 0.30 ? 54  VAL A CB    1 
ATOM   415  C CG1   . VAL A 1 54  ? 6.251   4.949   1.962   1.00 0.26 ? 54  VAL A CG1   1 
ATOM   416  C CG2   . VAL A 1 54  ? 4.662   6.864   2.491   1.00 0.27 ? 54  VAL A CG2   1 
ATOM   417  N N     . GLN A 1 55  ? 9.357   6.772   2.240   1.00 0.33 ? 55  GLN A N     1 
ATOM   418  C CA    . GLN A 1 55  ? 10.757  6.357   2.204   1.00 0.20 ? 55  GLN A CA    1 
ATOM   419  C C     . GLN A 1 55  ? 11.483  6.466   3.517   1.00 0.25 ? 55  GLN A C     1 
ATOM   420  O O     . GLN A 1 55  ? 12.371  5.629   3.754   1.00 0.39 ? 55  GLN A O     1 
ATOM   421  C CB    . GLN A 1 55  ? 11.559  7.148   1.174   1.00 0.20 ? 55  GLN A CB    1 
ATOM   422  C CG    . GLN A 1 55  ? 11.119  6.650   -0.186  1.00 0.27 ? 55  GLN A CG    1 
ATOM   423  C CD    . GLN A 1 55  ? 11.610  7.587   -1.270  1.00 0.32 ? 55  GLN A CD    1 
ATOM   424  O OE1   . GLN A 1 55  ? 11.911  8.844   -0.938  1.00 0.46 ? 55  GLN A OE1   1 
ATOM   425  N NE2   . GLN A 1 55  ? 11.661  7.129   -2.498  1.00 0.43 ? 55  GLN A NE2   1 
ATOM   426  N N     . ALA A 1 56  ? 11.137  7.411   4.383   1.00 0.39 ? 56  ALA A N     1 
ATOM   427  C CA    . ALA A 1 56  ? 11.867  7.570   5.664   1.00 0.35 ? 56  ALA A CA    1 
ATOM   428  C C     . ALA A 1 56  ? 11.577  6.384   6.564   1.00 0.38 ? 56  ALA A C     1 
ATOM   429  O O     . ALA A 1 56  ? 12.176  6.183   7.588   1.00 0.38 ? 56  ALA A O     1 
ATOM   430  C CB    . ALA A 1 56  ? 11.398  8.852   6.360   1.00 0.27 ? 56  ALA A CB    1 
ATOM   431  N N     . VAL A 1 57  ? 10.500  5.652   6.299   1.00 0.30 ? 57  VAL A N     1 
ATOM   432  C CA    . VAL A 1 57  ? 10.118  4.620   7.289   1.00 0.29 ? 57  VAL A CA    1 
ATOM   433  C C     . VAL A 1 57  ? 11.146  3.518   7.318   1.00 0.25 ? 57  VAL A C     1 
ATOM   434  O O     . VAL A 1 57  ? 11.226  2.841   8.331   1.00 0.40 ? 57  VAL A O     1 
ATOM   435  C CB    . VAL A 1 57  ? 8.746   4.052   6.845   1.00 0.25 ? 57  VAL A CB    1 
ATOM   436  C CG1   . VAL A 1 57  ? 8.420   2.785   7.694   1.00 0.13 ? 57  VAL A CG1   1 
ATOM   437  C CG2   . VAL A 1 57  ? 7.602   5.075   7.077   1.00 0.28 ? 57  VAL A CG2   1 
ATOM   438  N N     . CYS A 1 58  ? 11.924  3.449   6.243   1.00 0.34 ? 58  CYS A N     1 
ATOM   439  C CA    . CYS A 1 58  ? 12.998  2.459   6.086   1.00 0.25 ? 58  CYS A CA    1 
ATOM   440  C C     . CYS A 1 58  ? 14.107  2.658   7.113   1.00 0.36 ? 58  CYS A C     1 
ATOM   441  O O     . CYS A 1 58  ? 15.078  1.887   7.098   1.00 0.30 ? 58  CYS A O     1 
ATOM   442  C CB    . CYS A 1 58  ? 13.631  2.582   4.696   1.00 0.33 ? 58  CYS A CB    1 
ATOM   443  S SG    . CYS A 1 58  ? 12.602  1.764   3.473   1.00 0.38 ? 58  CYS A SG    1 
ATOM   444  N N     . SER A 1 59  ? 14.025  3.692   7.898   1.00 0.56 ? 59  SER A N     1 
ATOM   445  C CA    . SER A 1 59  ? 15.036  4.080   8.877   1.00 0.60 ? 59  SER A CA    1 
ATOM   446  C C     . SER A 1 59  ? 14.444  4.230   10.259  1.00 0.38 ? 59  SER A C     1 
ATOM   447  O O     . SER A 1 59  ? 15.090  4.762   11.153  1.00 0.40 ? 59  SER A O     1 
ATOM   448  C CB    . SER A 1 59  ? 15.805  5.299   8.451   1.00 0.53 ? 59  SER A CB    1 
ATOM   449  O OG    . SER A 1 59  ? 14.969  6.453   8.422   1.00 0.86 ? 59  SER A OG    1 
ATOM   450  N N     . GLN A 1 60  ? 13.202  3.739   10.409  1.00 0.37 ? 60  GLN A N     1 
ATOM   451  C CA    . GLN A 1 60  ? 12.517  3.771   11.687  1.00 0.32 ? 60  GLN A CA    1 
ATOM   452  C C     . GLN A 1 60  ? 12.617  2.500   12.467  1.00 0.35 ? 60  GLN A C     1 
ATOM   453  O O     . GLN A 1 60  ? 13.713  2.009   12.687  1.00 0.48 ? 60  GLN A O     1 
ATOM   454  C CB    . GLN A 1 60  ? 11.055  4.213   11.532  1.00 0.23 ? 60  GLN A CB    1 
ATOM   455  C CG    . GLN A 1 60  ? 11.245  5.580   10.839  1.00 0.23 ? 60  GLN A CG    1 
ATOM   456  C CD    . GLN A 1 60  ? 9.973   6.354   10.600  1.00 0.30 ? 60  GLN A CD    1 
ATOM   457  O OE1   . GLN A 1 60  ? 8.787   6.051   11.068  1.00 0.31 ? 60  GLN A OE1   1 
ATOM   458  N NE2   . GLN A 1 60  ? 10.087  7.436   9.795   1.00 0.35 ? 60  GLN A NE2   1 
ATOM   459  N N     . LYS A 1 61  ? 11.496  2.002   12.903  1.00 0.30 ? 61  LYS A N     1 
ATOM   460  C CA    . LYS A 1 61  ? 11.483  0.895   13.893  1.00 0.28 ? 61  LYS A CA    1 
ATOM   461  C C     . LYS A 1 61  ? 11.637  -0.434  13.169  1.00 0.32 ? 61  LYS A C     1 
ATOM   462  O O     . LYS A 1 61  ? 10.810  -0.875  12.386  1.00 0.51 ? 61  LYS A O     1 
ATOM   463  C CB    . LYS A 1 61  ? 10.171  0.968   14.653  1.00 0.26 ? 61  LYS A CB    1 
ATOM   464  C CG    . LYS A 1 61  ? 10.005  -0.174  15.611  1.00 0.39 ? 61  LYS A CG    1 
ATOM   465  C CD    . LYS A 1 61  ? 10.512  0.201   16.973  1.00 0.50 ? 61  LYS A CD    1 
ATOM   466  C CE    . LYS A 1 61  ? 10.546  -0.975  17.902  1.00 0.49 ? 61  LYS A CE    1 
ATOM   467  N NZ    . LYS A 1 61  ? 11.400  -0.714  19.074  1.00 0.50 ? 61  LYS A NZ    1 
ATOM   468  N N     . ASN A 1 62  ? 12.727  -1.161  13.371  1.00 0.55 ? 62  ASN A N     1 
ATOM   469  C CA    . ASN A 1 62  ? 12.990  -2.400  12.619  1.00 0.36 ? 62  ASN A CA    1 
ATOM   470  C C     . ASN A 1 62  ? 12.273  -3.578  13.268  1.00 0.39 ? 62  ASN A C     1 
ATOM   471  O O     . ASN A 1 62  ? 12.392  -3.720  14.498  1.00 0.44 ? 62  ASN A O     1 
ATOM   472  C CB    . ASN A 1 62  ? 14.485  -2.652  12.567  1.00 0.34 ? 62  ASN A CB    1 
ATOM   473  C CG    . ASN A 1 62  ? 14.834  -3.925  11.838  1.00 0.40 ? 62  ASN A CG    1 
ATOM   474  O OD1   . ASN A 1 62  ? 15.785  -4.666  12.409  1.00 0.48 ? 62  ASN A OD1   1 
ATOM   475  N ND2   . ASN A 1 62  ? 14.229  -4.300  10.717  1.00 0.25 ? 62  ASN A ND2   1 
ATOM   476  N N     . VAL A 1 63  ? 11.427  -4.265  12.517  1.00 0.36 ? 63  VAL A N     1 
ATOM   477  C CA    . VAL A 1 63  ? 10.572  -5.379  12.986  1.00 0.19 ? 63  VAL A CA    1 
ATOM   478  C C     . VAL A 1 63  ? 10.729  -6.574  12.073  1.00 0.26 ? 63  VAL A C     1 
ATOM   479  O O     . VAL A 1 63  ? 11.176  -6.394  10.931  1.00 0.38 ? 63  VAL A O     1 
ATOM   480  C CB    . VAL A 1 63  ? 9.119   -4.930  13.051  1.00 0.39 ? 63  VAL A CB    1 
ATOM   481  C CG1   . VAL A 1 63  ? 8.853   -4.086  14.297  1.00 0.24 ? 63  VAL A CG1   1 
ATOM   482  C CG2   . VAL A 1 63  ? 8.465   -4.257  11.827  1.00 0.39 ? 63  VAL A CG2   1 
ATOM   483  N N     . ALA A 1 64  ? 10.314  -7.778  12.432  1.00 0.38 ? 64  ALA A N     1 
ATOM   484  C CA    . ALA A 1 64  ? 10.232  -8.885  11.451  1.00 0.49 ? 64  ALA A CA    1 
ATOM   485  C C     . ALA A 1 64  ? 9.133   -8.630  10.443  1.00 0.36 ? 64  ALA A C     1 
ATOM   486  O O     . ALA A 1 64  ? 8.024   -8.212  10.748  1.00 0.30 ? 64  ALA A O     1 
ATOM   487  C CB    . ALA A 1 64  ? 9.974   -10.210 12.158  1.00 0.39 ? 64  ALA A CB    1 
ATOM   488  N N     . CYS A 1 65  ? 9.391   -8.972  9.196   1.00 0.45 ? 65  CYS A N     1 
ATOM   489  C CA    . CYS A 1 65  ? 8.312   -9.206  8.225   1.00 0.32 ? 65  CYS A CA    1 
ATOM   490  C C     . CYS A 1 65  ? 7.502   -10.432 8.589   1.00 0.28 ? 65  CYS A C     1 
ATOM   491  O O     . CYS A 1 65  ? 7.842   -11.270 9.424   1.00 0.57 ? 65  CYS A O     1 
ATOM   492  C CB    . CYS A 1 65  ? 8.925   -9.358  6.824   1.00 0.24 ? 65  CYS A CB    1 
ATOM   493  S SG    . CYS A 1 65  ? 10.065  -8.013  6.460   1.00 0.41 ? 65  CYS A SG    1 
ATOM   494  N N     . LYS A 1 66  ? 6.323   -10.571 7.991   1.00 0.30 ? 66  LYS A N     1 
ATOM   495  C CA    . LYS A 1 66  ? 5.406   -11.657 8.363   1.00 0.58 ? 66  LYS A CA    1 
ATOM   496  C C     . LYS A 1 66  ? 5.961   -12.996 7.873   1.00 0.43 ? 66  LYS A C     1 
ATOM   497  O O     . LYS A 1 66  ? 5.510   -14.041 8.334   1.00 0.62 ? 66  LYS A O     1 
ATOM   498  C CB    . LYS A 1 66  ? 4.007   -11.408 7.842   1.00 0.54 ? 66  LYS A CB    1 
ATOM   499  C CG    . LYS A 1 66  ? 3.913   -10.519 6.643   1.00 1.43 ? 66  LYS A CG    1 
ATOM   500  C CD    . LYS A 1 66  ? 3.456   -11.229 5.389   1.00 1.42 ? 66  LYS A CD    1 
ATOM   501  C CE    . LYS A 1 66  ? 3.820   -10.482 4.118   1.00 1.25 ? 66  LYS A CE    1 
ATOM   502  N NZ    . LYS A 1 66  ? 4.348   -11.391 3.079   1.00 1.43 ? 66  LYS A NZ    1 
ATOM   503  N N     . ASN A 1 67  ? 6.928   -12.929 6.993   1.00 0.32 ? 67  ASN A N     1 
ATOM   504  C CA    . ASN A 1 67  ? 7.765   -13.950 6.417   1.00 0.41 ? 67  ASN A CA    1 
ATOM   505  C C     . ASN A 1 67  ? 8.950   -14.309 7.291   1.00 0.33 ? 67  ASN A C     1 
ATOM   506  O O     . ASN A 1 67  ? 9.757   -15.153 6.941   1.00 0.51 ? 67  ASN A O     1 
ATOM   507  C CB    . ASN A 1 67  ? 8.186   -13.671 4.996   1.00 0.37 ? 67  ASN A CB    1 
ATOM   508  C CG    . ASN A 1 67  ? 9.114   -12.507 4.727   1.00 0.67 ? 67  ASN A CG    1 
ATOM   509  O OD1   . ASN A 1 67  ? 9.321   -12.019 3.489   1.00 0.90 ? 67  ASN A OD1   1 
ATOM   510  N ND2   . ASN A 1 67  ? 9.709   -11.831 5.683   1.00 0.47 ? 67  ASN A ND2   1 
ATOM   511  N N     . GLY A 1 68  ? 9.034   -13.711 8.451   1.00 0.37 ? 68  GLY A N     1 
ATOM   512  C CA    . GLY A 1 68  ? 10.167  -13.661 9.315   1.00 0.34 ? 68  GLY A CA    1 
ATOM   513  C C     . GLY A 1 68  ? 11.441  -13.190 8.669   1.00 0.48 ? 68  GLY A C     1 
ATOM   514  O O     . GLY A 1 68  ? 12.495  -13.243 9.344   1.00 0.38 ? 68  GLY A O     1 
ATOM   515  N N     . GLN A 1 69  ? 11.503  -12.592 7.507   1.00 0.32 ? 69  GLN A N     1 
ATOM   516  C CA    . GLN A 1 69  ? 12.627  -11.656 7.180   1.00 0.28 ? 69  GLN A CA    1 
ATOM   517  C C     . GLN A 1 69  ? 12.665  -10.519 8.218   1.00 0.52 ? 69  GLN A C     1 
ATOM   518  O O     . GLN A 1 69  ? 11.696  -10.301 8.944   1.00 0.49 ? 69  GLN A O     1 
ATOM   519  C CB    . GLN A 1 69  ? 12.406  -10.989 5.831   1.00 0.53 ? 69  GLN A CB    1 
ATOM   520  C CG    . GLN A 1 69  ? 12.335  -11.886 4.637   1.00 0.96 ? 69  GLN A CG    1 
ATOM   521  C CD    . GLN A 1 69  ? 13.754  -12.332 4.251   1.00 1.43 ? 69  GLN A CD    1 
ATOM   522  O OE1   . GLN A 1 69  ? 14.520  -12.839 5.210   1.00 1.43 ? 69  GLN A OE1   1 
ATOM   523  N NE2   . GLN A 1 69  ? 14.191  -12.127 3.023   1.00 1.38 ? 69  GLN A NE2   1 
ATOM   524  N N     . THR A 1 70  ? 13.776  -9.807  8.213   1.00 0.36 ? 70  THR A N     1 
ATOM   525  C CA    . THR A 1 70  ? 14.064  -8.780  9.218   1.00 0.46 ? 70  THR A CA    1 
ATOM   526  C C     . THR A 1 70  ? 14.387  -7.454  8.563   1.00 0.35 ? 70  THR A C     1 
ATOM   527  O O     . THR A 1 70  ? 14.995  -6.577  9.152   1.00 0.55 ? 70  THR A O     1 
ATOM   528  C CB    . THR A 1 70  ? 15.134  -9.153  10.184  1.00 0.46 ? 70  THR A CB    1 
ATOM   529  O OG1   . THR A 1 70  ? 16.351  -9.499  9.629   1.00 0.72 ? 70  THR A OG1   1 
ATOM   530  C CG2   . THR A 1 70  ? 14.695  -9.993  11.298  1.00 0.32 ? 70  THR A CG2   1 
ATOM   531  N N     . ASN A 1 71  ? 13.944  -7.339  7.315   1.00 0.52 ? 71  ASN A N     1 
ATOM   532  C CA    . ASN A 1 71  ? 14.111  -6.033  6.662   1.00 0.23 ? 71  ASN A CA    1 
ATOM   533  C C     . ASN A 1 71  ? 12.826  -5.287  6.545   1.00 0.27 ? 71  ASN A C     1 
ATOM   534  O O     . ASN A 1 71  ? 12.622  -4.576  5.571   1.00 0.36 ? 71  ASN A O     1 
ATOM   535  C CB    . ASN A 1 71  ? 14.787  -6.243  5.316   1.00 0.42 ? 71  ASN A CB    1 
ATOM   536  C CG    . ASN A 1 71  ? 13.839  -7.030  4.400   1.00 0.30 ? 71  ASN A CG    1 
ATOM   537  O OD1   . ASN A 1 71  ? 13.166  -8.058  4.782   1.00 0.53 ? 71  ASN A OD1   1 
ATOM   538  N ND2   . ASN A 1 71  ? 13.684  -6.502  3.179   1.00 0.44 ? 71  ASN A ND2   1 
ATOM   539  N N     . CYS A 1 72  ? 11.951  -5.410  7.522   1.00 0.31 ? 72  CYS A N     1 
ATOM   540  C CA    . CYS A 1 72  ? 10.772  -4.542  7.599   1.00 0.31 ? 72  CYS A CA    1 
ATOM   541  C C     . CYS A 1 72  ? 10.968  -3.476  8.675   1.00 0.23 ? 72  CYS A C     1 
ATOM   542  O O     . CYS A 1 72  ? 11.862  -3.648  9.471   1.00 0.37 ? 72  CYS A O     1 
ATOM   543  C CB    . CYS A 1 72  ? 9.524   -5.362  7.988   1.00 0.33 ? 72  CYS A CB    1 
ATOM   544  S SG    . CYS A 1 72  ? 8.989   -6.305  6.537   1.00 0.39 ? 72  CYS A SG    1 
ATOM   545  N N     . TYR A 1 73  ? 10.166  -2.472  8.617   1.00 0.25 ? 73  TYR A N     1 
ATOM   546  C CA    . TYR A 1 73  ? 10.234  -1.239  9.380   1.00 0.40 ? 73  TYR A CA    1 
ATOM   547  C C     . TYR A 1 73  ? 8.824   -0.708  9.638   1.00 0.26 ? 73  TYR A C     1 
ATOM   548  O O     . TYR A 1 73  ? 8.029   -0.684  8.700   1.00 0.38 ? 73  TYR A O     1 
ATOM   549  C CB    . TYR A 1 73  ? 11.066  -0.194  8.640   1.00 0.25 ? 73  TYR A CB    1 
ATOM   550  C CG    . TYR A 1 73  ? 12.519  -0.663  8.555   1.00 0.24 ? 73  TYR A CG    1 
ATOM   551  C CD1   . TYR A 1 73  ? 13.403  -0.405  9.571   1.00 0.37 ? 73  TYR A CD1   1 
ATOM   552  C CD2   . TYR A 1 73  ? 12.899  -1.412  7.420   1.00 0.23 ? 73  TYR A CD2   1 
ATOM   553  C CE1   . TYR A 1 73  ? 14.722  -0.907  9.525   1.00 0.39 ? 73  TYR A CE1   1 
ATOM   554  C CE2   . TYR A 1 73  ? 14.215  -1.839  7.301   1.00 0.26 ? 73  TYR A CE2   1 
ATOM   555  C CZ    . TYR A 1 73  ? 15.099  -1.604  8.377   1.00 0.46 ? 73  TYR A CZ    1 
ATOM   556  O OH    . TYR A 1 73  ? 16.395  -2.075  8.275   1.00 0.67 ? 73  TYR A OH    1 
ATOM   557  N N     . GLN A 1 74  ? 8.463   -0.464  10.863  1.00 0.26 ? 74  GLN A N     1 
ATOM   558  C CA    . GLN A 1 74  ? 7.258   0.209   11.315  1.00 0.27 ? 74  GLN A CA    1 
ATOM   559  C C     . GLN A 1 74  ? 7.457   1.701   11.420  1.00 0.41 ? 74  GLN A C     1 
ATOM   560  O O     . GLN A 1 74  ? 8.478   2.147   11.959  1.00 0.36 ? 74  GLN A O     1 
ATOM   561  C CB    . GLN A 1 74  ? 6.727   -0.358  12.619  1.00 0.33 ? 74  GLN A CB    1 
ATOM   562  C CG    . GLN A 1 74  ? 5.238   -0.086  12.806  1.00 0.26 ? 74  GLN A CG    1 
ATOM   563  C CD    . GLN A 1 74  ? 4.662   -0.763  14.029  1.00 0.54 ? 74  GLN A CD    1 
ATOM   564  O OE1   . GLN A 1 74  ? 4.660   -2.092  14.260  1.00 0.59 ? 74  GLN A OE1   1 
ATOM   565  N NE2   . GLN A 1 74  ? 4.040   0.023   14.917  1.00 0.61 ? 74  GLN A NE2   1 
ATOM   566  N N     . SER A 1 75  ? 6.567   2.507   10.844  1.00 0.38 ? 75  SER A N     1 
ATOM   567  C CA    . SER A 1 75  ? 6.633   3.965   11.059  1.00 0.30 ? 75  SER A CA    1 
ATOM   568  C C     . SER A 1 75  ? 6.450   4.288   12.538  1.00 0.38 ? 75  SER A C     1 
ATOM   569  O O     . SER A 1 75  ? 5.563   3.699   13.196  1.00 0.38 ? 75  SER A O     1 
ATOM   570  C CB    . SER A 1 75  ? 5.623   4.699   10.219  1.00 0.26 ? 75  SER A CB    1 
ATOM   571  O OG    . SER A 1 75  ? 4.283   4.247   10.479  1.00 0.32 ? 75  SER A OG    1 
ATOM   572  N N     . TYR A 1 76  ? 7.221   5.201   13.079  1.00 0.41 ? 76  TYR A N     1 
ATOM   573  C CA    . TYR A 1 76  ? 6.998   5.760   14.431  1.00 0.43 ? 76  TYR A CA    1 
ATOM   574  C C     . TYR A 1 76  ? 5.631   6.379   14.550  1.00 0.47 ? 76  TYR A C     1 
ATOM   575  O O     . TYR A 1 76  ? 4.849   6.106   15.475  1.00 0.33 ? 76  TYR A O     1 
ATOM   576  C CB    . TYR A 1 76  ? 8.103   6.715   14.777  1.00 0.39 ? 76  TYR A CB    1 
ATOM   577  C CG    . TYR A 1 76  ? 9.505   6.125   14.869  1.00 0.38 ? 76  TYR A CG    1 
ATOM   578  C CD1   . TYR A 1 76  ? 9.868   4.931   15.482  1.00 0.37 ? 76  TYR A CD1   1 
ATOM   579  C CD2   . TYR A 1 76  ? 10.537  6.872   14.331  1.00 0.32 ? 76  TYR A CD2   1 
ATOM   580  C CE1   . TYR A 1 76  ? 11.242  4.584   15.517  1.00 0.34 ? 76  TYR A CE1   1 
ATOM   581  C CE2   . TYR A 1 76  ? 11.859  6.511   14.321  1.00 0.34 ? 76  TYR A CE2   1 
ATOM   582  C CZ    . TYR A 1 76  ? 12.233  5.320   14.956  1.00 0.36 ? 76  TYR A CZ    1 
ATOM   583  O OH    . TYR A 1 76  ? 13.600  5.017   14.918  1.00 0.67 ? 76  TYR A OH    1 
ATOM   584  N N     . SER A 1 77  ? 5.172   7.186   13.561  1.00 0.41 ? 77  SER A N     1 
ATOM   585  C CA    . SER A 1 77  ? 3.821   7.739   13.665  1.00 0.34 ? 77  SER A CA    1 
ATOM   586  C C     . SER A 1 77  ? 2.812   7.015   12.834  1.00 0.29 ? 77  SER A C     1 
ATOM   587  O O     . SER A 1 77  ? 3.042   6.239   11.885  1.00 0.38 ? 77  SER A O     1 
ATOM   588  C CB    . SER A 1 77  ? 3.798   9.234   13.394  1.00 0.29 ? 77  SER A CB    1 
ATOM   589  O OG    . SER A 1 77  ? 4.209   9.487   12.036  1.00 0.85 ? 77  SER A OG    1 
ATOM   590  N N     . THR A 1 78  ? 1.549   7.284   13.161  1.00 0.37 ? 78  THR A N     1 
ATOM   591  C CA    . THR A 1 78  ? 0.468   6.926   12.273  1.00 0.28 ? 78  THR A CA    1 
ATOM   592  C C     . THR A 1 78  ? 0.495   7.764   10.989  1.00 0.29 ? 78  THR A C     1 
ATOM   593  O O     . THR A 1 78  ? 1.121   8.786   10.874  1.00 0.32 ? 78  THR A O     1 
ATOM   594  C CB    . THR A 1 78  ? -0.881  7.080   12.912  1.00 0.31 ? 78  THR A CB    1 
ATOM   595  O OG1   . THR A 1 78  ? -1.133  8.391   13.334  1.00 0.39 ? 78  THR A OG1   1 
ATOM   596  C CG2   . THR A 1 78  ? -1.124  6.069   13.955  1.00 0.31 ? 78  THR A CG2   1 
ATOM   597  N N     . MET A 1 79  ? -0.229  7.236   10.040  1.00 0.23 ? 79  MET A N     1 
ATOM   598  C CA    . MET A 1 79  ? -0.259  7.763   8.662   1.00 0.27 ? 79  MET A CA    1 
ATOM   599  C C     . MET A 1 79  ? -1.682  7.508   8.119   1.00 0.21 ? 79  MET A C     1 
ATOM   600  O O     . MET A 1 79  ? -2.263  6.536   8.598   1.00 0.42 ? 79  MET A O     1 
ATOM   601  C CB    . MET A 1 79  ? 0.738   6.971   7.815   1.00 0.29 ? 79  MET A CB    1 
ATOM   602  C CG    . MET A 1 79  ? 2.119   7.576   7.935   1.00 0.28 ? 79  MET A CG    1 
ATOM   603  S SD    . MET A 1 79  ? 3.313   6.820   6.834   1.00 0.36 ? 79  MET A SD    1 
ATOM   604  C CE    . MET A 1 79  ? 4.946   7.571   7.133   1.00 0.29 ? 79  MET A CE    1 
ATOM   605  N N     . SER A 1 80  ? -2.172  8.367   7.274   1.00 0.34 ? 80  SER A N     1 
ATOM   606  C CA    . SER A 1 80  ? -3.393  8.234   6.507   1.00 0.15 ? 80  SER A CA    1 
ATOM   607  C C     . SER A 1 80  ? -3.320  7.115   5.476   1.00 0.27 ? 80  SER A C     1 
ATOM   608  O O     . SER A 1 80  ? -2.626  7.184   4.482   1.00 0.34 ? 80  SER A O     1 
ATOM   609  C CB    . SER A 1 80  ? -3.763  9.524   5.783   1.00 0.19 ? 80  SER A CB    1 
ATOM   610  O OG    . SER A 1 80  ? -4.939  9.235   4.994   1.00 0.35 ? 80  SER A OG    1 
ATOM   611  N N     . ILE A 1 81  ? -4.138  6.113   5.680   1.00 0.26 ? 81  ILE A N     1 
ATOM   612  C CA    . ILE A 1 81  ? -4.115  4.975   4.775   1.00 0.29 ? 81  ILE A CA    1 
ATOM   613  C C     . ILE A 1 81  ? -5.524  4.616   4.327   1.00 0.27 ? 81  ILE A C     1 
ATOM   614  O O     . ILE A 1 81  ? -6.500  4.924   4.977   1.00 0.29 ? 81  ILE A O     1 
ATOM   615  C CB    . ILE A 1 81  ? -3.361  3.813   5.344   1.00 0.43 ? 81  ILE A CB    1 
ATOM   616  C CG1   . ILE A 1 81  ? -4.040  3.151   6.517   1.00 0.34 ? 81  ILE A CG1   1 
ATOM   617  C CG2   . ILE A 1 81  ? -1.912  4.154   5.644   1.00 0.29 ? 81  ILE A CG2   1 
ATOM   618  C CD1   . ILE A 1 81  ? -4.185  1.632   6.293   1.00 0.29 ? 81  ILE A CD1   1 
ATOM   619  N N     . THR A 1 82  ? -5.665  4.142   3.143   1.00 0.27 ? 82  THR A N     1 
ATOM   620  C CA    . THR A 1 82  ? -6.798  3.462   2.582   1.00 0.19 ? 82  THR A CA    1 
ATOM   621  C C     . THR A 1 82  ? -6.499  2.000   2.332   1.00 0.29 ? 82  THR A C     1 
ATOM   622  O O     . THR A 1 82  ? -5.675  1.539   1.579   1.00 0.24 ? 82  THR A O     1 
ATOM   623  C CB    . THR A 1 82  ? -7.390  4.157   1.384   1.00 0.26 ? 82  THR A CB    1 
ATOM   624  O OG1   . THR A 1 82  ? -7.589  5.535   1.659   1.00 0.25 ? 82  THR A OG1   1 
ATOM   625  C CG2   . THR A 1 82  ? -8.665  3.538   0.938   1.00 0.21 ? 82  THR A CG2   1 
ATOM   626  N N     . ASP A 1 83  ? -7.237  1.211   3.078   1.00 0.17 ? 83  ASP A N     1 
ATOM   627  C CA    . ASP A 1 83  ? -7.195  -0.249  2.874   1.00 0.19 ? 83  ASP A CA    1 
ATOM   628  C C     . ASP A 1 83  ? -8.299  -0.652  1.907   1.00 0.28 ? 83  ASP A C     1 
ATOM   629  O O     . ASP A 1 83  ? -9.466  -0.307  2.087   1.00 0.35 ? 83  ASP A O     1 
ATOM   630  C CB    . ASP A 1 83  ? -7.454  -0.853  4.283   1.00 0.39 ? 83  ASP A CB    1 
ATOM   631  C CG    . ASP A 1 83  ? -7.396  -2.367  4.231   1.00 0.69 ? 83  ASP A CG    1 
ATOM   632  O OD1   . ASP A 1 83  ? -8.421  -3.052  4.012   1.00 0.57 ? 83  ASP A OD1   1 
ATOM   633  O OD2   . ASP A 1 83  ? -6.292  -2.859  4.452   1.00 0.71 ? 83  ASP A OD2   1 
ATOM   634  N N     . CYS A 1 84  ? -7.955  -1.294  0.799   1.00 0.41 ? 84  CYS A N     1 
ATOM   635  C CA    . CYS A 1 84  ? -8.857  -1.864  -0.183  1.00 0.39 ? 84  CYS A CA    1 
ATOM   636  C C     . CYS A 1 84  ? -8.882  -3.386  -0.098  1.00 0.36 ? 84  CYS A C     1 
ATOM   637  O O     . CYS A 1 84  ? -7.865  -4.075  -0.056  1.00 0.34 ? 84  CYS A O     1 
ATOM   638  C CB    . CYS A 1 84  ? -8.499  -1.445  -1.620  1.00 0.21 ? 84  CYS A CB    1 
ATOM   639  S SG    . CYS A 1 84  ? -8.341  0.339   -1.764  1.00 0.32 ? 84  CYS A SG    1 
ATOM   640  N N     . ARG A 1 85  ? -10.099 -3.924  -0.062  1.00 0.29 ? 85  ARG A N     1 
ATOM   641  C CA    . ARG A 1 85  ? -10.236 -5.418  0.090   1.00 0.24 ? 85  ARG A CA    1 
ATOM   642  C C     . ARG A 1 85  ? -11.389 -5.851  -0.837  1.00 0.47 ? 85  ARG A C     1 
ATOM   643  O O     . ARG A 1 85  ? -12.451 -5.247  -0.719  1.00 0.35 ? 85  ARG A O     1 
ATOM   644  C CB    . ARG A 1 85  ? -10.709 -5.642  1.547   1.00 0.35 ? 85  ARG A CB    1 
ATOM   645  C CG    . ARG A 1 85  ? -10.777 -7.127  1.888   1.00 0.29 ? 85  ARG A CG    1 
ATOM   646  C CD    . ARG A 1 85  ? -10.303 -7.284  3.349   1.00 1.16 ? 85  ARG A CD    1 
ATOM   647  N NE    . ARG A 1 85  ? -8.862  -7.512  3.284   1.00 0.50 ? 85  ARG A NE    1 
ATOM   648  C CZ    . ARG A 1 85  ? -8.321  -8.640  3.793   1.00 0.51 ? 85  ARG A CZ    1 
ATOM   649  N NH1   . ARG A 1 85  ? -8.767  -9.856  3.557   1.00 0.36 ? 85  ARG A NH1   1 
ATOM   650  N NH2   . ARG A 1 85  ? -7.231  -8.527  4.566   1.00 0.45 ? 85  ARG A NH2   1 
ATOM   651  N N     . GLU A 1 86  ? -11.207 -6.855  -1.640  1.00 0.37 ? 86  GLU A N     1 
ATOM   652  C CA    . GLU A 1 86  ? -12.219 -7.469  -2.505  1.00 0.31 ? 86  GLU A CA    1 
ATOM   653  C C     . GLU A 1 86  ? -13.435 -7.896  -1.716  1.00 0.33 ? 86  GLU A C     1 
ATOM   654  O O     . GLU A 1 86  ? -13.300 -8.559  -0.681  1.00 0.35 ? 86  GLU A O     1 
ATOM   655  C CB    . GLU A 1 86  ? -11.596 -8.691  -3.187  1.00 0.30 ? 86  GLU A CB    1 
ATOM   656  C CG    . GLU A 1 86  ? -12.049 -8.840  -4.593  1.00 0.39 ? 86  GLU A CG    1 
ATOM   657  C CD    . GLU A 1 86  ? -11.539 -10.119 -5.231  1.00 0.48 ? 86  GLU A CD    1 
ATOM   658  O OE1   . GLU A 1 86  ? -10.684 -10.827 -4.692  1.00 0.49 ? 86  GLU A OE1   1 
ATOM   659  O OE2   . GLU A 1 86  ? -12.049 -10.467 -6.321  1.00 0.61 ? 86  GLU A OE2   1 
ATOM   660  N N     . THR A 1 87  ? -14.638 -7.635  -2.176  1.00 0.40 ? 87  THR A N     1 
ATOM   661  C CA    . THR A 1 87  ? -15.823 -8.192  -1.432  1.00 0.32 ? 87  THR A CA    1 
ATOM   662  C C     . THR A 1 87  ? -15.975 -9.647  -1.856  1.00 0.36 ? 87  THR A C     1 
ATOM   663  O O     . THR A 1 87  ? -15.157 -10.070 -2.697  1.00 0.39 ? 87  THR A O     1 
ATOM   664  C CB    . THR A 1 87  ? -17.045 -7.397  -1.915  1.00 0.46 ? 87  THR A CB    1 
ATOM   665  O OG1   . THR A 1 87  ? -17.060 -7.510  -3.365  1.00 0.46 ? 87  THR A OG1   1 
ATOM   666  C CG2   . THR A 1 87  ? -16.789 -5.948  -1.586  1.00 0.22 ? 87  THR A CG2   1 
ATOM   667  N N     . GLY A 1 88  ? -16.855 -10.410 -1.251  1.00 0.48 ? 88  GLY A N     1 
ATOM   668  C CA    . GLY A 1 88  ? -17.115 -11.810 -1.638  1.00 0.50 ? 88  GLY A CA    1 
ATOM   669  C C     . GLY A 1 88  ? -18.045 -11.870 -2.877  1.00 0.34 ? 88  GLY A C     1 
ATOM   670  O O     . GLY A 1 88  ? -18.048 -12.932 -3.522  1.00 1.09 ? 88  GLY A O     1 
ATOM   671  N N     . SER A 1 89  ? -18.707 -10.797 -3.217  1.00 1.10 ? 89  SER A N     1 
ATOM   672  C CA    . SER A 1 89  ? -19.530 -10.621 -4.404  1.00 0.78 ? 89  SER A CA    1 
ATOM   673  C C     . SER A 1 89  ? -18.714 -10.593 -5.687  1.00 0.69 ? 89  SER A C     1 
ATOM   674  O O     . SER A 1 89  ? -19.253 -10.629 -6.794  1.00 1.42 ? 89  SER A O     1 
ATOM   675  C CB    . SER A 1 89  ? -20.483 -9.473  -4.343  1.00 1.40 ? 89  SER A CB    1 
ATOM   676  O OG    . SER A 1 89  ? -20.218 -8.410  -3.468  1.00 1.13 ? 89  SER A OG    1 
ATOM   677  N N     . SER A 1 90  ? -17.429 -10.408 -5.548  1.00 1.16 ? 90  SER A N     1 
ATOM   678  C CA    . SER A 1 90  ? -16.590 -9.824  -6.609  1.00 0.49 ? 90  SER A CA    1 
ATOM   679  C C     . SER A 1 90  ? -16.175 -10.923 -7.585  1.00 0.63 ? 90  SER A C     1 
ATOM   680  O O     . SER A 1 90  ? -16.035 -12.114 -7.243  1.00 0.79 ? 90  SER A O     1 
ATOM   681  C CB    . SER A 1 90  ? -15.448 -9.055  -6.039  1.00 0.36 ? 90  SER A CB    1 
ATOM   682  O OG    . SER A 1 90  ? -14.455 -8.580  -6.946  1.00 0.50 ? 90  SER A OG    1 
ATOM   683  N N     . LYS A 1 91  ? -16.079 -10.564 -8.832  1.00 1.41 ? 91  LYS A N     1 
ATOM   684  C CA    . LYS A 1 91  ? -16.082 -11.469 -9.997  1.00 0.97 ? 91  LYS A CA    1 
ATOM   685  C C     . LYS A 1 91  ? -15.208 -10.829 -11.085 1.00 0.92 ? 91  LYS A C     1 
ATOM   686  O O     . LYS A 1 91  ? -15.617 -9.812  -11.673 1.00 0.59 ? 91  LYS A O     1 
ATOM   687  C CB    . LYS A 1 91  ? -17.521 -11.536 -10.548 1.00 1.37 ? 91  LYS A CB    1 
ATOM   688  C CG    . LYS A 1 91  ? -17.611 -12.586 -11.645 1.00 1.30 ? 91  LYS A CG    1 
ATOM   689  C CD    . LYS A 1 91  ? -18.342 -12.048 -12.880 1.00 1.36 ? 91  LYS A CD    1 
ATOM   690  C CE    . LYS A 1 91  ? -19.214 -13.141 -13.495 1.00 1.38 ? 91  LYS A CE    1 
ATOM   691  N NZ    . LYS A 1 91  ? -18.450 -14.388 -13.703 1.00 1.44 ? 91  LYS A NZ    1 
ATOM   692  N N     . TYR A 1 92  ? -14.049 -11.412 -11.313 1.00 0.61 ? 92  TYR A N     1 
ATOM   693  C CA    . TYR A 1 92  ? -13.122 -10.766 -12.296 1.00 0.74 ? 92  TYR A CA    1 
ATOM   694  C C     . TYR A 1 92  ? -13.761 -10.919 -13.698 1.00 0.83 ? 92  TYR A C     1 
ATOM   695  O O     . TYR A 1 92  ? -14.144 -12.084 -13.940 1.00 0.62 ? 92  TYR A O     1 
ATOM   696  C CB    . TYR A 1 92  ? -11.817 -11.584 -12.340 1.00 0.43 ? 92  TYR A CB    1 
ATOM   697  C CG    . TYR A 1 92  ? -11.016 -11.023 -13.531 1.00 0.62 ? 92  TYR A CG    1 
ATOM   698  C CD1   . TYR A 1 92  ? -10.717 -9.660  -13.530 1.00 1.07 ? 92  TYR A CD1   1 
ATOM   699  C CD2   . TYR A 1 92  ? -10.637 -11.855 -14.573 1.00 0.83 ? 92  TYR A CD2   1 
ATOM   700  C CE1   . TYR A 1 92  ? -9.983  -9.100  -14.571 1.00 1.17 ? 92  TYR A CE1   1 
ATOM   701  C CE2   . TYR A 1 92  ? -9.895  -11.296 -15.623 1.00 1.13 ? 92  TYR A CE2   1 
ATOM   702  C CZ    . TYR A 1 92  ? -9.581  -9.938  -15.613 1.00 1.17 ? 92  TYR A CZ    1 
ATOM   703  O OH    . TYR A 1 92  ? -8.888  -9.404  -16.665 1.00 1.38 ? 92  TYR A OH    1 
ATOM   704  N N     . PRO A 1 93  ? -13.878 -9.898  -14.434 1.00 0.59 ? 93  PRO A N     1 
ATOM   705  C CA    . PRO A 1 93  ? -13.033 -8.703  -14.557 1.00 0.88 ? 93  PRO A CA    1 
ATOM   706  C C     . PRO A 1 93  ? -13.762 -7.505  -13.907 1.00 0.53 ? 93  PRO A C     1 
ATOM   707  O O     . PRO A 1 93  ? -13.220 -6.406  -13.905 1.00 0.83 ? 93  PRO A O     1 
ATOM   708  C CB    . PRO A 1 93  ? -13.095 -8.516  -16.074 1.00 0.92 ? 93  PRO A CB    1 
ATOM   709  C CG    . PRO A 1 93  ? -14.402 -9.119  -16.558 1.00 0.87 ? 93  PRO A CG    1 
ATOM   710  C CD    . PRO A 1 93  ? -14.862 -10.082 -15.485 1.00 0.66 ? 93  PRO A CD    1 
ATOM   711  N N     . ASN A 1 94  ? -14.904 -7.834  -13.347 1.00 0.72 ? 94  ASN A N     1 
ATOM   712  C CA    . ASN A 1 94  ? -15.806 -7.008  -12.564 1.00 1.28 ? 94  ASN A CA    1 
ATOM   713  C C     . ASN A 1 94  ? -15.376 -6.958  -11.091 1.00 1.31 ? 94  ASN A C     1 
ATOM   714  O O     . ASN A 1 94  ? -16.284 -7.194  -10.276 1.00 0.52 ? 94  ASN A O     1 
ATOM   715  C CB    . ASN A 1 94  ? -17.223 -7.643  -12.546 1.00 1.07 ? 94  ASN A CB    1 
ATOM   716  C CG    . ASN A 1 94  ? -17.796 -7.650  -13.955 1.00 1.31 ? 94  ASN A CG    1 
ATOM   717  O OD1   . ASN A 1 94  ? -18.398 -8.731  -14.421 1.00 1.41 ? 94  ASN A OD1   1 
ATOM   718  N ND2   . ASN A 1 94  ? -17.656 -6.552  -14.680 1.00 1.44 ? 94  ASN A ND2   1 
ATOM   719  N N     . CYS A 1 95  ? -14.141 -6.730  -10.808 1.00 0.63 ? 95  CYS A N     1 
ATOM   720  C CA    . CYS A 1 95  ? -13.615 -6.477  -9.466  1.00 0.60 ? 95  CYS A CA    1 
ATOM   721  C C     . CYS A 1 95  ? -14.338 -5.351  -8.753  1.00 0.64 ? 95  CYS A C     1 
ATOM   722  O O     . CYS A 1 95  ? -14.566 -4.257  -9.288  1.00 0.73 ? 95  CYS A O     1 
ATOM   723  C CB    . CYS A 1 95  ? -12.114 -6.124  -9.609  1.00 0.33 ? 95  CYS A CB    1 
ATOM   724  S SG    . CYS A 1 95  ? -11.328 -7.391  -10.587 1.00 0.43 ? 95  CYS A SG    1 
ATOM   725  N N     . ALA A 1 96  ? -14.723 -5.644  -7.514  1.00 0.44 ? 96  ALA A N     1 
ATOM   726  C CA    . ALA A 1 96  ? -15.305 -4.760  -6.520  1.00 0.54 ? 96  ALA A CA    1 
ATOM   727  C C     . ALA A 1 96  ? -14.614 -4.805  -5.161  1.00 0.36 ? 96  ALA A C     1 
ATOM   728  O O     . ALA A 1 96  ? -14.269 -5.856  -4.618  1.00 0.35 ? 96  ALA A O     1 
ATOM   729  C CB    . ALA A 1 96  ? -16.783 -5.100  -6.355  1.00 0.29 ? 96  ALA A CB    1 
ATOM   730  N N     . TYR A 1 97  ? -14.475 -3.642  -4.524  1.00 0.33 ? 97  TYR A N     1 
ATOM   731  C CA    . TYR A 1 97  ? -13.631 -3.444  -3.364  1.00 0.32 ? 97  TYR A CA    1 
ATOM   732  C C     . TYR A 1 97  ? -14.401 -2.701  -2.274  1.00 0.36 ? 97  TYR A C     1 
ATOM   733  O O     . TYR A 1 97  ? -15.184 -1.799  -2.515  1.00 0.43 ? 97  TYR A O     1 
ATOM   734  C CB    . TYR A 1 97  ? -12.338 -2.686  -3.690  1.00 0.51 ? 97  TYR A CB    1 
ATOM   735  C CG    . TYR A 1 97  ? -11.379 -3.582  -4.493  1.00 0.38 ? 97  TYR A CG    1 
ATOM   736  C CD1   . TYR A 1 97  ? -10.446 -4.415  -3.877  1.00 0.23 ? 97  TYR A CD1   1 
ATOM   737  C CD2   . TYR A 1 97  ? -11.417 -3.540  -5.884  1.00 0.41 ? 97  TYR A CD2   1 
ATOM   738  C CE1   . TYR A 1 97  ? -9.626  -5.261  -4.637  1.00 0.20 ? 97  TYR A CE1   1 
ATOM   739  C CE2   . TYR A 1 97  ? -10.634 -4.375  -6.659  1.00 0.40 ? 97  TYR A CE2   1 
ATOM   740  C CZ    . TYR A 1 97  ? -9.760  -5.273  -6.032  1.00 0.23 ? 97  TYR A CZ    1 
ATOM   741  O OH    . TYR A 1 97  ? -8.983  -6.052  -6.817  1.00 0.35 ? 97  TYR A OH    1 
ATOM   742  N N     . LYS A 1 98  ? -14.118 -3.083  -1.060  1.00 0.25 ? 98  LYS A N     1 
ATOM   743  C CA    . LYS A 1 98  ? -14.576 -2.310  0.134   1.00 0.19 ? 98  LYS A CA    1 
ATOM   744  C C     . LYS A 1 98  ? -13.478 -1.345  0.545   1.00 0.21 ? 98  LYS A C     1 
ATOM   745  O O     . LYS A 1 98  ? -12.330 -1.776  0.607   1.00 0.33 ? 98  LYS A O     1 
ATOM   746  C CB    . LYS A 1 98  ? -14.860 -3.348  1.227   1.00 0.34 ? 98  LYS A CB    1 
ATOM   747  C CG    . LYS A 1 98  ? -15.235 -2.726  2.547   1.00 0.28 ? 98  LYS A CG    1 
ATOM   748  C CD    . LYS A 1 98  ? -15.255 -3.779  3.671   1.00 0.52 ? 98  LYS A CD    1 
ATOM   749  C CE    . LYS A 1 98  ? -15.077 -3.085  5.025   1.00 0.81 ? 98  LYS A CE    1 
ATOM   750  N NZ    . LYS A 1 98  ? -16.236 -2.211  5.306   1.00 0.44 ? 98  LYS A NZ    1 
ATOM   751  N N     . THR A 1 99  ? -13.730 -0.070  0.693   1.00 0.33 ? 99  THR A N     1 
ATOM   752  C CA    . THR A 1 99  ? -12.816 0.999   1.059   1.00 0.24 ? 99  THR A CA    1 
ATOM   753  C C     . THR A 1 99  ? -12.836 1.264   2.556   1.00 0.29 ? 99  THR A C     1 
ATOM   754  O O     . THR A 1 99  ? -13.871 1.661   3.052   1.00 0.32 ? 99  THR A O     1 
ATOM   755  C CB    . THR A 1 99  ? -13.299 2.328   0.400   1.00 0.22 ? 99  THR A CB    1 
ATOM   756  O OG1   . THR A 1 99  ? -13.237 2.102   -1.021  1.00 0.39 ? 99  THR A OG1   1 
ATOM   757  C CG2   . THR A 1 99  ? -12.360 3.401   0.810   1.00 0.18 ? 99  THR A CG2   1 
ATOM   758  N N     . THR A 1 100 ? -11.692 1.097   3.198   1.00 0.42 ? 100 THR A N     1 
ATOM   759  C CA    . THR A 1 100 ? -11.570 1.550   4.584   1.00 0.25 ? 100 THR A CA    1 
ATOM   760  C C     . THR A 1 100 ? -10.429 2.572   4.708   1.00 0.48 ? 100 THR A C     1 
ATOM   761  O O     . THR A 1 100 ? -9.274  2.200   4.506   1.00 0.26 ? 100 THR A O     1 
ATOM   762  C CB    . THR A 1 100 ? -11.306 0.378   5.515   1.00 0.35 ? 100 THR A CB    1 
ATOM   763  O OG1   . THR A 1 100 ? -12.226 -0.689  5.279   1.00 0.38 ? 100 THR A OG1   1 
ATOM   764  C CG2   . THR A 1 100 ? -11.506 0.828   6.944   1.00 0.38 ? 100 THR A CG2   1 
ATOM   765  N N     . GLN A 1 101 ? -10.771 3.792   5.101   1.00 0.32 ? 101 GLN A N     1 
ATOM   766  C CA    . GLN A 1 101 ? -9.877  4.891   5.441   1.00 0.33 ? 101 GLN A CA    1 
ATOM   767  C C     . GLN A 1 101 ? -9.565  4.946   6.930   1.00 0.31 ? 101 GLN A C     1 
ATOM   768  O O     . GLN A 1 101 ? -10.487 4.963   7.737   1.00 0.47 ? 101 GLN A O     1 
ATOM   769  C CB    . GLN A 1 101 ? -10.413 6.225   4.935   1.00 0.30 ? 101 GLN A CB    1 
ATOM   770  C CG    . GLN A 1 101 ? -9.642  7.433   5.532   1.00 0.22 ? 101 GLN A CG    1 
ATOM   771  C CD    . GLN A 1 101 ? -8.265  7.576   4.860   1.00 0.27 ? 101 GLN A CD    1 
ATOM   772  O OE1   . GLN A 1 101 ? -8.118  7.325   3.567   1.00 0.39 ? 101 GLN A OE1   1 
ATOM   773  N NE2   . GLN A 1 101 ? -7.268  8.061   5.564   1.00 0.32 ? 101 GLN A NE2   1 
ATOM   774  N N     . ALA A 1 102 ? -8.323  4.956   7.349   1.00 0.46 ? 102 ALA A N     1 
ATOM   775  C CA    . ALA A 1 102 ? -7.843  4.974   8.728   1.00 0.21 ? 102 ALA A CA    1 
ATOM   776  C C     . ALA A 1 102 ? -6.544  5.768   8.818   1.00 0.29 ? 102 ALA A C     1 
ATOM   777  O O     . ALA A 1 102 ? -5.955  6.049   7.761   1.00 0.36 ? 102 ALA A O     1 
ATOM   778  C CB    . ALA A 1 102 ? -7.601  3.561   9.240   1.00 0.25 ? 102 ALA A CB    1 
ATOM   779  N N     . ASN A 1 103 ? -6.180  6.086   10.033  1.00 0.33 ? 103 ASN A N     1 
ATOM   780  C CA    . ASN A 1 103 ? -4.818  6.506   10.403  1.00 0.17 ? 103 ASN A CA    1 
ATOM   781  C C     . ASN A 1 103 ? -4.073  5.406   11.071  1.00 0.33 ? 103 ASN A C     1 
ATOM   782  O O     . ASN A 1 103 ? -4.444  4.954   12.163  1.00 0.35 ? 103 ASN A O     1 
ATOM   783  C CB    . ASN A 1 103 ? -4.828  7.800   11.209  1.00 0.23 ? 103 ASN A CB    1 
ATOM   784  C CG    . ASN A 1 103 ? -5.148  8.970   10.195  1.00 0.32 ? 103 ASN A CG    1 
ATOM   785  O OD1   . ASN A 1 103 ? -4.291  9.942   10.040  1.00 1.38 ? 103 ASN A OD1   1 
ATOM   786  N ND2   . ASN A 1 103 ? -6.264  8.944   9.533   1.00 1.07 ? 103 ASN A ND2   1 
ATOM   787  N N     . LYS A 1 104 ? -3.145  4.737   10.384  1.00 0.25 ? 104 LYS A N     1 
ATOM   788  C CA    . LYS A 1 104 ? -2.481  3.587   11.091  1.00 0.17 ? 104 LYS A CA    1 
ATOM   789  C C     . LYS A 1 104 ? -0.970  3.769   10.902  1.00 0.31 ? 104 LYS A C     1 
ATOM   790  O O     . LYS A 1 104 ? -0.595  4.582   10.070  1.00 0.33 ? 104 LYS A O     1 
ATOM   791  C CB    . LYS A 1 104 ? -2.915  2.322   10.324  1.00 0.34 ? 104 LYS A CB    1 
ATOM   792  C CG    . LYS A 1 104 ? -4.210  1.785   10.906  1.00 0.30 ? 104 LYS A CG    1 
ATOM   793  C CD    . LYS A 1 104 ? -5.225  1.470   9.852   1.00 1.26 ? 104 LYS A CD    1 
ATOM   794  C CE    . LYS A 1 104 ? -4.957  0.159   9.188   1.00 0.55 ? 104 LYS A CE    1 
ATOM   795  N NZ    . LYS A 1 104 ? -5.045  -0.968  10.105  1.00 0.81 ? 104 LYS A NZ    1 
ATOM   796  N N     . HIS A 1 105 ? -0.145  3.101   11.650  1.00 0.28 ? 105 HIS A N     1 
ATOM   797  C CA    . HIS A 1 105 ? 1.294   2.943   11.333  1.00 0.25 ? 105 HIS A CA    1 
ATOM   798  C C     . HIS A 1 105 ? 1.398   2.003   10.106  1.00 0.62 ? 105 HIS A C     1 
ATOM   799  O O     . HIS A 1 105 ? 0.574   1.081   10.071  1.00 0.33 ? 105 HIS A O     1 
ATOM   800  C CB    . HIS A 1 105 ? 1.935   2.104   12.491  1.00 0.35 ? 105 HIS A CB    1 
ATOM   801  C CG    . HIS A 1 105 ? 1.944   2.914   13.763  1.00 0.33 ? 105 HIS A CG    1 
ATOM   802  N ND1   . HIS A 1 105 ? 3.039   3.683   14.201  1.00 0.45 ? 105 HIS A ND1   1 
ATOM   803  C CD2   . HIS A 1 105 ? 0.965   2.955   14.724  1.00 0.28 ? 105 HIS A CD2   1 
ATOM   804  C CE1   . HIS A 1 105 ? 2.671   4.270   15.409  1.00 0.57 ? 105 HIS A CE1   1 
ATOM   805  N NE2   . HIS A 1 105 ? 1.388   3.818   15.745  1.00 0.33 ? 105 HIS A NE2   1 
ATOM   806  N N     . ILE A 1 106 ? 2.454   2.098   9.346   1.00 0.24 ? 106 ILE A N     1 
ATOM   807  C CA    . ILE A 1 106 ? 2.671   1.132   8.242   1.00 0.31 ? 106 ILE A CA    1 
ATOM   808  C C     . ILE A 1 106 ? 3.937   0.332   8.505   1.00 0.26 ? 106 ILE A C     1 
ATOM   809  O O     . ILE A 1 106 ? 4.788   0.832   9.251   1.00 0.32 ? 106 ILE A O     1 
ATOM   810  C CB    . ILE A 1 106 ? 2.773   1.893   6.918   1.00 0.25 ? 106 ILE A CB    1 
ATOM   811  C CG1   . ILE A 1 106 ? 3.976   2.837   6.941   1.00 0.29 ? 106 ILE A CG1   1 
ATOM   812  C CG2   . ILE A 1 106 ? 1.484   2.694   6.724   1.00 0.26 ? 106 ILE A CG2   1 
ATOM   813  C CD1   . ILE A 1 106 ? 4.487   3.278   5.556   1.00 0.17 ? 106 ILE A CD1   1 
ATOM   814  N N     . ILE A 1 107 ? 3.999   -0.879  8.034   1.00 0.32 ? 107 ILE A N     1 
ATOM   815  C CA    . ILE A 1 107 ? 5.245   -1.678  8.003   1.00 0.20 ? 107 ILE A CA    1 
ATOM   816  C C     . ILE A 1 107 ? 5.565   -2.054  6.559   1.00 0.26 ? 107 ILE A C     1 
ATOM   817  O O     . ILE A 1 107 ? 4.670   -2.551  5.833   1.00 0.30 ? 107 ILE A O     1 
ATOM   818  C CB    . ILE A 1 107 ? 5.069   -2.947  8.824   1.00 0.25 ? 107 ILE A CB    1 
ATOM   819  C CG1   . ILE A 1 107 ? 4.668   -2.609  10.246  1.00 0.19 ? 107 ILE A CG1   1 
ATOM   820  C CG2   . ILE A 1 107 ? 6.302   -3.827  8.802   1.00 0.20 ? 107 ILE A CG2   1 
ATOM   821  C CD1   . ILE A 1 107 ? 3.880   -3.715  10.894  1.00 0.37 ? 107 ILE A CD1   1 
ATOM   822  N N     . VAL A 1 108 ? 6.747   -1.706  6.180   1.00 0.32 ? 108 VAL A N     1 
ATOM   823  C CA    . VAL A 1 108 ? 7.338   -1.857  4.861   1.00 0.46 ? 108 VAL A CA    1 
ATOM   824  C C     . VAL A 1 108 ? 8.662   -2.622  4.980   1.00 0.25 ? 108 VAL A C     1 
ATOM   825  O O     . VAL A 1 108 ? 9.391   -2.545  5.977   1.00 0.27 ? 108 VAL A O     1 
ATOM   826  C CB    . VAL A 1 108 ? 7.520   -0.536  4.136   1.00 0.34 ? 108 VAL A CB    1 
ATOM   827  C CG1   . VAL A 1 108 ? 6.248   0.109   3.616   1.00 0.22 ? 108 VAL A CG1   1 
ATOM   828  C CG2   . VAL A 1 108 ? 8.437   0.541   4.695   1.00 0.22 ? 108 VAL A CG2   1 
ATOM   829  N N     . ALA A 1 109 ? 8.897   -3.413  3.952   1.00 0.43 ? 109 ALA A N     1 
ATOM   830  C CA    . ALA A 1 109 ? 10.138  -4.057  3.573   1.00 0.18 ? 109 ALA A CA    1 
ATOM   831  C C     . ALA A 1 109 ? 10.981  -3.207  2.672   1.00 0.49 ? 109 ALA A C     1 
ATOM   832  O O     . ALA A 1 109 ? 10.526  -2.720  1.614   1.00 0.28 ? 109 ALA A O     1 
ATOM   833  C CB    . ALA A 1 109 ? 9.888   -5.444  2.986   1.00 0.30 ? 109 ALA A CB    1 
ATOM   834  N N     . CYS A 1 110 ? 12.192  -2.891  3.168   1.00 0.34 ? 110 CYS A N     1 
ATOM   835  C CA    . CYS A 1 110 ? 13.084  -2.091  2.343   1.00 0.27 ? 110 CYS A CA    1 
ATOM   836  C C     . CYS A 1 110 ? 14.233  -2.879  1.801   1.00 0.31 ? 110 CYS A C     1 
ATOM   837  O O     . CYS A 1 110 ? 14.696  -3.843  2.416   1.00 0.39 ? 110 CYS A O     1 
ATOM   838  C CB    . CYS A 1 110 ? 13.518  -0.787  2.940   1.00 0.28 ? 110 CYS A CB    1 
ATOM   839  S SG    . CYS A 1 110 ? 12.333  -0.135  4.113   1.00 0.32 ? 110 CYS A SG    1 
ATOM   840  N N     . GLU A 1 111 ? 14.664  -2.388  0.659   1.00 0.24 ? 111 GLU A N     1 
ATOM   841  C CA    . GLU A 1 111 ? 15.860  -2.914  0.035   1.00 0.38 ? 111 GLU A CA    1 
ATOM   842  C C     . GLU A 1 111 ? 16.441  -1.847  -0.922  1.00 0.37 ? 111 GLU A C     1 
ATOM   843  O O     . GLU A 1 111 ? 15.702  -0.936  -1.235  1.00 0.51 ? 111 GLU A O     1 
ATOM   844  C CB    . GLU A 1 111 ? 15.602  -4.171  -0.778  1.00 0.43 ? 111 GLU A CB    1 
ATOM   845  C CG    . GLU A 1 111 ? 15.369  -5.386  0.118   1.00 1.43 ? 111 GLU A CG    1 
ATOM   846  C CD    . GLU A 1 111 ? 14.865  -6.499  -0.821  1.00 1.44 ? 111 GLU A CD    1 
ATOM   847  O OE1   . GLU A 1 111 ? 14.885  -6.214  -2.024  1.00 0.71 ? 111 GLU A OE1   1 
ATOM   848  O OE2   . GLU A 1 111 ? 14.453  -7.575  -0.422  1.00 1.33 ? 111 GLU A OE2   1 
ATOM   849  N N     . GLY A 1 112 ? 17.650  -2.165  -1.290  1.00 0.43 ? 112 GLY A N     1 
ATOM   850  C CA    . GLY A 1 112 ? 18.489  -1.615  -2.288  1.00 0.42 ? 112 GLY A CA    1 
ATOM   851  C C     . GLY A 1 112 ? 19.414  -0.507  -1.798  1.00 0.37 ? 112 GLY A C     1 
ATOM   852  O O     . GLY A 1 112 ? 19.632  -0.355  -0.598  1.00 0.65 ? 112 GLY A O     1 
ATOM   853  N N     . ASN A 1 113 ? 19.949  0.170   -2.776  1.00 0.61 ? 113 ASN A N     1 
ATOM   854  C CA    . ASN A 1 113 ? 20.642  1.451   -2.718  1.00 0.74 ? 113 ASN A CA    1 
ATOM   855  C C     . ASN A 1 113 ? 20.140  2.389   -3.811  1.00 0.38 ? 113 ASN A C     1 
ATOM   856  O O     . ASN A 1 113 ? 20.436  2.196   -5.005  1.00 1.40 ? 113 ASN A O     1 
ATOM   857  C CB    . ASN A 1 113 ? 22.156  1.250   -2.862  1.00 1.06 ? 113 ASN A CB    1 
ATOM   858  C CG    . ASN A 1 113 ? 22.909  1.715   -1.621  1.00 1.43 ? 113 ASN A CG    1 
ATOM   859  O OD1   . ASN A 1 113 ? 22.520  1.347   -0.401  1.00 1.36 ? 113 ASN A OD1   1 
ATOM   860  N ND2   . ASN A 1 113 ? 23.980  2.484   -1.754  1.00 1.44 ? 113 ASN A ND2   1 
ATOM   861  N N     . PRO A 1 114 ? 19.315  3.368   -3.458  1.00 1.00 ? 114 PRO A N     1 
ATOM   862  C CA    . PRO A 1 114 ? 18.962  3.682   -2.065  1.00 0.52 ? 114 PRO A CA    1 
ATOM   863  C C     . PRO A 1 114 ? 18.055  2.579   -1.493  1.00 0.49 ? 114 PRO A C     1 
ATOM   864  O O     . PRO A 1 114 ? 17.351  1.918   -2.260  1.00 0.50 ? 114 PRO A O     1 
ATOM   865  C CB    . PRO A 1 114 ? 18.166  4.949   -2.261  1.00 0.78 ? 114 PRO A CB    1 
ATOM   866  C CG    . PRO A 1 114 ? 17.927  5.201   -3.723  1.00 0.52 ? 114 PRO A CG    1 
ATOM   867  C CD    . PRO A 1 114 ? 18.530  4.046   -4.477  1.00 1.44 ? 114 PRO A CD    1 
ATOM   868  N N     . TYR A 1 115 ? 18.108  2.382   -0.230  1.00 0.34 ? 115 TYR A N     1 
ATOM   869  C CA    . TYR A 1 115 ? 17.281  1.475   0.597   1.00 0.42 ? 115 TYR A CA    1 
ATOM   870  C C     . TYR A 1 115 ? 15.869  2.090   0.672   1.00 0.33 ? 115 TYR A C     1 
ATOM   871  O O     . TYR A 1 115 ? 15.755  3.052   1.451   1.00 0.34 ? 115 TYR A O     1 
ATOM   872  C CB    . TYR A 1 115 ? 17.841  1.543   2.035   1.00 0.40 ? 115 TYR A CB    1 
ATOM   873  C CG    . TYR A 1 115 ? 17.480  0.371   2.908   1.00 0.44 ? 115 TYR A CG    1 
ATOM   874  C CD1   . TYR A 1 115 ? 17.783  -0.914  2.467   1.00 0.34 ? 115 TYR A CD1   1 
ATOM   875  C CD2   . TYR A 1 115 ? 16.942  0.593   4.206   1.00 0.26 ? 115 TYR A CD2   1 
ATOM   876  C CE1   . TYR A 1 115 ? 17.484  -2.024  3.259   1.00 0.34 ? 115 TYR A CE1   1 
ATOM   877  C CE2   . TYR A 1 115 ? 16.711  -0.507  5.028   1.00 0.25 ? 115 TYR A CE2   1 
ATOM   878  C CZ    . TYR A 1 115 ? 16.962  -1.792  4.543   1.00 0.26 ? 115 TYR A CZ    1 
ATOM   879  O OH    . TYR A 1 115 ? 16.644  -2.905  5.289   1.00 0.49 ? 115 TYR A OH    1 
ATOM   880  N N     . VAL A 1 116 ? 14.976  1.646   -0.149  1.00 0.42 ? 116 VAL A N     1 
ATOM   881  C CA    . VAL A 1 116 ? 13.608  2.285   -0.211  1.00 0.27 ? 116 VAL A CA    1 
ATOM   882  C C     . VAL A 1 116 ? 12.612  1.122   -0.054  1.00 0.36 ? 116 VAL A C     1 
ATOM   883  O O     . VAL A 1 116 ? 13.048  -0.039  -0.192  1.00 0.35 ? 116 VAL A O     1 
ATOM   884  C CB    . VAL A 1 116 ? 13.433  2.829   -1.646  1.00 0.24 ? 116 VAL A CB    1 
ATOM   885  C CG1   . VAL A 1 116 ? 14.259  4.076   -1.758  1.00 0.31 ? 116 VAL A CG1   1 
ATOM   886  C CG2   . VAL A 1 116 ? 13.680  1.867   -2.815  1.00 0.41 ? 116 VAL A CG2   1 
ATOM   887  N N     . PRO A 1 117 ? 11.391  1.413   0.193   1.00 0.37 ? 117 PRO A N     1 
ATOM   888  C CA    . PRO A 1 117 ? 10.325  0.406   0.327   1.00 0.33 ? 117 PRO A CA    1 
ATOM   889  C C     . PRO A 1 117 ? 10.127  -0.395  -0.925  1.00 0.37 ? 117 PRO A C     1 
ATOM   890  O O     . PRO A 1 117 ? 10.175  0.119   -2.053  1.00 0.30 ? 117 PRO A O     1 
ATOM   891  C CB    . PRO A 1 117 ? 9.170   1.274   0.699   1.00 0.25 ? 117 PRO A CB    1 
ATOM   892  C CG    . PRO A 1 117 ? 9.624   2.692   0.965   1.00 0.30 ? 117 PRO A CG    1 
ATOM   893  C CD    . PRO A 1 117 ? 11.012  2.786   0.329   1.00 0.37 ? 117 PRO A CD    1 
ATOM   894  N N     . VAL A 1 118 ? 10.087  -1.728  -0.823  1.00 0.27 ? 118 VAL A N     1 
ATOM   895  C CA    . VAL A 1 118 ? 9.794   -2.587  -1.956  1.00 0.32 ? 118 VAL A CA    1 
ATOM   896  C C     . VAL A 1 118 ? 8.593   -3.475  -1.659  1.00 0.36 ? 118 VAL A C     1 
ATOM   897  O O     . VAL A 1 118 ? 7.993   -3.957  -2.620  1.00 0.35 ? 118 VAL A O     1 
ATOM   898  C CB    . VAL A 1 118 ? 11.015  -3.478  -2.324  1.00 0.16 ? 118 VAL A CB    1 
ATOM   899  C CG1   . VAL A 1 118 ? 12.101  -2.551  -2.911  1.00 0.23 ? 118 VAL A CG1   1 
ATOM   900  C CG2   . VAL A 1 118 ? 11.663  -4.210  -1.129  1.00 0.19 ? 118 VAL A CG2   1 
ATOM   901  N N     . HIS A 1 119 ? 8.088   -3.542  -0.442  1.00 0.23 ? 119 HIS A N     1 
ATOM   902  C CA    . HIS A 1 119 ? 6.905   -4.319  -0.117  1.00 0.28 ? 119 HIS A CA    1 
ATOM   903  C C     . HIS A 1 119 ? 6.046   -3.553  0.905   1.00 0.26 ? 119 HIS A C     1 
ATOM   904  O O     . HIS A 1 119 ? 6.644   -2.834  1.660   1.00 0.30 ? 119 HIS A O     1 
ATOM   905  C CB    . HIS A 1 119 ? 7.249   -5.659  0.576   1.00 0.34 ? 119 HIS A CB    1 
ATOM   906  C CG    . HIS A 1 119 ? 7.930   -6.555  -0.434  1.00 0.30 ? 119 HIS A CG    1 
ATOM   907  N ND1   . HIS A 1 119 ? 7.302   -7.030  -1.587  1.00 1.08 ? 119 HIS A ND1   1 
ATOM   908  C CD2   . HIS A 1 119 ? 9.233   -6.994  -0.432  1.00 1.01 ? 119 HIS A CD2   1 
ATOM   909  C CE1   . HIS A 1 119 ? 8.235   -7.730  -2.322  1.00 0.37 ? 119 HIS A CE1   1 
ATOM   910  N NE2   . HIS A 1 119 ? 9.429   -7.724  -1.605  1.00 0.44 ? 119 HIS A NE2   1 
ATOM   911  N N     . PHE A 1 120 ? 4.784   -3.881  0.879   1.00 0.31 ? 120 PHE A N     1 
ATOM   912  C CA    . PHE A 1 120 ? 3.848   -3.363  1.886   1.00 0.26 ? 120 PHE A CA    1 
ATOM   913  C C     . PHE A 1 120 ? 3.413   -4.526  2.778   1.00 0.42 ? 120 PHE A C     1 
ATOM   914  O O     . PHE A 1 120 ? 2.659   -5.334  2.297   1.00 0.23 ? 120 PHE A O     1 
ATOM   915  C CB    . PHE A 1 120 ? 2.586   -2.792  1.237   1.00 0.15 ? 120 PHE A CB    1 
ATOM   916  C CG    . PHE A 1 120 ? 1.870   -1.941  2.312   1.00 0.20 ? 120 PHE A CG    1 
ATOM   917  C CD1   . PHE A 1 120 ? 1.061   -2.545  3.250   1.00 0.24 ? 120 PHE A CD1   1 
ATOM   918  C CD2   . PHE A 1 120 ? 2.184   -0.585  2.402   1.00 0.29 ? 120 PHE A CD2   1 
ATOM   919  C CE1   . PHE A 1 120 ? 0.485   -1.773  4.263   1.00 0.20 ? 120 PHE A CE1   1 
ATOM   920  C CE2   . PHE A 1 120 ? 1.644   0.190   3.420   1.00 0.24 ? 120 PHE A CE2   1 
ATOM   921  C CZ    . PHE A 1 120 ? 0.759   -0.397  4.332   1.00 0.21 ? 120 PHE A CZ    1 
ATOM   922  N N     . ASP A 1 121 ? 3.951   -4.561  3.963   1.00 0.34 ? 121 ASP A N     1 
ATOM   923  C CA    . ASP A 1 121 ? 3.798   -5.788  4.797   1.00 0.22 ? 121 ASP A CA    1 
ATOM   924  C C     . ASP A 1 121 ? 2.485   -5.767  5.531   1.00 0.36 ? 121 ASP A C     1 
ATOM   925  O O     . ASP A 1 121 ? 1.651   -6.669  5.609   1.00 0.25 ? 121 ASP A O     1 
ATOM   926  C CB    . ASP A 1 121 ? 4.978   -5.859  5.762   1.00 0.30 ? 121 ASP A CB    1 
ATOM   927  C CG    . ASP A 1 121 ? 5.038   -7.261  6.382   1.00 0.30 ? 121 ASP A CG    1 
ATOM   928  O OD1   . ASP A 1 121 ? 5.502   -8.139  5.666   1.00 0.42 ? 121 ASP A OD1   1 
ATOM   929  O OD2   . ASP A 1 121 ? 4.543   -7.481  7.485   1.00 0.37 ? 121 ASP A OD2   1 
ATOM   930  N N     . ALA A 1 122 ? 2.138   -4.593  6.079   1.00 0.29 ? 122 ALA A N     1 
ATOM   931  C CA    . ALA A 1 122 ? 0.876   -4.556  6.864   1.00 0.27 ? 122 ALA A CA    1 
ATOM   932  C C     . ALA A 1 122 ? 0.763   -3.146  7.458   1.00 0.29 ? 122 ALA A C     1 
ATOM   933  O O     . ALA A 1 122 ? 1.748   -2.390  7.308   1.00 0.36 ? 122 ALA A O     1 
ATOM   934  C CB    . ALA A 1 122 ? 1.004   -5.545  8.025   1.00 0.24 ? 122 ALA A CB    1 
ATOM   935  N N     . SER A 1 123 ? -0.400  -2.809  7.943   1.00 0.38 ? 123 SER A N     1 
ATOM   936  C CA    . SER A 1 123 ? -0.577  -1.578  8.757   1.00 0.31 ? 123 SER A CA    1 
ATOM   937  C C     . SER A 1 123 ? -1.108  -1.956  10.120  1.00 0.47 ? 123 SER A C     1 
ATOM   938  O O     . SER A 1 123 ? -1.774  -2.997  10.204  1.00 0.32 ? 123 SER A O     1 
ATOM   939  C CB    . SER A 1 123 ? -1.523  -0.616  8.059   1.00 0.31 ? 123 SER A CB    1 
ATOM   940  O OG    . SER A 1 123 ? -2.791  -1.219  7.955   1.00 0.41 ? 123 SER A OG    1 
ATOM   941  N N     . VAL A 1 124 ? -0.732  -1.237  11.166  1.00 0.29 ? 124 VAL A N     1 
ATOM   942  C CA    . VAL A 1 124 ? -1.137  -1.753  12.518  1.00 0.67 ? 124 VAL A CA    1 
ATOM   943  C C     . VAL A 1 124 ? -1.878  -0.677  13.263  1.00 0.32 ? 124 VAL A C     1 
ATOM   944  O O     . VAL A 1 124 ? -1.457  0.517   13.141  1.00 0.44 ? 124 VAL A O     1 
ATOM   945  C CB    . VAL A 1 124 ? 0.054   -2.325  13.221  1.00 0.35 ? 124 VAL A CB    1 
ATOM   946  C CG1   . VAL A 1 124 ? 1.455   -2.281  12.680  1.00 0.39 ? 124 VAL A CG1   1 
ATOM   947  C CG2   . VAL A 1 124 ? 0.036   -2.341  14.739  1.00 0.59 ? 124 VAL A CG2   1 
ATOM   948  O OXT   . VAL A 1 124 ? -2.978  -0.921  13.948  1.00 0.86 ? 124 VAL A OXT   1 
HETATM 949  P P     . C3P B 2 .   ? 3.818   -6.045  -2.091  1.00 0.40 ? 125 C3P A P     1 
HETATM 950  O O1P   . C3P B 2 .   ? 4.339   -6.055  -0.695  1.00 0.71 ? 125 C3P A O1P   1 
HETATM 951  O O2P   . C3P B 2 .   ? 3.337   -4.651  -2.405  1.00 0.45 ? 125 C3P A O2P   1 
HETATM 952  O O3P   . C3P B 2 .   ? 4.716   -6.566  -3.159  1.00 0.66 ? 125 C3P A O3P   1 
HETATM 953  O "O5'" . C3P B 2 .   ? 0.579   -10.506 -0.964  1.00 1.39 ? 125 C3P A "O5'" 1 
HETATM 954  C "C5'" . C3P B 2 .   ? 1.060   -9.306  -0.379  1.00 0.44 ? 125 C3P A "C5'" 1 
HETATM 955  C "C4'" . C3P B 2 .   ? 0.557   -8.106  -1.223  1.00 0.33 ? 125 C3P A "C4'" 1 
HETATM 956  O "O4'" . C3P B 2 .   ? -0.775  -7.532  -0.994  1.00 0.37 ? 125 C3P A "O4'" 1 
HETATM 957  C "C3'" . C3P B 2 .   ? 1.485   -6.929  -1.241  1.00 0.30 ? 125 C3P A "C3'" 1 
HETATM 958  O "O3'" . C3P B 2 .   ? 2.529   -7.006  -2.151  1.00 0.51 ? 125 C3P A "O3'" 1 
HETATM 959  C "C2'" . C3P B 2 .   ? 0.588   -5.708  -1.423  1.00 0.34 ? 125 C3P A "C2'" 1 
HETATM 960  O "O2'" . C3P B 2 .   ? 0.909   -4.958  -2.614  1.00 0.55 ? 125 C3P A "O2'" 1 
HETATM 961  C "C1'" . C3P B 2 .   ? -0.727  -6.124  -0.844  1.00 0.41 ? 125 C3P A "C1'" 1 
HETATM 962  N N1    . C3P B 2 .   ? -0.995  -5.808  0.530   1.00 0.39 ? 125 C3P A N1    1 
HETATM 963  C C2    . C3P B 2 .   ? -1.276  -4.536  0.833   1.00 0.19 ? 125 C3P A C2    1 
HETATM 964  N N3    . C3P B 2 .   ? -1.634  -4.242  2.093   1.00 0.27 ? 125 C3P A N3    1 
HETATM 965  C C4    . C3P B 2 .   ? -1.654  -5.177  3.041   1.00 0.48 ? 125 C3P A C4    1 
HETATM 966  C C5    . C3P B 2 .   ? -1.329  -6.495  2.722   1.00 0.31 ? 125 C3P A C5    1 
HETATM 967  C C6    . C3P B 2 .   ? -1.045  -6.789  1.475   1.00 0.38 ? 125 C3P A C6    1 
HETATM 968  O O2    . C3P B 2 .   ? -1.215  -3.719  -0.057  1.00 0.27 ? 125 C3P A O2    1 
HETATM 969  N N4    . C3P B 2 .   ? -1.996  -4.959  4.302   1.00 0.23 ? 125 C3P A N4    1 
HETATM 970  O O     . HOH C 3 .   ? 14.907  2.635   -6.434  1.00 0.55 ? 126 HOH A O     1 
HETATM 971  O O     . HOH C 3 .   ? 15.157  -0.943  -4.088  1.00 0.45 ? 127 HOH A O     1 
HETATM 972  O O     . HOH C 3 .   ? 6.573   7.877   11.276  1.00 0.44 ? 128 HOH A O     1 
HETATM 973  O O     . HOH C 3 .   ? 3.578   13.286  3.915   1.00 0.36 ? 129 HOH A O     1 
HETATM 974  O O     . HOH C 3 .   ? 15.242  -3.900  -8.790  1.00 0.40 ? 130 HOH A O     1 
HETATM 975  O O     . HOH C 3 .   ? 13.387  2.806   -9.342  1.00 0.25 ? 131 HOH A O     1 
HETATM 976  O O     . HOH C 3 .   ? 5.876   3.972   -10.468 1.00 0.52 ? 132 HOH A O     1 
HETATM 977  O O     . HOH C 3 .   ? 9.667   2.586   -3.480  1.00 0.31 ? 133 HOH A O     1 
HETATM 978  O O     . HOH C 3 .   ? 7.846   9.237   8.018   1.00 0.49 ? 134 HOH A O     1 
HETATM 979  O O     . HOH C 3 .   ? 15.332  7.470   1.289   1.00 1.04 ? 135 HOH A O     1 
HETATM 980  O O     . HOH C 3 .   ? 20.463  3.628   1.137   1.00 0.61 ? 136 HOH A O     1 
HETATM 981  O O     . HOH C 3 .   ? 15.249  6.504   4.771   1.00 1.03 ? 137 HOH A O     1 
HETATM 982  O O     . HOH C 3 .   ? 1.443   6.019   17.700  1.00 0.62 ? 138 HOH A O     1 
HETATM 983  O O     . HOH C 3 .   ? 9.666   -2.516  20.712  1.00 0.45 ? 139 HOH A O     1 
HETATM 984  O O     . HOH C 3 .   ? 13.754  -2.002  18.998  1.00 0.55 ? 140 HOH A O     1 
HETATM 985  O O     . HOH C 3 .   ? -16.546 0.596   0.026   1.00 0.33 ? 141 HOH A O     1 
HETATM 986  O O     . HOH C 3 .   ? 10.615  0.833   -13.371 1.00 0.31 ? 142 HOH A O     1 
HETATM 987  O O     . HOH C 3 .   ? 7.578   -4.096  -5.272  1.00 0.41 ? 143 HOH A O     1 
HETATM 988  O O     . HOH C 3 .   ? 10.736  4.749   -3.865  1.00 0.44 ? 144 HOH A O     1 
HETATM 989  O O     . HOH C 3 .   ? 18.936  0.953   14.895  1.00 0.40 ? 145 HOH A O     1 
HETATM 990  O O     . HOH C 3 .   ? 15.052  -1.810  -14.782 1.00 0.52 ? 146 HOH A O     1 
HETATM 991  O O     . HOH C 3 .   ? 14.003  -1.083  -6.748  1.00 0.38 ? 147 HOH A O     1 
HETATM 992  O O     . HOH C 3 .   ? 17.009  3.540   13.575  1.00 0.64 ? 148 HOH A O     1 
HETATM 993  O O     . HOH C 3 .   ? -2.625  2.162   17.993  1.00 0.88 ? 149 HOH A O     1 
HETATM 994  O O     . HOH C 3 .   ? -13.868 4.539   5.010   1.00 0.58 ? 150 HOH A O     1 
HETATM 995  O O     . HOH C 3 .   ? 12.830  11.908  -6.511  1.00 0.77 ? 151 HOH A O     1 
HETATM 996  O O     . HOH C 3 .   ? 13.130  10.676  3.190   1.00 0.39 ? 152 HOH A O     1 
HETATM 997  O O     . HOH C 3 .   ? -3.780  6.925   -11.154 1.00 0.64 ? 153 HOH A O     1 
HETATM 998  O O     . HOH C 3 .   ? -11.109 -2.463  3.623   1.00 0.31 ? 154 HOH A O     1 
HETATM 999  O O     . HOH C 3 .   ? 0.916   0.608   -15.077 1.00 0.39 ? 155 HOH A O     1 
HETATM 1000 O O     . HOH C 3 .   ? -3.441  -8.836  -2.306  1.00 0.35 ? 156 HOH A O     1 
HETATM 1001 O O     . HOH C 3 .   ? 4.933   -3.159  -3.967  1.00 0.40 ? 157 HOH A O     1 
HETATM 1002 O O     . HOH C 3 .   ? 6.050   2.340   -12.415 1.00 0.50 ? 158 HOH A O     1 
HETATM 1003 O O     . HOH C 3 .   ? -16.213 0.418   4.388   1.00 0.44 ? 159 HOH A O     1 
HETATM 1004 O O     . HOH C 3 .   ? -17.511 -3.117  -1.524  1.00 1.39 ? 160 HOH A O     1 
HETATM 1005 O O     . HOH C 3 .   ? -2.570  -5.341  7.571   1.00 0.39 ? 161 HOH A O     1 
HETATM 1006 O O     . HOH C 3 .   ? -3.677  -2.119  5.467   1.00 0.50 ? 162 HOH A O     1 
HETATM 1007 O O     . HOH C 3 .   ? 8.176   1.980   -14.519 1.00 0.59 ? 163 HOH A O     1 
HETATM 1008 O O     . HOH C 3 .   ? -2.960  -10.596 -0.377  1.00 0.47 ? 164 HOH A O     1 
HETATM 1009 O O     . HOH C 3 .   ? 13.334  5.149   -5.368  1.00 0.81 ? 165 HOH A O     1 
HETATM 1010 O O     . HOH C 3 .   ? -10.366 -12.589 -9.569  1.00 0.66 ? 166 HOH A O     1 
HETATM 1011 O O     . HOH C 3 .   ? -11.901 -3.574  -12.542 1.00 0.72 ? 167 HOH A O     1 
HETATM 1012 O O     . HOH C 3 .   ? 15.167  -0.440  15.249  1.00 0.46 ? 168 HOH A O     1 
HETATM 1013 O O     . HOH C 3 .   ? 1.893   11.277  10.202  1.00 0.67 ? 170 HOH A O     1 
HETATM 1014 O O     . HOH C 3 .   ? -3.030  2.745   -18.566 1.00 1.04 ? 171 HOH A O     1 
HETATM 1015 O O     . HOH C 3 .   ? -12.106 -2.222  -9.884  1.00 0.49 ? 172 HOH A O     1 
HETATM 1016 O O     . HOH C 3 .   ? 19.016  -4.509  0.756   1.00 0.82 ? 173 HOH A O     1 
HETATM 1017 O O     . HOH C 3 .   ? 12.057  11.246  -2.156  1.00 0.92 ? 174 HOH A O     1 
HETATM 1018 O O     . HOH C 3 .   ? 3.265   0.890   17.520  1.00 0.79 ? 175 HOH A O     1 
HETATM 1019 O O     . HOH C 3 .   ? -3.805  9.573   -8.530  1.00 0.87 ? 176 HOH A O     1 
HETATM 1020 O O     . HOH C 3 .   ? 16.208  1.232   13.233  1.00 0.89 ? 177 HOH A O     1 
HETATM 1021 O O     . HOH C 3 .   ? -6.805  10.243  -5.674  1.00 0.83 ? 178 HOH A O     1 
HETATM 1022 O O     . HOH C 3 .   ? -7.799  15.478  -1.279  1.00 0.97 ? 179 HOH A O     1 
HETATM 1023 O O     . HOH C 3 .   ? 12.669  8.962   11.087  1.00 0.41 ? 180 HOH A O     1 
HETATM 1024 O O     . HOH C 3 .   ? -10.543 -4.496  -15.198 1.00 0.75 ? 181 HOH A O     1 
HETATM 1025 O O     . HOH C 3 .   ? 6.552   -7.712  3.092   1.00 0.56 ? 182 HOH A O     1 
HETATM 1026 O O     . HOH C 3 .   ? 12.107  -7.926  0.862   1.00 0.56 ? 183 HOH A O     1 
HETATM 1027 O O     . HOH C 3 .   ? -6.815  -5.852  5.009   1.00 0.63 ? 184 HOH A O     1 
HETATM 1028 O O     . HOH C 3 .   ? 5.113   -7.791  1.183   1.00 0.45 ? 185 HOH A O     1 
HETATM 1029 O O     . HOH C 3 .   ? 10.222  -9.243  2.869   1.00 0.57 ? 186 HOH A O     1 
HETATM 1030 O O     . HOH C 3 .   ? 19.004  4.364   11.345  1.00 0.91 ? 187 HOH A O     1 
HETATM 1031 O O     . HOH C 3 .   ? -2.600  -7.323  6.179   1.00 0.64 ? 188 HOH A O     1 
HETATM 1032 O O     . HOH C 3 .   ? 6.511   -17.024 8.781   1.00 0.91 ? 189 HOH A O     1 
HETATM 1033 O O     . HOH C 3 .   ? 10.533  4.964   -9.238  1.00 0.56 ? 190 HOH A O     1 
HETATM 1034 O O     . HOH C 3 .   ? 1.433   -7.617  -6.221  1.00 0.86 ? 191 HOH A O     1 
HETATM 1035 O O     . HOH C 3 .   ? -0.698  -10.182 -4.574  1.00 1.41 ? 192 HOH A O     1 
HETATM 1036 O O     . HOH C 3 .   ? 13.769  -5.385  -4.312  1.00 0.84 ? 193 HOH A O     1 
HETATM 1037 O O     . HOH C 3 .   ? 13.709  -6.493  21.736  1.00 0.64 ? 194 HOH A O     1 
HETATM 1038 O O     . HOH C 3 .   ? 16.510  -11.342 6.763   1.00 0.79 ? 195 HOH A O     1 
HETATM 1039 O O     . HOH C 3 .   ? 2.044   -8.208  2.849   1.00 0.79 ? 196 HOH A O     1 
HETATM 1040 O O     . HOH C 3 .   ? 17.696  1.765   7.894   1.00 0.62 ? 197 HOH A O     1 
HETATM 1041 O O     . HOH C 3 .   ? 19.407  -1.263  -5.996  1.00 0.86 ? 198 HOH A O     1 
HETATM 1042 O O     . HOH C 3 .   ? 16.495  0.743   -4.695  1.00 0.73 ? 199 HOH A O     1 
HETATM 1043 O O     . HOH C 3 .   ? 7.632   5.509   -10.394 1.00 0.71 ? 200 HOH A O     1 
HETATM 1044 O O     . HOH C 3 .   ? -12.448 9.458   -3.012  1.00 0.63 ? 201 HOH A O     1 
HETATM 1045 O O     . HOH C 3 .   ? -18.457 -8.562  -9.448  1.00 0.68 ? 202 HOH A O     1 
HETATM 1046 O O     . HOH C 3 .   ? -6.071  1.977   13.947  0.50 0.63 ? 203 HOH A O     1 
HETATM 1047 O O     . HOH C 3 .   ? -8.407  9.239   7.938   1.00 0.73 ? 204 HOH A O     1 
HETATM 1048 O O     . HOH C 3 .   ? 14.327  -6.144  -17.385 1.00 0.87 ? 205 HOH A O     1 
HETATM 1049 O O     . HOH C 3 .   ? -8.974  -12.494 -6.089  1.00 0.65 ? 206 HOH A O     1 
HETATM 1050 O O     . HOH C 3 .   ? 15.309  7.583   -4.156  1.00 0.95 ? 207 HOH A O     1 
HETATM 1051 O O     . HOH C 3 .   ? -1.569  13.275  1.254   1.00 0.65 ? 208 HOH A O     1 
HETATM 1052 O O     . HOH C 3 .   ? 2.789   -5.984  -11.224 1.00 0.89 ? 209 HOH A O     1 
HETATM 1053 O O     . HOH C 3 .   ? -5.116  -3.910  7.728   1.00 0.68 ? 210 HOH A O     1 
HETATM 1054 O O     . HOH C 3 .   ? -2.682  16.081  0.148   1.00 1.42 ? 211 HOH A O     1 
HETATM 1055 O O     . HOH C 3 .   ? -1.016  19.927  -6.896  1.00 1.22 ? 212 HOH A O     1 
HETATM 1056 O O     . HOH C 3 .   ? -16.459 7.711   3.396   1.00 0.84 ? 213 HOH A O     1 
HETATM 1057 O O     . HOH C 3 .   ? -9.816  -6.281  -17.503 1.00 1.10 ? 214 HOH A O     1 
HETATM 1058 O O     . HOH C 3 .   ? 6.766   15.801  3.674   1.00 0.87 ? 215 HOH A O     1 
HETATM 1059 O O     . HOH C 3 .   ? -0.592  -5.580  -9.786  1.00 1.07 ? 216 HOH A O     1 
HETATM 1060 O O     . HOH C 3 .   ? -18.031 -0.004  -2.351  1.00 0.71 ? 217 HOH A O     1 
HETATM 1061 O O     . HOH C 3 .   ? 2.807   13.463  7.913   1.00 1.25 ? 218 HOH A O     1 
HETATM 1062 O O     . HOH C 3 .   ? 7.223   7.456   -12.498 1.00 0.89 ? 219 HOH A O     1 
HETATM 1063 O O     . HOH C 3 .   ? -20.016 -7.235  -7.433  1.00 1.14 ? 220 HOH A O     1 
HETATM 1064 O O     . HOH C 3 .   ? 5.882   -6.738  -5.671  1.00 0.92 ? 221 HOH A O     1 
HETATM 1065 O O     . HOH C 3 .   ? -8.970  5.560   12.212  1.00 0.87 ? 222 HOH A O     1 
HETATM 1066 O O     . HOH C 3 .   ? 18.156  -0.858  12.143  1.00 0.86 ? 223 HOH A O     1 
HETATM 1067 O O     . HOH C 3 .   ? -11.538 3.962   -12.943 1.00 1.27 ? 224 HOH A O     1 
HETATM 1068 O O     . HOH C 3 .   ? -10.494 14.935  2.130   1.00 1.26 ? 225 HOH A O     1 
HETATM 1069 O O     . HOH C 3 .   ? 8.845   -5.887  -10.779 1.00 0.74 ? 226 HOH A O     1 
HETATM 1070 O O     . HOH C 3 .   ? -1.333  5.053   19.156  1.00 1.05 ? 227 HOH A O     1 
HETATM 1071 O O     . HOH C 3 .   ? 9.895   -7.018  -8.687  1.00 1.00 ? 228 HOH A O     1 
HETATM 1072 O O     . HOH C 3 .   ? -21.780 -11.478 -7.913  1.00 0.87 ? 229 HOH A O     1 
HETATM 1073 O O     . HOH C 3 .   ? -9.712  8.177   10.882  1.00 0.85 ? 230 HOH A O     1 
HETATM 1074 O O     . HOH C 3 .   ? 11.263  12.502  5.254   1.00 1.02 ? 231 HOH A O     1 
HETATM 1075 O O     . HOH C 3 .   ? -0.469  -9.727  3.594   1.00 1.07 ? 232 HOH A O     1 
HETATM 1076 O O     . HOH C 3 .   ? -12.567 1.194   -18.246 1.00 1.43 ? 233 HOH A O     1 
HETATM 1077 O O     . HOH C 3 .   ? 16.350  -3.197  -4.900  1.00 0.94 ? 234 HOH A O     1 
HETATM 1078 O O     . HOH C 3 .   ? 21.744  0.404   13.779  1.00 0.86 ? 235 HOH A O     1 
HETATM 1079 O O     . HOH C 3 .   ? -14.268 0.786   -3.383  1.00 0.42 ? 236 HOH A O     1 
HETATM 1080 O O     . HOH C 3 .   ? -17.854 -1.945  -4.025  1.00 0.57 ? 237 HOH A O     1 
HETATM 1081 O O     . HOH C 3 .   ? 6.919   -10.136 4.137   1.00 0.95 ? 238 HOH A O     1 
HETATM 1082 O O     . HOH C 3 .   ? 7.398   -5.507  -14.406 1.00 1.12 ? 239 HOH A O     1 
HETATM 1083 O O     . HOH C 3 .   ? -6.800  -2.828  -14.352 1.00 0.99 ? 240 HOH A O     1 
HETATM 1084 O O     . HOH C 3 .   ? -14.234 -12.353 -4.147  1.00 1.18 ? 241 HOH A O     1 
# 
